data_6UVG
#
_entry.id   6UVG
#
_cell.length_a   92.593
_cell.length_b   103.696
_cell.length_c   111.124
_cell.angle_alpha   90.000
_cell.angle_beta   111.200
_cell.angle_gamma   90.000
#
_symmetry.space_group_name_H-M   'P 1 21 1'
#
loop_
_entity.id
_entity.type
_entity.pdbx_description
1 polymer 'Bcl-2-like protein 1'
2 non-polymer "(R)-2-(3-([1,1'-Biphenyl]-4-carbonyl)-3-(4-methylbenzyl)ureido)-3-(((3R,5R,7R)-adamantan-1-ylmethyl)sulfonyl)propanoic acid"
3 non-polymer 'SULFATE ION'
4 non-polymer 1,2-ETHANEDIOL
5 water water
#
_entity_poly.entity_id   1
_entity_poly.type   'polypeptide(L)'
_entity_poly.pdbx_seq_one_letter_code
;GPLGSMSQSNRELVVDFLSYKLSQKGYSWSQMAAVKQALREAGDEFELRYRRAFSDLTSQLHITPGTAYQSFEQVVNELF
RDGVNWGRIVAFFSFGGALCVESVDKEMQVLVSRIAAWMATYLNDHLEPWIQENGGWDTFVELYGNNAAAESRKGQER
;
_entity_poly.pdbx_strand_id   A,B,C,D,E,F,G,H,I,J,K,L
#
loop_
_chem_comp.id
_chem_comp.type
_chem_comp.name
_chem_comp.formula
EDO non-polymer 1,2-ETHANEDIOL 'C2 H6 O2'
QHP non-polymer '(R)-2-(3-([1,1'-Biphenyl]-4-carbonyl)-3-(4-methylbenzyl)ureido)-3-(((3R,5R,7R)-adamantan-1-ylmethyl)sulfonyl)propanoic acid' 'C36 H40 N2 O6 S'
SO4 non-polymer 'SULFATE ION' 'O4 S -2'
#
# COMPACT_ATOMS: atom_id res chain seq x y z
N PRO A 2 22.67 7.64 13.75
CA PRO A 2 24.03 7.30 13.30
C PRO A 2 24.94 8.52 13.13
N LEU A 3 26.27 8.26 13.00
CA LEU A 3 27.34 9.27 12.84
C LEU A 3 27.23 10.13 11.56
N GLY A 4 26.65 9.57 10.51
CA GLY A 4 26.48 10.25 9.24
C GLY A 4 25.07 10.65 8.86
N SER A 5 24.11 10.57 9.82
CA SER A 5 22.67 10.89 9.62
C SER A 5 22.34 12.34 9.19
N MET A 6 23.00 13.36 9.76
CA MET A 6 22.76 14.77 9.39
C MET A 6 23.28 15.05 7.95
N SER A 7 24.53 14.55 7.69
CA SER A 7 25.29 14.57 6.43
C SER A 7 24.42 13.99 5.31
N GLN A 8 23.68 12.89 5.59
CA GLN A 8 22.79 12.24 4.63
C GLN A 8 21.53 13.06 4.36
N SER A 9 20.77 13.46 5.41
CA SER A 9 19.50 14.20 5.34
C SER A 9 19.60 15.66 4.83
N ASN A 10 20.62 16.39 5.29
CA ASN A 10 20.84 17.77 4.84
C ASN A 10 21.27 17.77 3.36
N ARG A 11 22.10 16.77 2.97
CA ARG A 11 22.55 16.58 1.59
C ARG A 11 21.31 16.30 0.71
N GLU A 12 20.37 15.46 1.20
CA GLU A 12 19.12 15.11 0.52
C GLU A 12 18.25 16.32 0.27
N LEU A 13 18.15 17.22 1.24
CA LEU A 13 17.39 18.47 1.15
C LEU A 13 18.02 19.39 0.10
N VAL A 14 19.37 19.55 0.15
CA VAL A 14 20.09 20.38 -0.79
C VAL A 14 19.83 19.86 -2.22
N VAL A 15 20.02 18.55 -2.45
CA VAL A 15 19.86 17.89 -3.75
C VAL A 15 18.42 18.08 -4.24
N ASP A 16 17.41 17.84 -3.37
CA ASP A 16 16.03 18.02 -3.73
C ASP A 16 15.70 19.47 -4.15
N PHE A 17 16.10 20.43 -3.34
CA PHE A 17 15.78 21.82 -3.62
C PHE A 17 16.48 22.27 -4.90
N LEU A 18 17.79 21.92 -5.07
CA LEU A 18 18.52 22.29 -6.29
C LEU A 18 17.95 21.62 -7.54
N SER A 19 17.54 20.34 -7.44
CA SER A 19 16.91 19.62 -8.57
C SER A 19 15.66 20.35 -9.01
N TYR A 20 14.86 20.83 -8.03
CA TYR A 20 13.63 21.57 -8.26
C TYR A 20 13.89 22.88 -9.00
N LYS A 21 14.82 23.71 -8.49
CA LYS A 21 15.17 25.00 -9.09
C LYS A 21 15.71 24.88 -10.50
N LEU A 22 16.61 23.91 -10.72
CA LEU A 22 17.12 23.62 -12.06
C LEU A 22 15.99 23.22 -13.03
N SER A 23 15.07 22.32 -12.60
CA SER A 23 13.94 21.84 -13.43
C SER A 23 12.96 22.95 -13.83
N GLN A 24 12.78 23.95 -12.95
CA GLN A 24 11.90 25.09 -13.21
C GLN A 24 12.42 25.91 -14.38
N LYS A 25 13.75 25.86 -14.64
CA LYS A 25 14.37 26.59 -15.74
C LYS A 25 14.71 25.68 -16.93
N GLY A 26 14.20 24.47 -16.93
CA GLY A 26 14.43 23.51 -18.01
C GLY A 26 15.71 22.70 -17.91
N TYR A 27 16.42 22.79 -16.78
CA TYR A 27 17.65 22.06 -16.56
C TYR A 27 17.41 20.86 -15.66
N SER A 28 18.41 19.99 -15.53
CA SER A 28 18.27 18.85 -14.63
C SER A 28 19.52 18.62 -13.82
N TRP A 29 19.33 18.23 -12.55
CA TRP A 29 20.40 17.92 -11.62
C TRP A 29 21.19 16.70 -12.13
N SER A 30 20.48 15.68 -12.67
CA SER A 30 21.03 14.42 -13.16
C SER A 30 20.07 13.81 -14.15
N GLN A 31 20.49 12.73 -14.83
CA GLN A 31 19.65 12.00 -15.77
C GLN A 31 18.45 11.37 -15.05
N MET A 32 18.64 10.86 -13.82
CA MET A 32 17.57 10.31 -12.96
C MET A 32 16.55 11.41 -12.60
N ALA A 33 17.02 12.62 -12.25
CA ALA A 33 16.15 13.79 -11.96
C ALA A 33 15.31 14.13 -13.18
N ALA A 34 15.91 14.06 -14.39
CA ALA A 34 15.21 14.34 -15.65
C ALA A 34 14.12 13.28 -15.90
N VAL A 35 14.41 11.98 -15.60
CA VAL A 35 13.41 10.92 -15.76
C VAL A 35 12.22 11.18 -14.82
N LYS A 36 12.52 11.48 -13.55
CA LYS A 36 11.52 11.77 -12.52
C LYS A 36 10.62 12.93 -12.92
N GLN A 37 11.22 14.04 -13.40
CA GLN A 37 10.48 15.21 -13.85
C GLN A 37 9.58 14.94 -15.07
N ALA A 38 10.12 14.25 -16.10
CA ALA A 38 9.36 13.92 -17.29
C ALA A 38 8.14 13.05 -16.91
N LEU A 39 8.32 12.08 -15.99
CA LEU A 39 7.26 11.17 -15.55
C LEU A 39 6.19 11.92 -14.70
N ARG A 40 6.61 12.86 -13.82
CA ARG A 40 5.69 13.73 -13.07
C ARG A 40 4.79 14.54 -14.05
N GLU A 41 5.40 15.16 -15.10
CA GLU A 41 4.67 15.95 -16.08
C GLU A 41 3.81 15.09 -16.97
N ALA A 42 4.31 13.91 -17.36
CA ALA A 42 3.54 12.98 -18.20
C ALA A 42 2.28 12.51 -17.47
N GLY A 43 2.40 12.25 -16.18
CA GLY A 43 1.30 11.82 -15.31
C GLY A 43 0.23 12.89 -15.25
N ASP A 44 0.63 14.16 -15.06
CA ASP A 44 -0.31 15.29 -15.05
C ASP A 44 -1.03 15.41 -16.39
N GLU A 45 -0.26 15.32 -17.51
CA GLU A 45 -0.79 15.40 -18.85
C GLU A 45 -1.83 14.31 -19.12
N PHE A 46 -1.46 13.06 -18.79
CA PHE A 46 -2.32 11.91 -18.98
C PHE A 46 -3.64 12.08 -18.22
N GLU A 47 -3.56 12.47 -16.98
CA GLU A 47 -4.71 12.62 -16.09
C GLU A 47 -5.67 13.69 -16.58
N LEU A 48 -5.14 14.71 -17.21
CA LEU A 48 -5.91 15.80 -17.78
C LEU A 48 -6.58 15.35 -19.10
N ARG A 49 -5.80 14.69 -20.00
CA ARG A 49 -6.33 14.25 -21.29
C ARG A 49 -7.38 13.17 -21.21
N TYR A 50 -7.23 12.27 -20.22
CA TYR A 50 -8.09 11.10 -20.04
C TYR A 50 -8.83 11.12 -18.73
N ARG A 51 -9.27 12.30 -18.29
CA ARG A 51 -10.00 12.47 -17.03
C ARG A 51 -11.14 11.46 -16.86
N ARG A 52 -12.05 11.36 -17.83
CA ARG A 52 -13.22 10.49 -17.75
C ARG A 52 -12.85 9.01 -17.79
N ALA A 53 -12.04 8.58 -18.77
CA ALA A 53 -11.59 7.20 -18.91
C ALA A 53 -10.76 6.75 -17.67
N PHE A 54 -9.92 7.65 -17.13
CA PHE A 54 -9.08 7.38 -15.96
C PHE A 54 -9.93 7.18 -14.71
N SER A 55 -11.04 7.93 -14.60
CA SER A 55 -12.01 7.78 -13.54
C SER A 55 -12.62 6.36 -13.58
N ASP A 56 -12.95 5.85 -14.80
CA ASP A 56 -13.48 4.49 -14.97
C ASP A 56 -12.48 3.43 -14.50
N LEU A 57 -11.19 3.65 -14.77
CA LEU A 57 -10.12 2.74 -14.38
C LEU A 57 -9.92 2.69 -12.87
N THR A 58 -9.78 3.85 -12.23
CA THR A 58 -9.54 3.96 -10.78
C THR A 58 -10.72 3.42 -9.97
N SER A 59 -11.94 3.51 -10.51
CA SER A 59 -13.13 2.96 -9.88
C SER A 59 -13.16 1.41 -9.86
N GLN A 60 -12.28 0.73 -10.64
CA GLN A 60 -12.16 -0.75 -10.72
C GLN A 60 -11.50 -1.36 -9.48
N LEU A 61 -10.72 -0.56 -8.73
CA LEU A 61 -9.98 -1.08 -7.57
C LEU A 61 -9.91 -0.06 -6.45
N HIS A 62 -10.25 -0.50 -5.23
CA HIS A 62 -10.22 0.28 -3.98
C HIS A 62 -9.43 -0.58 -2.97
N ILE A 63 -8.20 -0.17 -2.62
CA ILE A 63 -7.32 -0.90 -1.71
C ILE A 63 -7.82 -0.84 -0.25
N THR A 64 -7.95 -1.99 0.39
CA THR A 64 -8.29 -2.12 1.83
C THR A 64 -7.10 -2.80 2.46
N PRO A 65 -6.96 -2.85 3.82
CA PRO A 65 -5.82 -3.56 4.42
C PRO A 65 -5.74 -5.05 4.09
N GLY A 66 -6.81 -5.59 3.51
CA GLY A 66 -6.90 -7.00 3.13
C GLY A 66 -6.63 -7.30 1.67
N THR A 67 -6.52 -6.28 0.83
CA THR A 67 -6.31 -6.42 -0.62
C THR A 67 -4.95 -7.09 -0.89
N ALA A 68 -4.97 -8.10 -1.76
CA ALA A 68 -3.73 -8.79 -2.12
C ALA A 68 -3.15 -8.19 -3.43
N TYR A 69 -1.84 -8.36 -3.63
CA TYR A 69 -1.11 -7.91 -4.84
C TYR A 69 -1.83 -8.35 -6.12
N GLN A 70 -2.29 -9.62 -6.17
CA GLN A 70 -2.97 -10.21 -7.33
C GLN A 70 -4.12 -9.36 -7.83
N SER A 71 -4.90 -8.70 -6.94
CA SER A 71 -6.04 -7.85 -7.36
C SER A 71 -5.52 -6.61 -8.12
N PHE A 72 -4.39 -6.05 -7.64
CA PHE A 72 -3.73 -4.92 -8.27
C PHE A 72 -3.16 -5.37 -9.65
N GLU A 73 -2.40 -6.49 -9.65
CA GLU A 73 -1.76 -7.06 -10.86
C GLU A 73 -2.80 -7.39 -11.95
N GLN A 74 -3.98 -7.91 -11.57
CA GLN A 74 -5.08 -8.22 -12.47
C GLN A 74 -5.58 -6.98 -13.21
N VAL A 75 -5.75 -5.84 -12.49
CA VAL A 75 -6.23 -4.60 -13.08
C VAL A 75 -5.16 -4.01 -13.99
N VAL A 76 -3.92 -4.00 -13.52
CA VAL A 76 -2.79 -3.45 -14.28
C VAL A 76 -2.54 -4.26 -15.58
N ASN A 77 -2.68 -5.58 -15.51
CA ASN A 77 -2.54 -6.49 -16.66
C ASN A 77 -3.48 -6.12 -17.80
N GLU A 78 -4.69 -5.63 -17.48
CA GLU A 78 -5.66 -5.22 -18.51
C GLU A 78 -5.25 -3.97 -19.21
N LEU A 79 -4.46 -3.11 -18.54
CA LEU A 79 -3.89 -1.90 -19.14
C LEU A 79 -2.92 -2.31 -20.30
N PHE A 80 -2.22 -3.44 -20.14
CA PHE A 80 -1.18 -3.88 -21.08
C PHE A 80 -1.50 -5.13 -21.89
N ARG A 81 -2.77 -5.62 -21.85
CA ARG A 81 -3.22 -6.83 -22.58
C ARG A 81 -2.91 -6.76 -24.10
N ASP A 82 -3.04 -5.56 -24.71
CA ASP A 82 -2.79 -5.34 -26.15
C ASP A 82 -1.38 -4.83 -26.42
N GLY A 83 -0.49 -5.01 -25.47
CA GLY A 83 0.89 -4.56 -25.61
C GLY A 83 1.25 -3.33 -24.78
N VAL A 84 2.53 -3.08 -24.70
CA VAL A 84 3.09 -1.98 -23.93
C VAL A 84 3.50 -0.82 -24.86
N ASN A 85 3.33 0.39 -24.36
CA ASN A 85 3.83 1.63 -24.95
C ASN A 85 4.10 2.55 -23.78
N TRP A 86 4.81 3.68 -24.02
CA TRP A 86 5.15 4.61 -22.96
C TRP A 86 3.92 5.21 -22.29
N GLY A 87 2.86 5.51 -23.08
CA GLY A 87 1.63 6.09 -22.56
C GLY A 87 0.88 5.21 -21.58
N ARG A 88 0.87 3.88 -21.84
CA ARG A 88 0.25 2.87 -20.96
C ARG A 88 1.09 2.74 -19.67
N ILE A 89 2.42 2.96 -19.77
CA ILE A 89 3.32 2.94 -18.61
C ILE A 89 3.03 4.17 -17.75
N VAL A 90 2.78 5.34 -18.40
CA VAL A 90 2.39 6.54 -17.67
C VAL A 90 1.06 6.28 -16.94
N ALA A 91 0.07 5.66 -17.60
CA ALA A 91 -1.25 5.34 -17.05
C ALA A 91 -1.12 4.43 -15.83
N PHE A 92 -0.18 3.45 -15.86
CA PHE A 92 0.15 2.56 -14.77
C PHE A 92 0.65 3.37 -13.53
N PHE A 93 1.59 4.32 -13.76
CA PHE A 93 2.09 5.17 -12.68
C PHE A 93 0.95 6.02 -12.09
N SER A 94 0.15 6.65 -12.96
CA SER A 94 -0.99 7.47 -12.54
C SER A 94 -1.99 6.67 -11.71
N PHE A 95 -2.25 5.40 -12.12
CA PHE A 95 -3.15 4.48 -11.44
C PHE A 95 -2.69 4.22 -10.03
N GLY A 96 -1.40 3.94 -9.87
CA GLY A 96 -0.81 3.72 -8.55
C GLY A 96 -0.92 4.97 -7.69
N GLY A 97 -0.65 6.14 -8.28
CA GLY A 97 -0.76 7.44 -7.62
C GLY A 97 -2.18 7.68 -7.10
N ALA A 98 -3.21 7.40 -7.93
CA ALA A 98 -4.61 7.59 -7.50
C ALA A 98 -5.02 6.62 -6.37
N LEU A 99 -4.47 5.38 -6.38
CA LEU A 99 -4.71 4.41 -5.31
C LEU A 99 -4.12 4.91 -3.99
N CYS A 100 -2.93 5.56 -4.05
CA CYS A 100 -2.28 6.10 -2.84
C CYS A 100 -3.07 7.29 -2.27
N VAL A 101 -3.53 8.21 -3.17
CA VAL A 101 -4.34 9.36 -2.78
C VAL A 101 -5.61 8.87 -2.05
N GLU A 102 -6.33 7.91 -2.67
CA GLU A 102 -7.52 7.29 -2.12
C GLU A 102 -7.25 6.65 -0.73
N SER A 103 -6.12 5.92 -0.58
CA SER A 103 -5.74 5.31 0.72
C SER A 103 -5.62 6.38 1.81
N VAL A 104 -4.96 7.50 1.51
CA VAL A 104 -4.78 8.60 2.46
C VAL A 104 -6.13 9.31 2.70
N ASP A 105 -6.97 9.50 1.65
CA ASP A 105 -8.32 10.08 1.80
C ASP A 105 -9.16 9.24 2.80
N LYS A 106 -9.06 7.91 2.72
CA LYS A 106 -9.78 6.94 3.57
C LYS A 106 -9.05 6.62 4.89
N GLU A 107 -8.06 7.46 5.26
CA GLU A 107 -7.26 7.39 6.49
C GLU A 107 -6.53 6.03 6.66
N MET A 108 -5.98 5.50 5.57
CA MET A 108 -5.26 4.23 5.53
C MET A 108 -3.89 4.48 4.89
N GLN A 109 -3.14 5.46 5.43
CA GLN A 109 -1.80 5.86 4.95
C GLN A 109 -0.80 4.69 4.95
N VAL A 110 -1.04 3.68 5.81
CA VAL A 110 -0.24 2.46 5.93
C VAL A 110 -0.13 1.71 4.56
N LEU A 111 -1.19 1.79 3.75
CA LEU A 111 -1.25 1.11 2.45
C LEU A 111 -0.39 1.72 1.36
N VAL A 112 0.06 3.00 1.52
CA VAL A 112 0.81 3.69 0.50
C VAL A 112 2.15 2.99 0.21
N SER A 113 2.91 2.58 1.25
N SER A 113 2.89 2.58 1.25
CA SER A 113 4.15 1.85 1.07
CA SER A 113 4.15 1.84 1.10
C SER A 113 3.90 0.48 0.40
C SER A 113 3.89 0.50 0.40
N ARG A 114 2.75 -0.18 0.72
CA ARG A 114 2.36 -1.48 0.12
C ARG A 114 2.08 -1.30 -1.41
N ILE A 115 1.35 -0.25 -1.79
CA ILE A 115 1.06 0.09 -3.19
C ILE A 115 2.37 0.35 -3.96
N ALA A 116 3.29 1.13 -3.35
CA ALA A 116 4.60 1.44 -3.92
C ALA A 116 5.39 0.13 -4.17
N ALA A 117 5.36 -0.81 -3.20
CA ALA A 117 6.02 -2.10 -3.36
C ALA A 117 5.33 -2.95 -4.46
N TRP A 118 3.99 -2.87 -4.61
CA TRP A 118 3.28 -3.59 -5.67
C TRP A 118 3.69 -3.02 -7.05
N MET A 119 3.83 -1.70 -7.15
CA MET A 119 4.23 -1.04 -8.38
C MET A 119 5.63 -1.48 -8.82
N ALA A 120 6.58 -1.48 -7.86
CA ALA A 120 7.97 -1.92 -8.09
C ALA A 120 8.00 -3.40 -8.52
N THR A 121 7.20 -4.24 -7.89
CA THR A 121 7.12 -5.68 -8.21
C THR A 121 6.60 -5.82 -9.63
N TYR A 122 5.51 -5.09 -9.98
CA TYR A 122 4.92 -5.16 -11.31
C TYR A 122 5.96 -4.78 -12.38
N LEU A 123 6.64 -3.63 -12.21
CA LEU A 123 7.69 -3.19 -13.11
C LEU A 123 8.79 -4.29 -13.30
N ASN A 124 9.24 -4.94 -12.18
CA ASN A 124 10.28 -5.98 -12.19
C ASN A 124 9.82 -7.27 -12.82
N ASP A 125 8.62 -7.71 -12.49
CA ASP A 125 8.10 -8.98 -13.00
C ASP A 125 7.54 -8.89 -14.44
N HIS A 126 7.16 -7.70 -14.88
CA HIS A 126 6.47 -7.56 -16.17
C HIS A 126 7.14 -6.65 -17.23
N LEU A 127 7.60 -5.45 -16.86
CA LEU A 127 7.94 -4.35 -17.80
C LEU A 127 9.45 -4.08 -18.15
N GLU A 128 10.42 -4.64 -17.35
CA GLU A 128 11.85 -4.40 -17.57
C GLU A 128 12.31 -4.76 -19.00
N PRO A 129 11.95 -5.97 -19.51
CA PRO A 129 12.39 -6.35 -20.86
C PRO A 129 11.87 -5.34 -21.90
N TRP A 130 10.60 -4.89 -21.80
CA TRP A 130 10.09 -3.90 -22.76
C TRP A 130 10.82 -2.56 -22.66
N ILE A 131 11.00 -2.03 -21.41
CA ILE A 131 11.70 -0.76 -21.20
C ILE A 131 13.12 -0.81 -21.84
N GLN A 132 13.89 -1.88 -21.58
CA GLN A 132 15.23 -2.06 -22.13
C GLN A 132 15.21 -2.05 -23.66
N GLU A 133 14.43 -2.96 -24.27
CA GLU A 133 14.26 -3.11 -25.72
C GLU A 133 13.79 -1.82 -26.41
N ASN A 134 13.06 -0.93 -25.67
CA ASN A 134 12.57 0.30 -26.29
C ASN A 134 13.37 1.57 -25.92
N GLY A 135 14.65 1.39 -25.63
CA GLY A 135 15.58 2.48 -25.38
C GLY A 135 15.77 2.99 -23.97
N GLY A 136 15.12 2.32 -23.00
CA GLY A 136 15.22 2.71 -21.59
C GLY A 136 14.50 4.01 -21.28
N TRP A 137 14.54 4.42 -20.01
CA TRP A 137 13.92 5.66 -19.52
C TRP A 137 14.48 6.93 -20.20
N ASP A 138 15.73 6.89 -20.67
CA ASP A 138 16.37 7.99 -21.41
C ASP A 138 15.65 8.29 -22.74
N THR A 139 15.11 7.25 -23.42
CA THR A 139 14.33 7.41 -24.65
C THR A 139 12.97 8.01 -24.33
N PHE A 140 12.36 7.59 -23.19
CA PHE A 140 11.09 8.16 -22.74
C PHE A 140 11.26 9.69 -22.56
N VAL A 141 12.36 10.13 -21.91
CA VAL A 141 12.68 11.54 -21.65
C VAL A 141 12.82 12.30 -22.99
N GLU A 142 13.51 11.71 -23.99
CA GLU A 142 13.70 12.29 -25.31
C GLU A 142 12.35 12.45 -26.02
N LEU A 143 11.54 11.37 -26.04
CA LEU A 143 10.23 11.34 -26.67
C LEU A 143 9.25 12.30 -26.02
N TYR A 144 9.26 12.40 -24.68
CA TYR A 144 8.34 13.29 -23.98
C TYR A 144 8.68 14.75 -24.20
N GLY A 145 10.00 15.04 -24.26
CA GLY A 145 10.55 16.37 -24.47
C GLY A 145 10.55 16.91 -25.88
N ASN A 146 9.71 16.34 -26.80
CA ASN A 146 9.50 16.77 -28.20
C ASN A 146 8.23 16.15 -28.80
N PRO B 2 14.90 -11.47 -12.47
CA PRO B 2 15.81 -11.27 -11.33
C PRO B 2 15.99 -9.80 -10.94
N LEU B 3 16.27 -9.54 -9.65
CA LEU B 3 16.43 -8.18 -9.10
C LEU B 3 17.79 -7.55 -9.42
N GLY B 4 17.87 -6.95 -10.62
CA GLY B 4 19.07 -6.29 -11.12
C GLY B 4 19.09 -4.81 -10.76
N SER B 5 19.94 -4.06 -11.46
CA SER B 5 20.05 -2.59 -11.23
C SER B 5 18.79 -1.81 -11.69
N MET B 6 18.08 -2.28 -12.76
CA MET B 6 16.89 -1.60 -13.26
C MET B 6 15.76 -1.59 -12.24
N SER B 7 15.64 -2.68 -11.43
CA SER B 7 14.63 -2.79 -10.39
C SER B 7 14.82 -1.73 -9.28
N GLN B 8 16.09 -1.40 -9.00
CA GLN B 8 16.48 -0.40 -8.00
C GLN B 8 16.11 1.01 -8.42
N SER B 9 16.39 1.35 -9.68
CA SER B 9 16.08 2.65 -10.26
C SER B 9 14.55 2.79 -10.52
N ASN B 10 13.88 1.66 -10.84
CA ASN B 10 12.43 1.65 -11.04
C ASN B 10 11.71 1.93 -9.72
N ARG B 11 12.23 1.40 -8.60
CA ARG B 11 11.69 1.65 -7.25
C ARG B 11 11.81 3.14 -6.87
N GLU B 12 12.96 3.75 -7.22
CA GLU B 12 13.22 5.18 -6.99
C GLU B 12 12.20 6.08 -7.77
N LEU B 13 11.87 5.69 -9.02
CA LEU B 13 10.89 6.39 -9.85
C LEU B 13 9.50 6.25 -9.23
N VAL B 14 9.16 5.03 -8.71
CA VAL B 14 7.86 4.80 -8.07
C VAL B 14 7.70 5.72 -6.87
N VAL B 15 8.71 5.77 -5.99
CA VAL B 15 8.71 6.59 -4.80
C VAL B 15 8.57 8.07 -5.15
N ASP B 16 9.38 8.52 -6.11
CA ASP B 16 9.31 9.91 -6.54
C ASP B 16 7.92 10.30 -7.13
N PHE B 17 7.35 9.44 -7.99
CA PHE B 17 6.09 9.74 -8.63
C PHE B 17 4.98 9.79 -7.57
N LEU B 18 4.98 8.80 -6.64
CA LEU B 18 3.97 8.72 -5.57
C LEU B 18 4.09 9.92 -4.63
N SER B 19 5.31 10.34 -4.30
CA SER B 19 5.54 11.53 -3.46
C SER B 19 4.91 12.75 -4.10
N TYR B 20 5.08 12.91 -5.41
CA TYR B 20 4.53 14.03 -6.20
C TYR B 20 3.01 14.03 -6.17
N LYS B 21 2.37 12.89 -6.47
CA LYS B 21 0.91 12.81 -6.50
C LYS B 21 0.28 13.06 -5.14
N LEU B 22 0.92 12.60 -4.07
CA LEU B 22 0.38 12.81 -2.73
C LEU B 22 0.44 14.28 -2.41
N SER B 23 1.63 14.89 -2.68
CA SER B 23 1.87 16.31 -2.41
C SER B 23 0.87 17.22 -3.12
N GLN B 24 0.39 16.82 -4.34
CA GLN B 24 -0.58 17.61 -5.10
C GLN B 24 -1.89 17.67 -4.38
N LYS B 25 -2.17 16.68 -3.51
CA LYS B 25 -3.43 16.62 -2.76
C LYS B 25 -3.27 17.07 -1.29
N GLY B 26 -2.08 17.56 -0.94
CA GLY B 26 -1.78 18.01 0.41
C GLY B 26 -1.28 16.92 1.35
N TYR B 27 -0.95 15.74 0.80
CA TYR B 27 -0.46 14.62 1.57
C TYR B 27 1.01 14.43 1.30
N SER B 28 1.66 13.53 2.03
CA SER B 28 3.10 13.29 1.86
C SER B 28 3.47 11.82 1.99
N TRP B 29 4.47 11.41 1.21
CA TRP B 29 5.01 10.05 1.21
C TRP B 29 5.68 9.73 2.56
N SER B 30 6.39 10.73 3.11
CA SER B 30 7.14 10.62 4.38
C SER B 30 7.34 12.00 4.97
N GLN B 31 7.87 12.09 6.18
CA GLN B 31 8.16 13.36 6.84
C GLN B 31 9.26 14.11 6.07
N MET B 32 10.26 13.39 5.52
CA MET B 32 11.32 13.97 4.68
C MET B 32 10.71 14.57 3.40
N ALA B 33 9.75 13.87 2.75
CA ALA B 33 9.07 14.38 1.55
C ALA B 33 8.31 15.63 1.92
N ALA B 34 7.73 15.67 3.13
CA ALA B 34 6.99 16.82 3.63
C ALA B 34 7.92 18.04 3.81
N VAL B 35 9.15 17.81 4.30
CA VAL B 35 10.13 18.88 4.48
C VAL B 35 10.57 19.43 3.12
N LYS B 36 10.85 18.49 2.16
CA LYS B 36 11.28 18.84 0.80
C LYS B 36 10.24 19.70 0.10
N GLN B 37 8.96 19.29 0.19
CA GLN B 37 7.84 20.01 -0.41
C GLN B 37 7.64 21.42 0.17
N ALA B 38 7.65 21.55 1.52
CA ALA B 38 7.49 22.82 2.20
C ALA B 38 8.62 23.80 1.78
N LEU B 39 9.85 23.30 1.68
CA LEU B 39 11.02 24.09 1.30
C LEU B 39 10.96 24.49 -0.18
N ARG B 40 10.51 23.61 -1.08
CA ARG B 40 10.29 23.97 -2.50
C ARG B 40 9.30 25.13 -2.61
N GLU B 41 8.13 25.02 -1.90
CA GLU B 41 7.07 26.04 -1.92
C GLU B 41 7.51 27.33 -1.24
N ALA B 42 8.24 27.21 -0.11
CA ALA B 42 8.73 28.39 0.59
C ALA B 42 9.70 29.19 -0.30
N GLY B 43 10.63 28.51 -1.01
CA GLY B 43 11.56 29.16 -1.93
C GLY B 43 10.81 29.91 -3.03
N ASP B 44 9.76 29.29 -3.62
CA ASP B 44 8.95 29.96 -4.65
C ASP B 44 8.29 31.23 -4.08
N GLU B 45 7.71 31.12 -2.88
CA GLU B 45 7.02 32.23 -2.24
C GLU B 45 8.01 33.38 -1.95
N PHE B 46 9.17 33.04 -1.38
CA PHE B 46 10.23 33.99 -1.09
C PHE B 46 10.70 34.72 -2.37
N GLU B 47 10.98 33.96 -3.45
CA GLU B 47 11.48 34.52 -4.72
C GLU B 47 10.46 35.45 -5.37
N LEU B 48 9.17 35.21 -5.10
CA LEU B 48 8.06 36.02 -5.58
C LEU B 48 7.92 37.32 -4.77
N ARG B 49 7.94 37.18 -3.42
CA ARG B 49 7.80 38.31 -2.49
C ARG B 49 8.96 39.27 -2.50
N TYR B 50 10.18 38.78 -2.69
CA TYR B 50 11.39 39.61 -2.62
C TYR B 50 12.18 39.60 -3.90
N ARG B 51 11.50 39.52 -5.05
CA ARG B 51 12.10 39.45 -6.38
C ARG B 51 13.25 40.47 -6.61
N ARG B 52 12.98 41.76 -6.36
CA ARG B 52 13.95 42.84 -6.57
C ARG B 52 15.10 42.78 -5.59
N ALA B 53 14.82 42.67 -4.28
CA ALA B 53 15.87 42.60 -3.26
C ALA B 53 16.74 41.31 -3.41
N PHE B 54 16.10 40.18 -3.82
CA PHE B 54 16.78 38.90 -4.05
C PHE B 54 17.73 39.01 -5.24
N SER B 55 17.34 39.79 -6.25
CA SER B 55 18.16 40.03 -7.43
C SER B 55 19.45 40.75 -7.02
N ASP B 56 19.36 41.69 -6.05
CA ASP B 56 20.51 42.43 -5.52
C ASP B 56 21.44 41.51 -4.75
N LEU B 57 20.87 40.49 -4.05
CA LEU B 57 21.66 39.51 -3.30
C LEU B 57 22.44 38.57 -4.25
N THR B 58 21.76 38.01 -5.27
CA THR B 58 22.37 37.08 -6.23
C THR B 58 23.50 37.75 -7.04
N SER B 59 23.35 39.06 -7.31
CA SER B 59 24.34 39.86 -8.01
C SER B 59 25.64 40.09 -7.20
N GLN B 60 25.61 39.87 -5.84
CA GLN B 60 26.77 40.03 -4.94
C GLN B 60 27.84 38.96 -5.09
N LEU B 61 27.49 37.82 -5.71
CA LEU B 61 28.43 36.73 -5.90
C LEU B 61 28.63 36.42 -7.38
N HIS B 62 29.84 36.78 -7.82
CA HIS B 62 30.39 36.68 -9.16
C HIS B 62 31.01 35.28 -9.23
N ILE B 63 30.18 34.30 -9.61
CA ILE B 63 30.59 32.91 -9.67
C ILE B 63 31.42 32.63 -10.95
N THR B 64 32.63 32.09 -10.76
CA THR B 64 33.56 31.70 -11.83
C THR B 64 34.11 30.29 -11.50
N PRO B 65 34.77 29.57 -12.44
CA PRO B 65 35.34 28.25 -12.08
C PRO B 65 36.41 28.27 -10.99
N GLY B 66 36.83 29.45 -10.57
CA GLY B 66 37.83 29.63 -9.52
C GLY B 66 37.26 30.06 -8.19
N THR B 67 35.90 30.20 -8.11
CA THR B 67 35.21 30.61 -6.87
C THR B 67 35.29 29.50 -5.84
N ALA B 68 35.82 29.86 -4.64
CA ALA B 68 35.97 28.95 -3.50
C ALA B 68 34.82 29.18 -2.52
N TYR B 69 34.63 28.22 -1.62
CA TYR B 69 33.61 28.24 -0.56
C TYR B 69 33.60 29.56 0.24
N GLN B 70 34.79 30.08 0.56
CA GLN B 70 35.09 31.27 1.32
C GLN B 70 34.26 32.46 0.85
N SER B 71 34.15 32.63 -0.47
CA SER B 71 33.42 33.69 -1.15
C SER B 71 31.90 33.53 -0.95
N PHE B 72 31.43 32.27 -1.04
CA PHE B 72 30.01 31.95 -0.86
C PHE B 72 29.63 32.19 0.61
N GLU B 73 30.44 31.66 1.55
CA GLU B 73 30.26 31.81 3.00
C GLU B 73 30.15 33.29 3.41
N GLN B 74 31.00 34.17 2.84
CA GLN B 74 31.03 35.60 3.13
C GLN B 74 29.71 36.29 2.76
N VAL B 75 29.15 35.94 1.59
CA VAL B 75 27.87 36.50 1.15
C VAL B 75 26.72 35.97 2.03
N VAL B 76 26.71 34.65 2.27
CA VAL B 76 25.67 33.98 3.05
C VAL B 76 25.69 34.50 4.51
N ASN B 77 26.89 34.74 5.08
CA ASN B 77 27.06 35.29 6.44
C ASN B 77 26.35 36.63 6.63
N GLU B 78 26.35 37.49 5.57
CA GLU B 78 25.66 38.79 5.56
C GLU B 78 24.15 38.59 5.69
N LEU B 79 23.64 37.48 5.15
CA LEU B 79 22.24 37.13 5.19
C LEU B 79 21.80 36.86 6.64
N PHE B 80 22.68 36.22 7.42
CA PHE B 80 22.44 35.83 8.81
C PHE B 80 23.04 36.80 9.83
N ARG B 81 23.40 38.04 9.37
CA ARG B 81 24.01 39.13 10.16
C ARG B 81 23.23 39.41 11.44
N ASP B 82 21.90 39.55 11.33
CA ASP B 82 20.99 39.83 12.43
C ASP B 82 20.45 38.56 13.14
N GLY B 83 21.14 37.43 12.94
CA GLY B 83 20.74 36.14 13.50
C GLY B 83 19.99 35.24 12.51
N VAL B 84 19.70 34.01 12.94
CA VAL B 84 19.02 33.01 12.14
C VAL B 84 17.53 32.97 12.43
N ASN B 85 16.74 32.76 11.40
CA ASN B 85 15.29 32.52 11.43
C ASN B 85 14.96 31.66 10.21
N TRP B 86 13.76 31.05 10.17
CA TRP B 86 13.37 30.17 9.08
C TRP B 86 13.36 30.86 7.71
N GLY B 87 12.94 32.12 7.66
CA GLY B 87 12.85 32.91 6.42
C GLY B 87 14.20 33.15 5.78
N ARG B 88 15.21 33.41 6.62
CA ARG B 88 16.60 33.62 6.20
C ARG B 88 17.21 32.31 5.71
N ILE B 89 16.76 31.18 6.29
CA ILE B 89 17.17 29.83 5.84
C ILE B 89 16.58 29.56 4.43
N VAL B 90 15.33 29.97 4.19
CA VAL B 90 14.66 29.86 2.87
C VAL B 90 15.45 30.70 1.84
N ALA B 91 15.82 31.93 2.22
CA ALA B 91 16.59 32.84 1.37
C ALA B 91 17.93 32.23 1.00
N PHE B 92 18.59 31.52 1.96
CA PHE B 92 19.83 30.80 1.76
C PHE B 92 19.67 29.69 0.69
N PHE B 93 18.62 28.88 0.81
CA PHE B 93 18.33 27.84 -0.19
C PHE B 93 18.07 28.45 -1.54
N SER B 94 17.23 29.51 -1.59
CA SER B 94 16.91 30.22 -2.85
C SER B 94 18.16 30.76 -3.51
N PHE B 95 19.10 31.30 -2.70
CA PHE B 95 20.37 31.83 -3.16
C PHE B 95 21.23 30.73 -3.84
N GLY B 96 21.48 29.59 -3.16
CA GLY B 96 22.17 28.47 -3.79
C GLY B 96 21.46 28.00 -5.06
N GLY B 97 20.12 27.99 -5.02
CA GLY B 97 19.27 27.67 -6.17
C GLY B 97 19.54 28.57 -7.36
N ALA B 98 19.62 29.89 -7.17
CA ALA B 98 19.87 30.88 -8.23
C ALA B 98 21.31 30.78 -8.76
N LEU B 99 22.28 30.44 -7.87
CA LEU B 99 23.66 30.27 -8.25
C LEU B 99 23.81 29.12 -9.21
N CYS B 100 23.07 28.01 -8.99
CA CYS B 100 23.10 26.83 -9.86
C CYS B 100 22.54 27.12 -11.21
N VAL B 101 21.38 27.80 -11.24
CA VAL B 101 20.72 28.22 -12.47
C VAL B 101 21.67 29.10 -13.33
N GLU B 102 22.27 30.14 -12.68
CA GLU B 102 23.21 31.06 -13.29
C GLU B 102 24.44 30.30 -13.86
N SER B 103 24.98 29.32 -13.11
CA SER B 103 26.12 28.50 -13.52
C SER B 103 25.84 27.76 -14.80
N VAL B 104 24.64 27.15 -14.90
CA VAL B 104 24.23 26.41 -16.10
C VAL B 104 23.95 27.40 -17.24
N ASP B 105 23.35 28.55 -16.94
CA ASP B 105 23.10 29.62 -17.95
C ASP B 105 24.39 30.04 -18.62
N LYS B 106 25.46 30.24 -17.82
CA LYS B 106 26.79 30.66 -18.25
C LYS B 106 27.70 29.49 -18.70
N GLU B 107 27.10 28.29 -18.95
CA GLU B 107 27.80 27.08 -19.41
C GLU B 107 28.96 26.65 -18.49
N MET B 108 28.71 26.67 -17.18
CA MET B 108 29.64 26.30 -16.11
C MET B 108 28.94 25.29 -15.20
N GLN B 109 28.36 24.24 -15.81
CA GLN B 109 27.60 23.17 -15.14
C GLN B 109 28.41 22.51 -14.03
N VAL B 110 29.76 22.50 -14.16
CA VAL B 110 30.72 21.95 -13.21
C VAL B 110 30.56 22.57 -11.78
N LEU B 111 30.10 23.84 -11.72
CA LEU B 111 29.92 24.55 -10.47
C LEU B 111 28.71 24.09 -9.65
N VAL B 112 27.74 23.38 -10.26
CA VAL B 112 26.50 22.93 -9.60
C VAL B 112 26.79 21.97 -8.42
N SER B 113 27.65 20.97 -8.64
CA SER B 113 28.03 20.04 -7.58
C SER B 113 28.80 20.76 -6.44
N ARG B 114 29.62 21.74 -6.82
CA ARG B 114 30.40 22.53 -5.91
C ARG B 114 29.47 23.34 -5.00
N ILE B 115 28.45 24.00 -5.59
CA ILE B 115 27.45 24.80 -4.87
C ILE B 115 26.68 23.91 -3.87
N ALA B 116 26.28 22.72 -4.29
CA ALA B 116 25.56 21.77 -3.46
C ALA B 116 26.39 21.38 -2.21
N ALA B 117 27.71 21.16 -2.40
CA ALA B 117 28.62 20.82 -1.32
C ALA B 117 28.83 22.04 -0.39
N TRP B 118 28.88 23.27 -0.95
CA TRP B 118 28.98 24.49 -0.14
C TRP B 118 27.77 24.67 0.77
N MET B 119 26.58 24.42 0.21
CA MET B 119 25.31 24.53 0.91
C MET B 119 25.24 23.55 2.07
N ALA B 120 25.66 22.30 1.84
CA ALA B 120 25.67 21.26 2.87
C ALA B 120 26.66 21.63 4.00
N THR B 121 27.86 22.16 3.64
CA THR B 121 28.82 22.61 4.63
C THR B 121 28.29 23.77 5.44
N TYR B 122 27.67 24.76 4.76
CA TYR B 122 27.15 25.92 5.46
C TYR B 122 26.06 25.52 6.44
N LEU B 123 25.11 24.69 5.99
CA LEU B 123 24.05 24.15 6.85
C LEU B 123 24.59 23.47 8.08
N ASN B 124 25.51 22.52 7.87
CA ASN B 124 26.09 21.76 8.99
C ASN B 124 26.88 22.62 9.96
N ASP B 125 27.73 23.53 9.44
CA ASP B 125 28.58 24.41 10.26
C ASP B 125 27.84 25.53 10.97
N HIS B 126 26.88 26.17 10.31
CA HIS B 126 26.24 27.37 10.84
C HIS B 126 24.78 27.26 11.28
N LEU B 127 23.97 26.52 10.55
CA LEU B 127 22.55 26.53 10.77
C LEU B 127 22.00 25.40 11.57
N GLU B 128 22.59 24.19 11.44
CA GLU B 128 22.15 22.99 12.14
C GLU B 128 21.99 23.18 13.66
N PRO B 129 22.92 23.83 14.42
CA PRO B 129 22.66 24.02 15.86
C PRO B 129 21.37 24.82 16.12
N TRP B 130 21.15 25.91 15.36
CA TRP B 130 19.93 26.72 15.47
C TRP B 130 18.69 25.90 15.11
N ILE B 131 18.74 25.13 13.98
CA ILE B 131 17.65 24.25 13.52
C ILE B 131 17.22 23.31 14.66
N GLN B 132 18.20 22.62 15.31
CA GLN B 132 17.95 21.70 16.44
C GLN B 132 17.33 22.40 17.65
N GLU B 133 17.82 23.60 17.96
CA GLU B 133 17.33 24.39 19.09
C GLU B 133 15.92 24.96 18.84
N ASN B 134 15.53 25.10 17.55
CA ASN B 134 14.24 25.70 17.21
C ASN B 134 13.21 24.71 16.61
N GLY B 135 13.27 23.47 17.07
CA GLY B 135 12.32 22.41 16.78
C GLY B 135 12.52 21.53 15.57
N GLY B 136 13.66 21.71 14.88
CA GLY B 136 13.99 20.93 13.68
C GLY B 136 13.14 21.29 12.49
N TRP B 137 13.38 20.59 11.38
CA TRP B 137 12.67 20.80 10.12
C TRP B 137 11.16 20.53 10.22
N ASP B 138 10.74 19.68 11.18
CA ASP B 138 9.33 19.37 11.44
C ASP B 138 8.56 20.60 11.90
N THR B 139 9.22 21.48 12.69
CA THR B 139 8.63 22.75 13.14
C THR B 139 8.49 23.69 11.97
N PHE B 140 9.49 23.71 11.05
CA PHE B 140 9.43 24.54 9.85
C PHE B 140 8.18 24.15 9.03
N VAL B 141 7.94 22.84 8.86
CA VAL B 141 6.79 22.29 8.12
C VAL B 141 5.46 22.75 8.77
N GLU B 142 5.39 22.71 10.13
CA GLU B 142 4.22 23.14 10.90
C GLU B 142 3.97 24.61 10.67
N LEU B 143 5.02 25.44 10.83
CA LEU B 143 4.96 26.89 10.68
C LEU B 143 4.60 27.32 9.28
N TYR B 144 5.18 26.65 8.26
CA TYR B 144 4.91 26.99 6.87
C TYR B 144 3.47 26.61 6.43
N GLY B 145 2.97 25.48 6.94
CA GLY B 145 1.62 25.01 6.65
C GLY B 145 0.52 25.54 7.56
N SER C 9 -9.74 -30.43 -44.68
CA SER C 9 -10.18 -31.80 -44.88
C SER C 9 -8.94 -32.70 -45.12
N ASN C 10 -8.49 -32.82 -46.39
CA ASN C 10 -7.26 -33.49 -46.80
C ASN C 10 -6.23 -32.34 -46.91
N ARG C 11 -6.72 -31.08 -46.97
CA ARG C 11 -5.95 -29.83 -46.97
C ARG C 11 -5.21 -29.70 -45.62
N GLU C 12 -5.92 -30.03 -44.53
CA GLU C 12 -5.42 -30.02 -43.18
C GLU C 12 -4.25 -30.98 -43.04
N LEU C 13 -4.34 -32.17 -43.68
CA LEU C 13 -3.29 -33.18 -43.71
C LEU C 13 -2.11 -32.64 -44.52
N VAL C 14 -2.37 -31.94 -45.64
CA VAL C 14 -1.31 -31.37 -46.48
C VAL C 14 -0.49 -30.38 -45.63
N VAL C 15 -1.17 -29.42 -44.97
CA VAL C 15 -0.55 -28.40 -44.14
C VAL C 15 0.23 -29.02 -42.99
N ASP C 16 -0.36 -30.01 -42.32
CA ASP C 16 0.30 -30.67 -41.22
C ASP C 16 1.55 -31.40 -41.65
N PHE C 17 1.46 -32.18 -42.73
CA PHE C 17 2.59 -32.96 -43.22
C PHE C 17 3.72 -32.04 -43.67
N LEU C 18 3.39 -30.99 -44.45
CA LEU C 18 4.39 -30.04 -44.92
C LEU C 18 5.06 -29.28 -43.78
N SER C 19 4.28 -28.87 -42.76
CA SER C 19 4.81 -28.20 -41.56
C SER C 19 5.83 -29.07 -40.88
N TYR C 20 5.53 -30.38 -40.75
CA TYR C 20 6.40 -31.37 -40.14
C TYR C 20 7.72 -31.53 -40.91
N LYS C 21 7.67 -31.73 -42.23
CA LYS C 21 8.86 -31.90 -43.05
C LYS C 21 9.78 -30.68 -43.04
N LEU C 22 9.19 -29.49 -43.11
CA LEU C 22 9.95 -28.24 -43.05
C LEU C 22 10.66 -28.09 -41.69
N SER C 23 9.93 -28.41 -40.59
CA SER C 23 10.46 -28.31 -39.21
C SER C 23 11.64 -29.24 -38.96
N GLN C 24 11.67 -30.41 -39.63
CA GLN C 24 12.77 -31.38 -39.51
C GLN C 24 14.08 -30.79 -40.01
N LYS C 25 13.99 -29.90 -41.00
CA LYS C 25 15.16 -29.26 -41.59
C LYS C 25 15.44 -27.85 -41.00
N GLY C 26 14.74 -27.50 -39.93
CA GLY C 26 14.90 -26.20 -39.26
C GLY C 26 14.08 -25.06 -39.86
N TYR C 27 13.19 -25.38 -40.80
CA TYR C 27 12.32 -24.39 -41.44
C TYR C 27 10.92 -24.44 -40.84
N SER C 28 10.05 -23.50 -41.21
CA SER C 28 8.70 -23.50 -40.68
C SER C 28 7.70 -23.09 -41.75
N TRP C 29 6.52 -23.74 -41.75
CA TRP C 29 5.41 -23.45 -42.65
C TRP C 29 4.88 -22.02 -42.41
N SER C 30 4.81 -21.59 -41.13
CA SER C 30 4.30 -20.28 -40.68
C SER C 30 4.86 -19.97 -39.30
N GLN C 31 4.61 -18.76 -38.76
CA GLN C 31 5.09 -18.38 -37.43
C GLN C 31 4.39 -19.23 -36.38
N MET C 32 3.06 -19.49 -36.57
CA MET C 32 2.29 -20.35 -35.69
C MET C 32 2.91 -21.77 -35.61
N ALA C 33 3.29 -22.35 -36.77
CA ALA C 33 3.95 -23.65 -36.90
C ALA C 33 5.27 -23.63 -36.10
N ALA C 34 6.03 -22.51 -36.19
CA ALA C 34 7.28 -22.32 -35.45
C ALA C 34 7.01 -22.26 -33.95
N VAL C 35 5.94 -21.57 -33.52
CA VAL C 35 5.62 -21.48 -32.08
C VAL C 35 5.30 -22.88 -31.54
N LYS C 36 4.42 -23.63 -32.29
CA LYS C 36 4.00 -24.98 -31.91
C LYS C 36 5.19 -25.91 -31.77
N GLN C 37 6.10 -25.88 -32.77
CA GLN C 37 7.29 -26.71 -32.75
C GLN C 37 8.26 -26.38 -31.58
N ALA C 38 8.54 -25.08 -31.35
CA ALA C 38 9.42 -24.64 -30.26
C ALA C 38 8.87 -25.08 -28.92
N LEU C 39 7.54 -24.98 -28.74
CA LEU C 39 6.84 -25.37 -27.51
C LEU C 39 6.87 -26.90 -27.30
N ARG C 40 6.69 -27.69 -28.37
CA ARG C 40 6.80 -29.16 -28.32
C ARG C 40 8.22 -29.57 -27.86
N GLU C 41 9.28 -28.96 -28.43
CA GLU C 41 10.67 -29.24 -28.08
C GLU C 41 11.02 -28.74 -26.69
N ALA C 42 10.51 -27.54 -26.32
CA ALA C 42 10.77 -27.00 -24.98
C ALA C 42 10.15 -27.92 -23.91
N GLY C 43 8.94 -28.44 -24.18
CA GLY C 43 8.23 -29.36 -23.29
C GLY C 43 9.04 -30.63 -23.05
N ASP C 44 9.53 -31.24 -24.15
CA ASP C 44 10.41 -32.45 -24.07
C ASP C 44 11.67 -32.15 -23.26
N GLU C 45 12.32 -31.00 -23.53
CA GLU C 45 13.57 -30.62 -22.86
C GLU C 45 13.32 -30.47 -21.36
N PHE C 46 12.27 -29.71 -21.02
CA PHE C 46 11.87 -29.49 -19.65
C PHE C 46 11.60 -30.79 -18.88
N GLU C 47 10.80 -31.69 -19.47
CA GLU C 47 10.41 -32.98 -18.84
C GLU C 47 11.62 -33.89 -18.62
N LEU C 48 12.61 -33.77 -19.48
CA LEU C 48 13.85 -34.51 -19.40
C LEU C 48 14.75 -33.92 -18.28
N ARG C 49 14.98 -32.61 -18.32
CA ARG C 49 15.84 -31.91 -17.37
C ARG C 49 15.35 -31.91 -15.93
N TYR C 50 14.03 -31.82 -15.74
CA TYR C 50 13.41 -31.73 -14.41
C TYR C 50 12.48 -32.87 -14.05
N ARG C 51 12.77 -34.06 -14.57
CA ARG C 51 11.96 -35.24 -14.34
C ARG C 51 11.54 -35.45 -12.87
N ARG C 52 12.50 -35.46 -11.92
CA ARG C 52 12.23 -35.70 -10.51
C ARG C 52 11.38 -34.61 -9.84
N ALA C 53 11.75 -33.33 -10.00
CA ALA C 53 11.04 -32.19 -9.45
C ALA C 53 9.64 -32.04 -10.06
N PHE C 54 9.52 -32.30 -11.38
CA PHE C 54 8.25 -32.26 -12.11
C PHE C 54 7.30 -33.36 -11.64
N SER C 55 7.84 -34.53 -11.25
CA SER C 55 7.08 -35.65 -10.71
C SER C 55 6.41 -35.22 -9.39
N ASP C 56 7.11 -34.40 -8.56
CA ASP C 56 6.59 -33.87 -7.29
C ASP C 56 5.44 -32.90 -7.55
N LEU C 57 5.53 -32.11 -8.63
CA LEU C 57 4.49 -31.16 -9.01
C LEU C 57 3.23 -31.90 -9.48
N THR C 58 3.37 -32.85 -10.42
CA THR C 58 2.25 -33.60 -11.00
C THR C 58 1.50 -34.39 -9.94
N SER C 59 2.20 -34.86 -8.90
CA SER C 59 1.63 -35.60 -7.79
C SER C 59 0.74 -34.72 -6.86
N GLN C 60 0.86 -33.38 -6.94
CA GLN C 60 0.06 -32.42 -6.14
C GLN C 60 -1.41 -32.32 -6.61
N LEU C 61 -1.71 -32.80 -7.81
CA LEU C 61 -3.05 -32.72 -8.34
C LEU C 61 -3.43 -33.97 -9.06
N HIS C 62 -4.53 -34.54 -8.62
CA HIS C 62 -5.06 -35.72 -9.25
C HIS C 62 -6.49 -35.45 -9.68
N ILE C 63 -6.65 -35.06 -10.94
CA ILE C 63 -7.94 -34.74 -11.54
C ILE C 63 -8.87 -35.93 -11.55
N THR C 64 -10.03 -35.72 -10.97
CA THR C 64 -11.16 -36.63 -10.93
C THR C 64 -12.30 -35.86 -11.60
N PRO C 65 -13.42 -36.51 -12.00
CA PRO C 65 -14.56 -35.75 -12.57
C PRO C 65 -15.15 -34.68 -11.65
N GLY C 66 -14.77 -34.67 -10.38
CA GLY C 66 -15.25 -33.72 -9.38
C GLY C 66 -14.27 -32.62 -9.03
N THR C 67 -13.09 -32.62 -9.63
CA THR C 67 -12.05 -31.60 -9.42
C THR C 67 -12.52 -30.27 -10.07
N ALA C 68 -12.47 -29.19 -9.30
CA ALA C 68 -12.85 -27.87 -9.77
C ALA C 68 -11.63 -27.15 -10.41
N TYR C 69 -11.88 -26.18 -11.32
CA TYR C 69 -10.83 -25.35 -11.97
C TYR C 69 -9.89 -24.74 -10.92
N GLN C 70 -10.45 -24.24 -9.81
CA GLN C 70 -9.76 -23.57 -8.69
C GLN C 70 -8.62 -24.42 -8.16
N SER C 71 -8.79 -25.77 -8.05
CA SER C 71 -7.74 -26.68 -7.59
C SER C 71 -6.59 -26.71 -8.60
N PHE C 72 -6.89 -26.69 -9.91
CA PHE C 72 -5.88 -26.64 -10.97
C PHE C 72 -5.16 -25.27 -10.90
N GLU C 73 -5.95 -24.17 -10.84
CA GLU C 73 -5.45 -22.78 -10.76
C GLU C 73 -4.52 -22.60 -9.52
N GLN C 74 -4.87 -23.18 -8.36
CA GLN C 74 -4.09 -23.13 -7.12
C GLN C 74 -2.72 -23.75 -7.28
N VAL C 75 -2.62 -24.91 -7.97
CA VAL C 75 -1.36 -25.60 -8.22
C VAL C 75 -0.52 -24.81 -9.25
N VAL C 76 -1.15 -24.37 -10.33
CA VAL C 76 -0.51 -23.58 -11.38
C VAL C 76 0.01 -22.22 -10.82
N ASN C 77 -0.75 -21.57 -9.92
CA ASN C 77 -0.36 -20.32 -9.25
C ASN C 77 0.95 -20.50 -8.48
N GLU C 78 1.22 -21.70 -7.93
CA GLU C 78 2.46 -21.98 -7.20
C GLU C 78 3.68 -22.03 -8.14
N LEU C 79 3.46 -22.45 -9.38
CA LEU C 79 4.47 -22.47 -10.43
C LEU C 79 4.90 -21.05 -10.77
N PHE C 80 4.00 -20.07 -10.62
CA PHE C 80 4.25 -18.67 -10.97
C PHE C 80 4.39 -17.74 -9.77
N ARG C 81 4.55 -18.30 -8.55
CA ARG C 81 4.61 -17.47 -7.32
C ARG C 81 5.79 -16.49 -7.33
N ASP C 82 6.93 -16.85 -7.96
CA ASP C 82 8.11 -15.95 -8.04
C ASP C 82 8.08 -15.11 -9.34
N GLY C 83 6.92 -15.07 -9.99
CA GLY C 83 6.72 -14.33 -11.23
C GLY C 83 6.70 -15.24 -12.43
N VAL C 84 6.29 -14.66 -13.59
CA VAL C 84 6.21 -15.39 -14.85
C VAL C 84 7.54 -15.24 -15.62
N ASN C 85 7.93 -16.33 -16.29
CA ASN C 85 9.04 -16.38 -17.24
C ASN C 85 8.68 -17.45 -18.28
N TRP C 86 9.41 -17.52 -19.40
CA TRP C 86 9.10 -18.46 -20.45
C TRP C 86 9.21 -19.94 -20.01
N GLY C 87 10.21 -20.24 -19.18
CA GLY C 87 10.46 -21.60 -18.66
C GLY C 87 9.33 -22.11 -17.78
N ARG C 88 8.75 -21.21 -16.96
CA ARG C 88 7.61 -21.52 -16.10
C ARG C 88 6.36 -21.73 -16.95
N ILE C 89 6.27 -21.03 -18.10
CA ILE C 89 5.17 -21.20 -19.06
C ILE C 89 5.28 -22.59 -19.71
N VAL C 90 6.51 -22.99 -20.05
CA VAL C 90 6.76 -24.32 -20.59
C VAL C 90 6.32 -25.37 -19.54
N ALA C 91 6.72 -25.20 -18.27
CA ALA C 91 6.39 -26.10 -17.17
C ALA C 91 4.86 -26.22 -17.00
N PHE C 92 4.12 -25.09 -17.16
CA PHE C 92 2.65 -25.04 -17.15
C PHE C 92 2.06 -25.94 -18.27
N PHE C 93 2.59 -25.82 -19.53
CA PHE C 93 2.14 -26.67 -20.64
C PHE C 93 2.42 -28.15 -20.33
N SER C 94 3.65 -28.45 -19.85
CA SER C 94 4.03 -29.83 -19.47
C SER C 94 3.13 -30.40 -18.39
N PHE C 95 2.76 -29.57 -17.42
CA PHE C 95 1.86 -29.95 -16.31
C PHE C 95 0.51 -30.35 -16.85
N GLY C 96 -0.04 -29.55 -17.75
CA GLY C 96 -1.33 -29.82 -18.40
C GLY C 96 -1.27 -31.13 -19.17
N GLY C 97 -0.20 -31.30 -19.94
CA GLY C 97 0.06 -32.51 -20.70
C GLY C 97 0.08 -33.75 -19.85
N ALA C 98 0.82 -33.71 -18.72
CA ALA C 98 0.89 -34.85 -17.80
C ALA C 98 -0.49 -35.18 -17.15
N LEU C 99 -1.30 -34.15 -16.85
CA LEU C 99 -2.65 -34.33 -16.29
C LEU C 99 -3.55 -35.06 -17.30
N CYS C 100 -3.40 -34.72 -18.61
CA CYS C 100 -4.18 -35.37 -19.69
C CYS C 100 -3.78 -36.81 -19.87
N VAL C 101 -2.47 -37.09 -19.85
CA VAL C 101 -1.92 -38.45 -19.95
C VAL C 101 -2.47 -39.33 -18.81
N GLU C 102 -2.37 -38.81 -17.58
CA GLU C 102 -2.86 -39.48 -16.37
C GLU C 102 -4.38 -39.74 -16.45
N SER C 103 -5.18 -38.78 -16.97
CA SER C 103 -6.63 -38.95 -17.12
C SER C 103 -6.95 -40.11 -18.08
N VAL C 104 -6.20 -40.22 -19.21
CA VAL C 104 -6.38 -41.30 -20.18
C VAL C 104 -5.90 -42.64 -19.58
N ASP C 105 -4.79 -42.62 -18.82
CA ASP C 105 -4.27 -43.81 -18.13
C ASP C 105 -5.32 -44.37 -17.15
N LYS C 106 -6.05 -43.47 -16.44
CA LYS C 106 -7.07 -43.82 -15.47
C LYS C 106 -8.47 -43.98 -16.11
N GLU C 107 -8.52 -44.12 -17.46
CA GLU C 107 -9.76 -44.34 -18.25
C GLU C 107 -10.81 -43.23 -18.02
N MET C 108 -10.35 -41.97 -17.98
CA MET C 108 -11.17 -40.77 -17.77
C MET C 108 -10.84 -39.78 -18.88
N GLN C 109 -10.85 -40.26 -20.14
CA GLN C 109 -10.59 -39.50 -21.38
C GLN C 109 -11.48 -38.25 -21.48
N VAL C 110 -12.71 -38.33 -20.92
CA VAL C 110 -13.66 -37.21 -20.90
C VAL C 110 -13.05 -35.90 -20.26
N LEU C 111 -12.06 -36.07 -19.33
CA LEU C 111 -11.41 -35.01 -18.58
C LEU C 111 -10.40 -34.19 -19.39
N VAL C 112 -9.87 -34.76 -20.50
CA VAL C 112 -8.89 -34.14 -21.38
C VAL C 112 -9.39 -32.80 -21.93
N SER C 113 -10.61 -32.76 -22.47
CA SER C 113 -11.20 -31.51 -22.99
C SER C 113 -11.38 -30.48 -21.87
N ARG C 114 -11.73 -30.94 -20.63
CA ARG C 114 -11.88 -30.05 -19.46
C ARG C 114 -10.53 -29.43 -19.07
N ILE C 115 -9.44 -30.26 -18.99
CA ILE C 115 -8.08 -29.79 -18.70
C ILE C 115 -7.62 -28.78 -19.77
N ALA C 116 -7.87 -29.07 -21.04
CA ALA C 116 -7.51 -28.18 -22.16
C ALA C 116 -8.18 -26.83 -22.00
N ALA C 117 -9.48 -26.82 -21.61
CA ALA C 117 -10.24 -25.59 -21.36
C ALA C 117 -9.70 -24.86 -20.13
N TRP C 118 -9.27 -25.58 -19.08
CA TRP C 118 -8.64 -24.97 -17.90
C TRP C 118 -7.34 -24.27 -18.26
N MET C 119 -6.51 -24.92 -19.13
CA MET C 119 -5.25 -24.38 -19.60
C MET C 119 -5.47 -23.11 -20.39
N ALA C 120 -6.40 -23.12 -21.34
CA ALA C 120 -6.78 -21.95 -22.15
C ALA C 120 -7.27 -20.81 -21.27
N THR C 121 -8.14 -21.08 -20.26
CA THR C 121 -8.64 -20.07 -19.30
C THR C 121 -7.45 -19.48 -18.55
N TYR C 122 -6.56 -20.35 -18.01
CA TYR C 122 -5.44 -19.86 -17.21
C TYR C 122 -4.53 -18.95 -18.07
N LEU C 123 -4.18 -19.42 -19.29
CA LEU C 123 -3.36 -18.66 -20.22
C LEU C 123 -3.94 -17.29 -20.52
N ASN C 124 -5.22 -17.25 -20.90
CA ASN C 124 -5.87 -16.03 -21.36
C ASN C 124 -6.07 -15.05 -20.23
N ASP C 125 -6.37 -15.57 -19.05
CA ASP C 125 -6.53 -14.82 -17.83
C ASP C 125 -5.21 -14.18 -17.34
N HIS C 126 -4.29 -15.03 -16.87
CA HIS C 126 -3.05 -14.63 -16.21
C HIS C 126 -1.85 -14.45 -17.05
N LEU C 127 -1.64 -15.26 -18.08
CA LEU C 127 -0.36 -15.28 -18.79
C LEU C 127 -0.26 -14.43 -20.03
N GLU C 128 -1.36 -14.29 -20.82
CA GLU C 128 -1.41 -13.52 -22.05
C GLU C 128 -0.93 -12.08 -21.84
N PRO C 129 -1.36 -11.31 -20.79
CA PRO C 129 -0.78 -9.95 -20.62
C PRO C 129 0.76 -9.98 -20.50
N TRP C 130 1.34 -10.93 -19.72
CA TRP C 130 2.80 -11.08 -19.58
C TRP C 130 3.44 -11.42 -20.95
N ILE C 131 2.86 -12.38 -21.72
CA ILE C 131 3.30 -12.79 -23.05
C ILE C 131 3.41 -11.56 -23.96
N GLN C 132 2.37 -10.70 -24.01
CA GLN C 132 2.37 -9.46 -24.80
C GLN C 132 3.44 -8.48 -24.34
N GLU C 133 3.59 -8.31 -23.02
CA GLU C 133 4.59 -7.39 -22.45
C GLU C 133 6.02 -7.88 -22.73
N ASN C 134 6.21 -9.22 -22.93
CA ASN C 134 7.55 -9.78 -23.11
C ASN C 134 7.88 -10.26 -24.55
N GLY C 135 7.29 -9.59 -25.54
CA GLY C 135 7.58 -9.80 -26.95
C GLY C 135 6.74 -10.80 -27.74
N GLY C 136 5.72 -11.37 -27.11
CA GLY C 136 4.87 -12.38 -27.74
C GLY C 136 5.56 -13.72 -27.90
N TRP C 137 4.83 -14.69 -28.48
CA TRP C 137 5.34 -16.03 -28.76
C TRP C 137 6.51 -16.04 -29.76
N ASP C 138 6.60 -15.01 -30.61
CA ASP C 138 7.72 -14.85 -31.56
C ASP C 138 9.04 -14.67 -30.84
N THR C 139 9.03 -13.98 -29.66
CA THR C 139 10.24 -13.76 -28.85
C THR C 139 10.65 -15.05 -28.19
N PHE C 140 9.65 -15.86 -27.74
CA PHE C 140 9.92 -17.17 -27.16
C PHE C 140 10.69 -18.06 -28.20
N VAL C 141 10.21 -18.05 -29.46
CA VAL C 141 10.80 -18.81 -30.57
C VAL C 141 12.24 -18.36 -30.81
N GLU C 142 12.49 -17.04 -30.79
CA GLU C 142 13.84 -16.46 -30.96
C GLU C 142 14.76 -16.93 -29.85
N LEU C 143 14.30 -16.79 -28.58
CA LEU C 143 15.07 -17.17 -27.39
C LEU C 143 15.37 -18.66 -27.34
N TYR C 144 14.37 -19.51 -27.68
CA TYR C 144 14.51 -20.97 -27.64
C TYR C 144 15.45 -21.47 -28.74
N GLY C 145 15.41 -20.81 -29.90
CA GLY C 145 16.25 -21.13 -31.04
C GLY C 145 17.68 -20.62 -30.99
N ASN C 146 17.97 -19.68 -30.06
CA ASN C 146 19.31 -19.10 -29.90
C ASN C 146 19.65 -18.93 -28.43
N SER D 5 -7.43 -13.61 -32.37
CA SER D 5 -6.23 -12.82 -32.11
C SER D 5 -5.23 -13.64 -31.25
N MET D 6 -5.17 -13.37 -29.91
CA MET D 6 -4.24 -14.04 -28.97
C MET D 6 -4.90 -15.19 -28.21
N SER D 7 -6.19 -15.05 -27.85
CA SER D 7 -6.93 -16.11 -27.15
C SER D 7 -7.12 -17.34 -28.02
N GLN D 8 -7.47 -17.14 -29.35
CA GLN D 8 -7.64 -18.20 -30.35
C GLN D 8 -6.30 -18.90 -30.57
N SER D 9 -5.20 -18.13 -30.74
CA SER D 9 -3.84 -18.63 -30.93
C SER D 9 -3.37 -19.41 -29.71
N ASN D 10 -3.67 -18.94 -28.48
CA ASN D 10 -3.30 -19.62 -27.25
C ASN D 10 -4.03 -20.94 -27.12
N ARG D 11 -5.34 -20.96 -27.51
CA ARG D 11 -6.15 -22.19 -27.51
C ARG D 11 -5.55 -23.21 -28.52
N GLU D 12 -5.14 -22.71 -29.71
CA GLU D 12 -4.52 -23.53 -30.74
C GLU D 12 -3.22 -24.17 -30.26
N LEU D 13 -2.43 -23.43 -29.46
CA LEU D 13 -1.18 -23.90 -28.86
C LEU D 13 -1.46 -24.97 -27.85
N VAL D 14 -2.52 -24.78 -27.03
CA VAL D 14 -2.89 -25.77 -26.00
C VAL D 14 -3.23 -27.09 -26.72
N VAL D 15 -4.08 -27.01 -27.75
CA VAL D 15 -4.53 -28.19 -28.51
C VAL D 15 -3.33 -28.89 -29.16
N ASP D 16 -2.44 -28.12 -29.81
CA ASP D 16 -1.27 -28.69 -30.45
C ASP D 16 -0.33 -29.39 -29.45
N PHE D 17 -0.05 -28.71 -28.31
CA PHE D 17 0.87 -29.25 -27.30
C PHE D 17 0.30 -30.52 -26.71
N LEU D 18 -1.00 -30.50 -26.34
CA LEU D 18 -1.67 -31.67 -25.76
C LEU D 18 -1.74 -32.81 -26.73
N SER D 19 -2.00 -32.54 -28.02
CA SER D 19 -2.02 -33.57 -29.07
C SER D 19 -0.68 -34.28 -29.13
N TYR D 20 0.41 -33.50 -29.07
CA TYR D 20 1.78 -34.01 -29.11
C TYR D 20 2.08 -34.92 -27.90
N LYS D 21 1.77 -34.46 -26.66
CA LYS D 21 2.04 -35.22 -25.45
C LYS D 21 1.25 -36.53 -25.40
N LEU D 22 -0.01 -36.49 -25.79
CA LEU D 22 -0.87 -37.68 -25.86
C LEU D 22 -0.29 -38.70 -26.87
N SER D 23 0.12 -38.23 -28.08
CA SER D 23 0.72 -39.07 -29.14
C SER D 23 2.02 -39.76 -28.72
N GLN D 24 2.84 -39.09 -27.90
CA GLN D 24 4.09 -39.64 -27.40
C GLN D 24 3.85 -40.87 -26.50
N LYS D 25 2.65 -40.97 -25.91
CA LYS D 25 2.25 -42.09 -25.04
C LYS D 25 1.31 -43.06 -25.76
N GLY D 26 1.11 -42.89 -27.05
CA GLY D 26 0.25 -43.76 -27.86
C GLY D 26 -1.22 -43.41 -27.85
N TYR D 27 -1.55 -42.24 -27.31
CA TYR D 27 -2.93 -41.75 -27.27
C TYR D 27 -3.13 -40.69 -28.34
N SER D 28 -4.38 -40.21 -28.53
CA SER D 28 -4.67 -39.14 -29.50
C SER D 28 -5.64 -38.16 -28.96
N TRP D 29 -5.48 -36.91 -29.39
CA TRP D 29 -6.36 -35.82 -29.03
C TRP D 29 -7.71 -36.00 -29.71
N SER D 30 -7.71 -36.37 -31.02
CA SER D 30 -8.89 -36.54 -31.88
C SER D 30 -8.56 -37.54 -33.00
N GLN D 31 -9.56 -37.92 -33.83
CA GLN D 31 -9.35 -38.83 -34.95
C GLN D 31 -8.39 -38.22 -35.98
N MET D 32 -8.54 -36.89 -36.22
CA MET D 32 -7.69 -36.11 -37.13
C MET D 32 -6.25 -36.06 -36.63
N ALA D 33 -6.04 -35.84 -35.32
CA ALA D 33 -4.67 -35.80 -34.81
C ALA D 33 -3.99 -37.17 -35.04
N ALA D 34 -4.69 -38.30 -34.74
CA ALA D 34 -4.18 -39.66 -34.98
C ALA D 34 -3.79 -39.91 -36.46
N VAL D 35 -4.61 -39.39 -37.43
CA VAL D 35 -4.31 -39.47 -38.87
C VAL D 35 -3.03 -38.68 -39.18
N LYS D 36 -2.93 -37.43 -38.67
CA LYS D 36 -1.76 -36.56 -38.85
C LYS D 36 -0.49 -37.24 -38.36
N GLN D 37 -0.54 -37.82 -37.15
CA GLN D 37 0.53 -38.54 -36.45
C GLN D 37 0.91 -39.79 -37.28
N ALA D 38 -0.09 -40.61 -37.68
CA ALA D 38 0.14 -41.80 -38.50
C ALA D 38 0.78 -41.47 -39.85
N LEU D 39 0.34 -40.36 -40.51
CA LEU D 39 0.88 -39.88 -41.78
C LEU D 39 2.31 -39.38 -41.66
N ARG D 40 2.64 -38.61 -40.58
CA ARG D 40 4.01 -38.10 -40.34
C ARG D 40 5.06 -39.24 -40.22
N GLU D 41 4.74 -40.27 -39.41
CA GLU D 41 5.63 -41.42 -39.15
C GLU D 41 5.91 -42.17 -40.45
N ALA D 42 4.87 -42.31 -41.33
CA ALA D 42 4.97 -42.94 -42.66
C ALA D 42 5.98 -42.18 -43.55
N GLY D 43 5.82 -40.87 -43.68
CA GLY D 43 6.75 -40.02 -44.44
C GLY D 43 8.21 -40.24 -44.07
N ASP D 44 8.51 -40.29 -42.73
CA ASP D 44 9.85 -40.54 -42.18
C ASP D 44 10.33 -41.96 -42.55
N GLU D 45 9.43 -42.96 -42.42
CA GLU D 45 9.69 -44.36 -42.71
C GLU D 45 10.05 -44.56 -44.18
N PHE D 46 9.31 -43.91 -45.13
CA PHE D 46 9.55 -43.93 -46.58
C PHE D 46 10.91 -43.29 -46.88
N GLU D 47 11.12 -42.04 -46.43
CA GLU D 47 12.37 -41.31 -46.66
C GLU D 47 13.61 -42.05 -46.09
N LEU D 48 13.40 -43.05 -45.20
CA LEU D 48 14.46 -43.89 -44.62
C LEU D 48 14.64 -45.16 -45.47
N ARG D 49 13.53 -45.88 -45.75
CA ARG D 49 13.52 -47.13 -46.53
C ARG D 49 13.93 -46.93 -47.99
N TYR D 50 13.57 -45.79 -48.61
CA TYR D 50 13.81 -45.52 -50.03
C TYR D 50 14.67 -44.29 -50.27
N ARG D 51 15.66 -44.04 -49.36
CA ARG D 51 16.59 -42.91 -49.38
C ARG D 51 17.25 -42.65 -50.77
N ARG D 52 17.78 -43.72 -51.41
CA ARG D 52 18.47 -43.67 -52.70
C ARG D 52 17.55 -43.35 -53.88
N ALA D 53 16.46 -44.11 -54.03
CA ALA D 53 15.49 -43.93 -55.11
C ALA D 53 14.76 -42.58 -55.08
N PHE D 54 14.46 -42.06 -53.86
CA PHE D 54 13.74 -40.81 -53.67
C PHE D 54 14.48 -39.59 -54.18
N SER D 55 15.82 -39.58 -54.03
CA SER D 55 16.68 -38.48 -54.46
C SER D 55 16.57 -38.25 -55.97
N ASP D 56 16.43 -39.35 -56.76
CA ASP D 56 16.26 -39.33 -58.22
C ASP D 56 14.83 -38.91 -58.59
N LEU D 57 13.82 -39.20 -57.73
CA LEU D 57 12.45 -38.75 -57.92
C LEU D 57 12.37 -37.23 -57.71
N THR D 58 12.97 -36.71 -56.62
CA THR D 58 13.01 -35.28 -56.29
C THR D 58 13.78 -34.45 -57.35
N SER D 59 14.78 -35.07 -58.01
CA SER D 59 15.60 -34.48 -59.09
C SER D 59 14.84 -34.45 -60.41
N GLN D 60 13.98 -35.48 -60.64
CA GLN D 60 13.14 -35.62 -61.83
C GLN D 60 12.24 -34.38 -62.07
N LEU D 61 11.61 -33.86 -60.99
CA LEU D 61 10.79 -32.65 -61.06
C LEU D 61 11.74 -31.45 -60.87
N HIS D 62 12.17 -30.83 -61.99
CA HIS D 62 13.09 -29.68 -62.02
C HIS D 62 12.30 -28.42 -61.59
N ILE D 63 12.22 -28.23 -60.26
CA ILE D 63 11.47 -27.17 -59.56
C ILE D 63 12.15 -25.79 -59.66
N THR D 64 11.40 -24.80 -60.19
CA THR D 64 11.84 -23.43 -60.43
C THR D 64 10.68 -22.45 -60.15
N PRO D 65 10.92 -21.11 -60.06
CA PRO D 65 9.79 -20.17 -59.91
C PRO D 65 8.79 -20.14 -61.08
N GLY D 66 9.07 -20.87 -62.14
CA GLY D 66 8.18 -20.98 -63.29
C GLY D 66 7.44 -22.31 -63.38
N THR D 67 7.64 -23.21 -62.37
CA THR D 67 6.99 -24.53 -62.34
C THR D 67 5.49 -24.36 -62.08
N ALA D 68 4.65 -24.93 -62.95
CA ALA D 68 3.20 -24.89 -62.80
C ALA D 68 2.72 -26.26 -62.36
N TYR D 69 1.43 -26.35 -61.96
CA TYR D 69 0.78 -27.58 -61.52
C TYR D 69 0.96 -28.79 -62.47
N GLN D 70 0.76 -28.57 -63.78
CA GLN D 70 0.84 -29.59 -64.83
C GLN D 70 2.13 -30.39 -64.79
N SER D 71 3.26 -29.73 -64.45
CA SER D 71 4.56 -30.40 -64.35
C SER D 71 4.63 -31.30 -63.12
N PHE D 72 4.04 -30.84 -61.99
CA PHE D 72 3.95 -31.59 -60.74
C PHE D 72 3.04 -32.79 -60.94
N GLU D 73 1.84 -32.57 -61.53
CA GLU D 73 0.85 -33.60 -61.82
C GLU D 73 1.44 -34.72 -62.68
N GLN D 74 2.27 -34.36 -63.68
CA GLN D 74 2.94 -35.28 -64.59
C GLN D 74 3.90 -36.24 -63.85
N VAL D 75 4.70 -35.70 -62.90
CA VAL D 75 5.66 -36.50 -62.13
C VAL D 75 4.91 -37.42 -61.17
N VAL D 76 3.83 -36.93 -60.56
CA VAL D 76 3.00 -37.71 -59.63
C VAL D 76 2.14 -38.73 -60.40
N ASN D 77 1.94 -38.48 -61.70
CA ASN D 77 1.21 -39.41 -62.59
C ASN D 77 2.03 -40.67 -62.75
N GLU D 78 3.39 -40.54 -62.80
CA GLU D 78 4.36 -41.64 -62.93
C GLU D 78 4.41 -42.52 -61.68
N LEU D 79 4.33 -41.91 -60.47
CA LEU D 79 4.31 -42.62 -59.17
C LEU D 79 3.06 -43.49 -59.04
N PHE D 80 1.95 -43.07 -59.69
CA PHE D 80 0.66 -43.75 -59.67
C PHE D 80 0.33 -44.49 -60.99
N ARG D 81 1.37 -44.78 -61.82
CA ARG D 81 1.25 -45.47 -63.12
C ARG D 81 0.54 -46.82 -62.99
N ASP D 82 0.92 -47.62 -61.97
CA ASP D 82 0.34 -48.93 -61.71
C ASP D 82 -0.84 -48.87 -60.70
N GLY D 83 -1.46 -47.70 -60.56
CA GLY D 83 -2.58 -47.45 -59.67
C GLY D 83 -2.14 -46.75 -58.39
N VAL D 84 -3.08 -46.04 -57.74
CA VAL D 84 -2.74 -45.37 -56.49
C VAL D 84 -2.69 -46.41 -55.36
N ASN D 85 -1.91 -46.14 -54.30
CA ASN D 85 -1.77 -47.05 -53.18
C ASN D 85 -1.47 -46.31 -51.91
N TRP D 86 -1.88 -46.84 -50.71
CA TRP D 86 -1.54 -46.13 -49.47
C TRP D 86 -0.08 -45.71 -49.44
N GLY D 87 0.83 -46.60 -49.81
CA GLY D 87 2.27 -46.35 -49.84
C GLY D 87 2.69 -45.29 -50.82
N ARG D 88 2.07 -45.30 -52.00
CA ARG D 88 2.34 -44.34 -53.06
C ARG D 88 1.79 -42.95 -52.70
N ILE D 89 0.67 -42.89 -51.93
CA ILE D 89 0.11 -41.60 -51.50
C ILE D 89 0.99 -41.03 -50.37
N VAL D 90 1.69 -41.92 -49.59
CA VAL D 90 2.65 -41.54 -48.56
C VAL D 90 3.86 -40.94 -49.28
N ALA D 91 4.23 -41.55 -50.43
CA ALA D 91 5.34 -41.11 -51.28
C ALA D 91 5.01 -39.76 -51.91
N PHE D 92 3.74 -39.53 -52.25
CA PHE D 92 3.26 -38.26 -52.82
C PHE D 92 3.43 -37.15 -51.75
N PHE D 93 2.98 -37.44 -50.52
CA PHE D 93 3.13 -36.52 -49.41
C PHE D 93 4.60 -36.21 -49.19
N SER D 94 5.47 -37.28 -49.18
CA SER D 94 6.90 -37.14 -48.99
C SER D 94 7.52 -36.31 -50.09
N PHE D 95 7.06 -36.54 -51.33
CA PHE D 95 7.52 -35.83 -52.52
C PHE D 95 7.25 -34.35 -52.38
N GLY D 96 6.03 -33.98 -51.97
CA GLY D 96 5.65 -32.59 -51.68
C GLY D 96 6.53 -31.97 -50.61
N GLY D 97 6.76 -32.73 -49.53
CA GLY D 97 7.64 -32.34 -48.43
C GLY D 97 9.07 -32.06 -48.87
N ALA D 98 9.64 -32.95 -49.69
CA ALA D 98 11.00 -32.76 -50.20
C ALA D 98 11.09 -31.56 -51.16
N LEU D 99 10.06 -31.34 -51.99
CA LEU D 99 10.00 -30.18 -52.90
C LEU D 99 10.01 -28.86 -52.13
N CYS D 100 9.25 -28.78 -51.00
CA CYS D 100 9.23 -27.60 -50.15
C CYS D 100 10.63 -27.35 -49.59
N VAL D 101 11.21 -28.39 -48.94
CA VAL D 101 12.54 -28.32 -48.33
C VAL D 101 13.57 -27.78 -49.35
N GLU D 102 13.59 -28.38 -50.54
CA GLU D 102 14.47 -28.02 -51.67
C GLU D 102 14.28 -26.55 -52.06
N SER D 103 13.00 -26.08 -52.15
CA SER D 103 12.65 -24.69 -52.48
C SER D 103 13.25 -23.70 -51.47
N VAL D 104 13.14 -24.03 -50.16
CA VAL D 104 13.71 -23.19 -49.11
C VAL D 104 15.25 -23.26 -49.13
N ASP D 105 15.82 -24.46 -49.37
CA ASP D 105 17.27 -24.64 -49.48
C ASP D 105 17.85 -23.77 -50.58
N LYS D 106 17.13 -23.68 -51.73
CA LYS D 106 17.55 -22.92 -52.92
C LYS D 106 17.03 -21.46 -52.96
N GLU D 107 16.57 -20.88 -51.83
CA GLU D 107 16.06 -19.49 -51.76
C GLU D 107 14.89 -19.29 -52.76
N MET D 108 13.77 -19.94 -52.46
CA MET D 108 12.56 -19.97 -53.27
C MET D 108 11.40 -20.28 -52.33
N GLN D 109 11.41 -19.72 -51.09
CA GLN D 109 10.37 -19.94 -50.06
C GLN D 109 8.94 -19.71 -50.61
N VAL D 110 8.84 -18.82 -51.62
CA VAL D 110 7.59 -18.49 -52.34
C VAL D 110 6.91 -19.71 -52.94
N LEU D 111 7.69 -20.75 -53.31
CA LEU D 111 7.18 -21.98 -53.90
C LEU D 111 6.47 -22.94 -52.92
N VAL D 112 6.68 -22.78 -51.60
CA VAL D 112 6.08 -23.66 -50.57
C VAL D 112 4.52 -23.59 -50.60
N SER D 113 3.97 -22.36 -50.68
CA SER D 113 2.53 -22.14 -50.79
C SER D 113 1.98 -22.77 -52.07
N ARG D 114 2.75 -22.66 -53.18
CA ARG D 114 2.39 -23.20 -54.49
C ARG D 114 2.33 -24.75 -54.45
N ILE D 115 3.36 -25.40 -53.86
CA ILE D 115 3.40 -26.87 -53.70
C ILE D 115 2.13 -27.31 -52.89
N ALA D 116 1.82 -26.62 -51.75
CA ALA D 116 0.66 -26.90 -50.92
C ALA D 116 -0.65 -26.93 -51.72
N ALA D 117 -0.85 -25.94 -52.63
CA ALA D 117 -2.09 -25.85 -53.42
C ALA D 117 -2.14 -26.96 -54.48
N TRP D 118 -0.94 -27.41 -54.97
CA TRP D 118 -0.81 -28.51 -55.94
C TRP D 118 -1.35 -29.79 -55.34
N MET D 119 -0.85 -30.13 -54.16
CA MET D 119 -1.20 -31.33 -53.40
C MET D 119 -2.70 -31.38 -53.04
N ALA D 120 -3.30 -30.24 -52.66
CA ALA D 120 -4.69 -30.16 -52.32
C ALA D 120 -5.56 -30.41 -53.56
N THR D 121 -5.18 -29.84 -54.72
CA THR D 121 -5.94 -30.09 -55.95
C THR D 121 -5.76 -31.51 -56.43
N TYR D 122 -4.52 -32.06 -56.30
CA TYR D 122 -4.19 -33.42 -56.68
C TYR D 122 -5.00 -34.38 -55.84
N LEU D 123 -5.05 -34.17 -54.52
CA LEU D 123 -5.84 -35.00 -53.62
C LEU D 123 -7.31 -34.97 -54.00
N ASN D 124 -7.82 -33.83 -54.50
CA ASN D 124 -9.21 -33.68 -54.91
C ASN D 124 -9.49 -34.26 -56.29
N ASP D 125 -8.53 -34.10 -57.23
CA ASP D 125 -8.66 -34.47 -58.66
C ASP D 125 -8.17 -35.88 -59.04
N HIS D 126 -7.35 -36.56 -58.20
CA HIS D 126 -6.94 -37.92 -58.60
C HIS D 126 -6.86 -38.92 -57.44
N LEU D 127 -6.63 -38.44 -56.21
CA LEU D 127 -6.47 -39.30 -55.03
C LEU D 127 -7.74 -39.58 -54.25
N GLU D 128 -8.68 -38.61 -54.18
CA GLU D 128 -9.93 -38.69 -53.42
C GLU D 128 -10.78 -39.95 -53.69
N PRO D 129 -11.09 -40.39 -54.96
CA PRO D 129 -11.90 -41.62 -55.13
C PRO D 129 -11.31 -42.86 -54.45
N TRP D 130 -9.99 -43.08 -54.63
CA TRP D 130 -9.19 -44.16 -54.05
C TRP D 130 -9.26 -44.19 -52.51
N ILE D 131 -9.05 -43.02 -51.83
CA ILE D 131 -9.08 -42.85 -50.36
C ILE D 131 -10.49 -43.21 -49.81
N GLN D 132 -11.55 -42.72 -50.46
CA GLN D 132 -12.93 -43.03 -50.13
C GLN D 132 -13.19 -44.52 -50.43
N GLU D 133 -12.61 -45.07 -51.53
CA GLU D 133 -12.77 -46.48 -51.92
C GLU D 133 -11.73 -47.41 -51.24
N ASN D 134 -11.26 -47.01 -50.04
CA ASN D 134 -10.30 -47.75 -49.22
C ASN D 134 -10.56 -47.45 -47.73
N GLY D 135 -11.81 -47.14 -47.41
CA GLY D 135 -12.28 -46.86 -46.05
C GLY D 135 -11.79 -45.59 -45.38
N GLY D 136 -11.36 -44.60 -46.17
CA GLY D 136 -10.89 -43.32 -45.65
C GLY D 136 -9.59 -43.43 -44.87
N TRP D 137 -9.22 -42.34 -44.20
CA TRP D 137 -7.97 -42.32 -43.43
C TRP D 137 -8.06 -43.11 -42.13
N ASP D 138 -9.28 -43.31 -41.60
CA ASP D 138 -9.54 -44.09 -40.38
C ASP D 138 -9.02 -45.53 -40.50
N THR D 139 -9.22 -46.16 -41.67
CA THR D 139 -8.72 -47.51 -41.92
C THR D 139 -7.21 -47.43 -42.19
N PHE D 140 -6.69 -46.29 -42.72
CA PHE D 140 -5.24 -46.10 -42.90
C PHE D 140 -4.55 -46.03 -41.51
N VAL D 141 -5.20 -45.38 -40.51
CA VAL D 141 -4.70 -45.30 -39.14
C VAL D 141 -4.66 -46.70 -38.50
N GLU D 142 -5.73 -47.50 -38.70
CA GLU D 142 -5.83 -48.90 -38.23
C GLU D 142 -4.75 -49.76 -38.88
N LEU D 143 -4.63 -49.68 -40.22
CA LEU D 143 -3.64 -50.41 -41.02
C LEU D 143 -2.20 -50.12 -40.59
N TYR D 144 -1.92 -48.90 -40.14
CA TYR D 144 -0.58 -48.50 -39.70
C TYR D 144 -0.50 -48.46 -38.18
N MET E 6 -46.69 -12.39 18.38
CA MET E 6 -47.27 -13.37 19.31
C MET E 6 -47.83 -14.59 18.56
N SER E 7 -48.96 -14.42 17.84
CA SER E 7 -49.62 -15.44 17.03
C SER E 7 -48.97 -15.72 15.66
N GLN E 8 -48.60 -14.65 14.91
CA GLN E 8 -47.93 -14.78 13.59
C GLN E 8 -46.48 -15.26 13.80
N SER E 9 -45.92 -14.90 14.97
CA SER E 9 -44.64 -15.30 15.50
C SER E 9 -44.74 -16.84 15.76
N ASN E 10 -45.93 -17.32 16.21
CA ASN E 10 -46.22 -18.72 16.49
C ASN E 10 -46.34 -19.55 15.19
N ARG E 11 -47.02 -19.01 14.15
CA ARG E 11 -47.15 -19.66 12.84
C ARG E 11 -45.75 -19.81 12.20
N GLU E 12 -44.88 -18.78 12.34
CA GLU E 12 -43.51 -18.76 11.82
C GLU E 12 -42.66 -19.86 12.45
N LEU E 13 -42.82 -20.08 13.78
CA LEU E 13 -42.17 -21.12 14.56
C LEU E 13 -42.64 -22.47 14.09
N VAL E 14 -43.96 -22.62 13.84
CA VAL E 14 -44.53 -23.89 13.37
C VAL E 14 -43.86 -24.26 12.04
N VAL E 15 -43.88 -23.31 11.07
CA VAL E 15 -43.32 -23.53 9.74
C VAL E 15 -41.83 -23.88 9.82
N ASP E 16 -41.06 -23.12 10.60
CA ASP E 16 -39.65 -23.36 10.76
C ASP E 16 -39.37 -24.73 11.39
N PHE E 17 -40.07 -25.07 12.47
CA PHE E 17 -39.85 -26.35 13.15
C PHE E 17 -40.20 -27.52 12.24
N LEU E 18 -41.37 -27.44 11.56
CA LEU E 18 -41.81 -28.50 10.67
C LEU E 18 -40.88 -28.65 9.48
N SER E 19 -40.38 -27.53 8.91
CA SER E 19 -39.42 -27.55 7.79
C SER E 19 -38.18 -28.31 8.20
N TYR E 20 -37.70 -28.06 9.43
CA TYR E 20 -36.51 -28.68 10.01
C TYR E 20 -36.70 -30.18 10.16
N LYS E 21 -37.80 -30.62 10.77
CA LYS E 21 -38.07 -32.05 10.98
C LYS E 21 -38.23 -32.81 9.68
N LEU E 22 -38.95 -32.23 8.70
CA LEU E 22 -39.10 -32.83 7.38
C LEU E 22 -37.71 -32.98 6.68
N SER E 23 -36.85 -31.95 6.73
CA SER E 23 -35.51 -31.96 6.12
C SER E 23 -34.58 -33.01 6.73
N GLN E 24 -34.71 -33.27 8.04
CA GLN E 24 -33.89 -34.27 8.72
C GLN E 24 -34.18 -35.68 8.18
N LYS E 25 -35.37 -35.88 7.58
CA LYS E 25 -35.78 -37.16 6.99
C LYS E 25 -35.67 -37.18 5.46
N GLY E 26 -35.13 -36.12 4.88
CA GLY E 26 -34.96 -35.99 3.45
C GLY E 26 -36.16 -35.42 2.71
N TYR E 27 -37.14 -34.91 3.46
CA TYR E 27 -38.34 -34.27 2.90
C TYR E 27 -38.24 -32.75 2.97
N SER E 28 -39.17 -32.02 2.35
CA SER E 28 -39.14 -30.55 2.39
C SER E 28 -40.52 -29.98 2.55
N TRP E 29 -40.64 -28.91 3.32
CA TRP E 29 -41.90 -28.22 3.58
C TRP E 29 -42.45 -27.58 2.27
N SER E 30 -41.55 -27.04 1.45
CA SER E 30 -41.84 -26.34 0.20
C SER E 30 -40.58 -26.36 -0.70
N GLN E 31 -40.71 -25.86 -1.94
CA GLN E 31 -39.60 -25.72 -2.88
C GLN E 31 -38.56 -24.71 -2.34
N MET E 32 -39.01 -23.62 -1.70
CA MET E 32 -38.14 -22.62 -1.05
C MET E 32 -37.34 -23.26 0.10
N ALA E 33 -38.01 -24.10 0.93
CA ALA E 33 -37.36 -24.82 2.03
C ALA E 33 -36.30 -25.76 1.49
N ALA E 34 -36.56 -26.41 0.33
CA ALA E 34 -35.60 -27.30 -0.34
C ALA E 34 -34.39 -26.51 -0.85
N VAL E 35 -34.60 -25.31 -1.42
CA VAL E 35 -33.51 -24.46 -1.87
C VAL E 35 -32.61 -24.05 -0.66
N LYS E 36 -33.25 -23.64 0.44
CA LYS E 36 -32.58 -23.23 1.68
C LYS E 36 -31.74 -24.36 2.23
N GLN E 37 -32.32 -25.58 2.31
CA GLN E 37 -31.62 -26.74 2.81
C GLN E 37 -30.43 -27.15 1.92
N ALA E 38 -30.61 -27.17 0.59
CA ALA E 38 -29.53 -27.55 -0.34
C ALA E 38 -28.37 -26.57 -0.23
N LEU E 39 -28.67 -25.27 -0.11
CA LEU E 39 -27.68 -24.21 0.03
C LEU E 39 -26.93 -24.30 1.38
N ARG E 40 -27.65 -24.60 2.49
CA ARG E 40 -27.05 -24.81 3.80
C ARG E 40 -26.04 -25.95 3.74
N GLU E 41 -26.41 -27.09 3.15
CA GLU E 41 -25.56 -28.28 3.00
C GLU E 41 -24.40 -28.03 2.04
N ALA E 42 -24.66 -27.33 0.91
CA ALA E 42 -23.61 -26.99 -0.05
C ALA E 42 -22.55 -26.10 0.62
N GLY E 43 -23.00 -25.15 1.48
CA GLY E 43 -22.15 -24.24 2.22
C GLY E 43 -21.19 -25.01 3.10
N ASP E 44 -21.72 -25.95 3.88
CA ASP E 44 -20.94 -26.80 4.76
C ASP E 44 -19.92 -27.59 3.96
N GLU E 45 -20.36 -28.22 2.83
CA GLU E 45 -19.50 -29.07 2.00
C GLU E 45 -18.36 -28.26 1.43
N PHE E 46 -18.67 -27.07 0.89
CA PHE E 46 -17.70 -26.15 0.34
C PHE E 46 -16.66 -25.73 1.38
N GLU E 47 -17.12 -25.29 2.56
CA GLU E 47 -16.25 -24.83 3.65
C GLU E 47 -15.32 -25.90 4.15
N LEU E 48 -15.76 -27.16 4.09
CA LEU E 48 -15.00 -28.32 4.49
C LEU E 48 -13.95 -28.64 3.45
N ARG E 49 -14.38 -28.75 2.17
CA ARG E 49 -13.51 -29.14 1.06
C ARG E 49 -12.41 -28.12 0.75
N TYR E 50 -12.69 -26.82 0.92
CA TYR E 50 -11.75 -25.74 0.55
C TYR E 50 -11.31 -24.89 1.74
N ARG E 51 -11.33 -25.46 2.96
CA ARG E 51 -11.00 -24.79 4.22
C ARG E 51 -9.77 -23.86 4.13
N ARG E 52 -8.60 -24.38 3.71
CA ARG E 52 -7.35 -23.60 3.64
C ARG E 52 -7.42 -22.45 2.63
N ALA E 53 -7.82 -22.74 1.37
CA ALA E 53 -7.96 -21.74 0.30
C ALA E 53 -9.01 -20.69 0.63
N PHE E 54 -10.14 -21.11 1.23
CA PHE E 54 -11.24 -20.23 1.60
C PHE E 54 -10.78 -19.26 2.70
N SER E 55 -9.90 -19.72 3.59
CA SER E 55 -9.34 -18.90 4.65
C SER E 55 -8.53 -17.71 4.03
N ASP E 56 -7.79 -17.97 2.93
CA ASP E 56 -7.05 -16.95 2.18
C ASP E 56 -8.00 -15.91 1.53
N LEU E 57 -9.18 -16.35 1.05
CA LEU E 57 -10.19 -15.47 0.45
C LEU E 57 -10.82 -14.55 1.51
N THR E 58 -11.28 -15.12 2.64
CA THR E 58 -11.95 -14.38 3.72
C THR E 58 -11.02 -13.34 4.34
N SER E 59 -9.70 -13.60 4.34
CA SER E 59 -8.69 -12.68 4.83
C SER E 59 -8.53 -11.41 3.95
N GLN E 60 -8.99 -11.46 2.68
CA GLN E 60 -8.93 -10.35 1.72
C GLN E 60 -9.86 -9.16 2.03
N LEU E 61 -10.85 -9.38 2.92
CA LEU E 61 -11.79 -8.33 3.28
C LEU E 61 -12.12 -8.38 4.78
N HIS E 62 -11.66 -7.35 5.54
CA HIS E 62 -11.91 -7.19 6.97
C HIS E 62 -12.96 -6.07 7.05
N ILE E 63 -14.20 -6.48 7.29
CA ILE E 63 -15.38 -5.62 7.30
C ILE E 63 -15.41 -4.69 8.55
N THR E 64 -15.12 -3.37 8.34
CA THR E 64 -15.11 -2.34 9.39
C THR E 64 -16.37 -1.47 9.23
N PRO E 65 -16.76 -0.64 10.24
CA PRO E 65 -17.94 0.23 10.06
C PRO E 65 -17.84 1.25 8.90
N GLY E 66 -16.65 1.39 8.32
CA GLY E 66 -16.38 2.29 7.20
C GLY E 66 -16.29 1.63 5.84
N THR E 67 -16.44 0.28 5.78
CA THR E 67 -16.34 -0.49 4.54
C THR E 67 -17.55 -0.21 3.67
N ALA E 68 -17.30 0.16 2.39
CA ALA E 68 -18.37 0.43 1.42
C ALA E 68 -18.68 -0.83 0.61
N TYR E 69 -19.89 -0.91 0.01
CA TYR E 69 -20.34 -2.04 -0.81
C TYR E 69 -19.32 -2.38 -1.90
N GLN E 70 -18.75 -1.35 -2.55
CA GLN E 70 -17.79 -1.47 -3.65
C GLN E 70 -16.58 -2.38 -3.29
N SER E 71 -16.07 -2.31 -2.04
CA SER E 71 -14.96 -3.14 -1.56
C SER E 71 -15.42 -4.60 -1.47
N PHE E 72 -16.68 -4.84 -1.03
CA PHE E 72 -17.26 -6.18 -0.98
C PHE E 72 -17.43 -6.72 -2.40
N GLU E 73 -18.07 -5.90 -3.29
CA GLU E 73 -18.31 -6.21 -4.69
C GLU E 73 -17.00 -6.57 -5.42
N GLN E 74 -15.91 -5.83 -5.15
CA GLN E 74 -14.59 -6.06 -5.76
C GLN E 74 -14.04 -7.45 -5.39
N VAL E 75 -14.15 -7.86 -4.13
CA VAL E 75 -13.64 -9.19 -3.67
C VAL E 75 -14.52 -10.32 -4.23
N VAL E 76 -15.86 -10.11 -4.20
CA VAL E 76 -16.82 -11.09 -4.71
C VAL E 76 -16.63 -11.25 -6.25
N ASN E 77 -16.38 -10.15 -6.96
CA ASN E 77 -16.13 -10.16 -8.41
C ASN E 77 -14.94 -11.06 -8.76
N GLU E 78 -13.95 -11.16 -7.85
CA GLU E 78 -12.77 -12.02 -7.99
C GLU E 78 -13.21 -13.49 -8.04
N LEU E 79 -14.19 -13.85 -7.23
CA LEU E 79 -14.73 -15.21 -7.16
C LEU E 79 -15.38 -15.61 -8.49
N PHE E 80 -15.86 -14.63 -9.28
CA PHE E 80 -16.55 -14.84 -10.55
C PHE E 80 -15.77 -14.40 -11.78
N ARG E 81 -14.42 -14.22 -11.61
CA ARG E 81 -13.44 -13.80 -12.64
C ARG E 81 -13.49 -14.71 -13.87
N ASP E 82 -13.58 -16.01 -13.65
CA ASP E 82 -13.62 -17.02 -14.71
C ASP E 82 -15.04 -17.47 -15.07
N GLY E 83 -16.02 -16.64 -14.72
CA GLY E 83 -17.43 -16.88 -14.99
C GLY E 83 -18.18 -17.38 -13.78
N VAL E 84 -19.50 -17.45 -13.92
CA VAL E 84 -20.41 -17.86 -12.89
C VAL E 84 -20.75 -19.33 -13.10
N ASN E 85 -20.87 -20.05 -11.98
CA ASN E 85 -21.30 -21.44 -11.91
C ASN E 85 -21.90 -21.61 -10.52
N TRP E 86 -22.65 -22.69 -10.29
CA TRP E 86 -23.31 -22.92 -9.01
C TRP E 86 -22.36 -23.02 -7.82
N GLY E 87 -21.18 -23.63 -8.01
CA GLY E 87 -20.18 -23.77 -6.96
C GLY E 87 -19.62 -22.45 -6.47
N ARG E 88 -19.41 -21.52 -7.40
CA ARG E 88 -18.94 -20.16 -7.10
C ARG E 88 -20.03 -19.35 -6.40
N ILE E 89 -21.30 -19.65 -6.70
CA ILE E 89 -22.44 -19.01 -6.03
C ILE E 89 -22.47 -19.51 -4.57
N VAL E 90 -22.20 -20.82 -4.35
CA VAL E 90 -22.13 -21.40 -3.01
C VAL E 90 -20.99 -20.68 -2.23
N ALA E 91 -19.82 -20.53 -2.84
CA ALA E 91 -18.63 -19.86 -2.26
C ALA E 91 -18.96 -18.42 -1.87
N PHE E 92 -19.76 -17.71 -2.70
CA PHE E 92 -20.24 -16.35 -2.44
C PHE E 92 -21.09 -16.32 -1.14
N PHE E 93 -22.02 -17.27 -0.98
CA PHE E 93 -22.85 -17.36 0.23
C PHE E 93 -21.95 -17.64 1.43
N SER E 94 -21.01 -18.63 1.31
CA SER E 94 -20.06 -18.97 2.38
C SER E 94 -19.20 -17.75 2.78
N PHE E 95 -18.76 -16.96 1.79
CA PHE E 95 -17.96 -15.76 2.01
C PHE E 95 -18.74 -14.75 2.86
N GLY E 96 -20.00 -14.48 2.47
CA GLY E 96 -20.86 -13.60 3.23
C GLY E 96 -21.09 -14.09 4.65
N GLY E 97 -21.31 -15.38 4.81
CA GLY E 97 -21.49 -16.05 6.11
C GLY E 97 -20.27 -15.91 7.00
N ALA E 98 -19.04 -16.12 6.44
CA ALA E 98 -17.79 -15.93 7.19
C ALA E 98 -17.58 -14.45 7.59
N LEU E 99 -18.00 -13.49 6.74
CA LEU E 99 -17.89 -12.05 7.07
C LEU E 99 -18.77 -11.70 8.26
N CYS E 100 -19.97 -12.30 8.34
CA CYS E 100 -20.92 -12.09 9.43
C CYS E 100 -20.39 -12.69 10.72
N VAL E 101 -19.82 -13.91 10.65
CA VAL E 101 -19.22 -14.60 11.81
C VAL E 101 -18.09 -13.74 12.37
N GLU E 102 -17.18 -13.28 11.49
CA GLU E 102 -16.03 -12.44 11.83
C GLU E 102 -16.48 -11.12 12.47
N SER E 103 -17.49 -10.46 11.89
CA SER E 103 -17.94 -9.18 12.45
C SER E 103 -18.65 -9.41 13.80
N VAL E 104 -19.27 -10.60 14.04
CA VAL E 104 -19.84 -10.86 15.38
C VAL E 104 -18.69 -11.24 16.39
N ASP E 105 -17.61 -11.92 15.90
CA ASP E 105 -16.42 -12.27 16.68
C ASP E 105 -15.74 -10.98 17.15
N LYS E 106 -15.67 -9.95 16.26
CA LYS E 106 -15.07 -8.63 16.51
C LYS E 106 -16.05 -7.64 17.19
N GLU E 107 -17.17 -8.15 17.75
CA GLU E 107 -18.19 -7.39 18.49
C GLU E 107 -18.78 -6.21 17.66
N MET E 108 -19.03 -6.47 16.35
CA MET E 108 -19.57 -5.50 15.39
C MET E 108 -20.81 -6.11 14.73
N GLN E 109 -21.73 -6.65 15.57
CA GLN E 109 -22.98 -7.29 15.13
C GLN E 109 -23.82 -6.39 14.18
N VAL E 110 -23.69 -5.06 14.32
CA VAL E 110 -24.38 -4.05 13.49
C VAL E 110 -24.09 -4.23 11.98
N LEU E 111 -22.88 -4.74 11.65
CA LEU E 111 -22.46 -4.96 10.27
C LEU E 111 -23.13 -6.15 9.57
N VAL E 112 -23.71 -7.11 10.34
CA VAL E 112 -24.38 -8.32 9.80
C VAL E 112 -25.52 -7.95 8.82
N SER E 113 -26.40 -7.01 9.21
CA SER E 113 -27.51 -6.58 8.38
C SER E 113 -27.00 -5.86 7.12
N ARG E 114 -25.87 -5.12 7.24
CA ARG E 114 -25.21 -4.44 6.12
C ARG E 114 -24.67 -5.46 5.10
N ILE E 115 -23.95 -6.50 5.57
CA ILE E 115 -23.41 -7.57 4.75
C ILE E 115 -24.56 -8.31 4.03
N ALA E 116 -25.65 -8.62 4.75
CA ALA E 116 -26.83 -9.27 4.18
C ALA E 116 -27.43 -8.42 3.03
N ALA E 117 -27.48 -7.09 3.21
CA ALA E 117 -28.00 -6.19 2.18
C ALA E 117 -27.05 -6.15 0.98
N TRP E 118 -25.73 -6.21 1.22
CA TRP E 118 -24.73 -6.28 0.15
C TRP E 118 -24.88 -7.56 -0.67
N MET E 119 -25.12 -8.69 0.02
CA MET E 119 -25.31 -10.00 -0.61
C MET E 119 -26.57 -9.98 -1.47
N ALA E 120 -27.70 -9.44 -0.96
CA ALA E 120 -28.95 -9.33 -1.71
C ALA E 120 -28.75 -8.44 -2.95
N THR E 121 -28.04 -7.31 -2.80
CA THR E 121 -27.75 -6.41 -3.92
C THR E 121 -26.88 -7.13 -4.95
N TYR E 122 -25.82 -7.84 -4.48
CA TYR E 122 -24.94 -8.54 -5.40
C TYR E 122 -25.71 -9.61 -6.17
N LEU E 123 -26.51 -10.43 -5.46
CA LEU E 123 -27.35 -11.46 -6.08
C LEU E 123 -28.27 -10.88 -7.13
N ASN E 124 -29.04 -9.86 -6.79
CA ASN E 124 -29.98 -9.23 -7.73
C ASN E 124 -29.30 -8.51 -8.89
N ASP E 125 -28.19 -7.79 -8.66
CA ASP E 125 -27.50 -7.07 -9.73
C ASP E 125 -26.60 -7.95 -10.60
N HIS E 126 -25.95 -8.96 -10.03
CA HIS E 126 -24.99 -9.75 -10.81
C HIS E 126 -25.35 -11.17 -11.12
N LEU E 127 -25.94 -11.90 -10.13
CA LEU E 127 -26.14 -13.33 -10.26
C LEU E 127 -27.51 -13.76 -10.75
N GLU E 128 -28.59 -13.00 -10.42
CA GLU E 128 -29.97 -13.29 -10.82
C GLU E 128 -30.13 -13.48 -12.36
N PRO E 129 -29.57 -12.62 -13.26
CA PRO E 129 -29.66 -12.91 -14.70
C PRO E 129 -29.05 -14.28 -15.05
N TRP E 130 -27.88 -14.63 -14.47
CA TRP E 130 -27.25 -15.93 -14.69
C TRP E 130 -28.13 -17.06 -14.18
N ILE E 131 -28.66 -16.92 -12.93
CA ILE E 131 -29.53 -17.91 -12.27
C ILE E 131 -30.73 -18.23 -13.17
N GLN E 132 -31.44 -17.20 -13.70
CA GLN E 132 -32.56 -17.35 -14.62
C GLN E 132 -32.11 -18.00 -15.93
N GLU E 133 -30.95 -17.54 -16.47
CA GLU E 133 -30.33 -18.06 -17.70
C GLU E 133 -29.92 -19.55 -17.58
N ASN E 134 -29.74 -20.10 -16.34
CA ASN E 134 -29.25 -21.46 -16.08
C ASN E 134 -30.19 -22.37 -15.26
N GLY E 135 -31.50 -22.19 -15.44
CA GLY E 135 -32.53 -23.02 -14.85
C GLY E 135 -33.12 -22.69 -13.48
N GLY E 136 -32.69 -21.57 -12.90
CA GLY E 136 -33.18 -21.16 -11.59
C GLY E 136 -32.66 -22.00 -10.44
N TRP E 137 -33.06 -21.65 -9.20
CA TRP E 137 -32.66 -22.36 -7.97
C TRP E 137 -33.11 -23.84 -7.93
N ASP E 138 -34.18 -24.17 -8.66
CA ASP E 138 -34.73 -25.51 -8.74
C ASP E 138 -33.72 -26.46 -9.40
N THR E 139 -32.97 -25.96 -10.41
CA THR E 139 -31.92 -26.70 -11.08
C THR E 139 -30.78 -26.95 -10.09
N PHE E 140 -30.35 -25.92 -9.30
CA PHE E 140 -29.33 -26.09 -8.26
C PHE E 140 -29.67 -27.25 -7.31
N VAL E 141 -30.94 -27.30 -6.85
CA VAL E 141 -31.45 -28.35 -5.95
C VAL E 141 -31.34 -29.73 -6.61
N GLU E 142 -31.69 -29.82 -7.92
CA GLU E 142 -31.58 -31.06 -8.71
C GLU E 142 -30.15 -31.49 -8.80
N LEU E 143 -29.24 -30.57 -9.20
CA LEU E 143 -27.80 -30.80 -9.37
C LEU E 143 -27.11 -31.18 -8.09
N TYR E 144 -27.46 -30.52 -6.98
CA TYR E 144 -26.85 -30.81 -5.68
C TYR E 144 -27.28 -32.16 -5.12
N GLY E 145 -28.54 -32.54 -5.34
CA GLY E 145 -29.09 -33.81 -4.89
C GLY E 145 -28.96 -34.98 -5.86
N MET F 6 -38.19 -12.93 -7.63
CA MET F 6 -36.82 -13.44 -7.51
C MET F 6 -35.98 -12.65 -6.47
N SER F 7 -36.11 -11.30 -6.43
CA SER F 7 -35.40 -10.39 -5.50
C SER F 7 -35.72 -10.70 -4.04
N GLN F 8 -37.02 -10.88 -3.72
CA GLN F 8 -37.39 -11.17 -2.35
C GLN F 8 -37.09 -12.64 -1.96
N SER F 9 -37.19 -13.61 -2.92
CA SER F 9 -36.80 -14.99 -2.68
C SER F 9 -35.28 -15.06 -2.46
N ASN F 10 -34.49 -14.23 -3.20
CA ASN F 10 -33.03 -14.20 -3.05
C ASN F 10 -32.65 -13.61 -1.68
N ARG F 11 -33.39 -12.56 -1.24
CA ARG F 11 -33.21 -11.96 0.09
C ARG F 11 -33.51 -13.00 1.19
N GLU F 12 -34.59 -13.81 1.02
CA GLU F 12 -34.98 -14.88 1.94
C GLU F 12 -33.88 -15.95 2.06
N LEU F 13 -33.25 -16.29 0.94
CA LEU F 13 -32.11 -17.24 0.89
C LEU F 13 -30.91 -16.70 1.64
N VAL F 14 -30.61 -15.38 1.46
CA VAL F 14 -29.50 -14.71 2.13
C VAL F 14 -29.73 -14.77 3.65
N VAL F 15 -30.93 -14.37 4.11
CA VAL F 15 -31.29 -14.35 5.51
C VAL F 15 -31.19 -15.76 6.10
N ASP F 16 -31.75 -16.76 5.40
CA ASP F 16 -31.71 -18.13 5.88
C ASP F 16 -30.29 -18.67 5.99
N PHE F 17 -29.46 -18.45 4.97
CA PHE F 17 -28.09 -18.93 4.95
C PHE F 17 -27.29 -18.28 6.07
N LEU F 18 -27.38 -16.95 6.19
CA LEU F 18 -26.67 -16.22 7.23
C LEU F 18 -27.13 -16.63 8.63
N SER F 19 -28.43 -16.85 8.82
CA SER F 19 -28.96 -17.30 10.13
C SER F 19 -28.34 -18.64 10.50
N TYR F 20 -28.22 -19.56 9.52
CA TYR F 20 -27.64 -20.89 9.69
C TYR F 20 -26.19 -20.80 10.06
N LYS F 21 -25.39 -20.03 9.28
CA LYS F 21 -23.97 -19.89 9.54
C LYS F 21 -23.64 -19.35 10.93
N LEU F 22 -24.33 -18.30 11.37
CA LEU F 22 -24.21 -17.66 12.67
C LEU F 22 -24.57 -18.66 13.77
N SER F 23 -25.70 -19.38 13.62
CA SER F 23 -26.13 -20.38 14.60
C SER F 23 -25.11 -21.51 14.80
N GLN F 24 -24.39 -21.90 13.72
CA GLN F 24 -23.34 -22.90 13.80
C GLN F 24 -22.20 -22.47 14.70
N LYS F 25 -22.01 -21.15 14.86
CA LYS F 25 -20.94 -20.58 15.71
C LYS F 25 -21.49 -20.08 17.05
N GLY F 26 -22.75 -20.36 17.36
CA GLY F 26 -23.41 -19.98 18.60
C GLY F 26 -24.01 -18.59 18.63
N TYR F 27 -24.09 -17.94 17.46
CA TYR F 27 -24.65 -16.60 17.33
C TYR F 27 -26.03 -16.67 16.69
N SER F 28 -26.71 -15.51 16.57
CA SER F 28 -28.02 -15.47 15.94
C SER F 28 -28.23 -14.25 15.08
N TRP F 29 -28.97 -14.43 13.98
CA TRP F 29 -29.32 -13.37 13.04
C TRP F 29 -30.23 -12.34 13.70
N SER F 30 -31.19 -12.80 14.51
CA SER F 30 -32.22 -12.01 15.18
C SER F 30 -32.73 -12.79 16.39
N GLN F 31 -33.63 -12.16 17.18
CA GLN F 31 -34.21 -12.82 18.35
C GLN F 31 -35.12 -13.96 17.92
N MET F 32 -35.85 -13.79 16.82
CA MET F 32 -36.70 -14.82 16.23
C MET F 32 -35.86 -16.02 15.75
N ALA F 33 -34.70 -15.77 15.11
CA ALA F 33 -33.78 -16.82 14.66
C ALA F 33 -33.27 -17.62 15.87
N ALA F 34 -32.98 -16.94 17.00
CA ALA F 34 -32.53 -17.57 18.25
C ALA F 34 -33.63 -18.49 18.79
N VAL F 35 -34.92 -18.04 18.74
CA VAL F 35 -36.06 -18.84 19.21
C VAL F 35 -36.17 -20.10 18.35
N LYS F 36 -36.15 -19.92 17.02
CA LYS F 36 -36.24 -20.99 16.03
C LYS F 36 -35.18 -22.03 16.26
N GLN F 37 -33.90 -21.60 16.44
CA GLN F 37 -32.75 -22.49 16.68
C GLN F 37 -32.85 -23.24 17.98
N ALA F 38 -33.22 -22.55 19.07
CA ALA F 38 -33.39 -23.18 20.39
C ALA F 38 -34.48 -24.25 20.32
N LEU F 39 -35.61 -23.94 19.62
CA LEU F 39 -36.74 -24.86 19.43
C LEU F 39 -36.30 -26.07 18.66
N ARG F 40 -35.57 -25.88 17.51
CA ARG F 40 -35.02 -26.97 16.67
C ARG F 40 -34.13 -27.93 17.50
N GLU F 41 -33.20 -27.36 18.30
CA GLU F 41 -32.29 -28.13 19.17
C GLU F 41 -33.04 -28.80 20.28
N ALA F 42 -34.01 -28.11 20.92
CA ALA F 42 -34.80 -28.66 22.03
C ALA F 42 -35.59 -29.85 21.55
N GLY F 43 -36.18 -29.73 20.35
CA GLY F 43 -36.89 -30.82 19.70
C GLY F 43 -35.97 -32.02 19.47
N ASP F 44 -34.69 -31.77 19.08
CA ASP F 44 -33.67 -32.81 18.89
C ASP F 44 -33.33 -33.46 20.25
N GLU F 45 -33.03 -32.62 21.27
CA GLU F 45 -32.71 -33.04 22.64
C GLU F 45 -33.82 -33.91 23.22
N PHE F 46 -35.10 -33.51 23.03
CA PHE F 46 -36.26 -34.25 23.56
C PHE F 46 -36.49 -35.58 22.84
N GLU F 47 -36.51 -35.58 21.48
CA GLU F 47 -36.73 -36.77 20.64
C GLU F 47 -35.63 -37.82 20.88
N LEU F 48 -34.45 -37.39 21.38
CA LEU F 48 -33.35 -38.31 21.70
C LEU F 48 -33.54 -38.90 23.09
N ARG F 49 -33.79 -38.03 24.09
CA ARG F 49 -33.98 -38.39 25.49
C ARG F 49 -35.25 -39.20 25.77
N TYR F 50 -36.33 -38.94 25.01
CA TYR F 50 -37.63 -39.61 25.23
C TYR F 50 -38.08 -40.43 24.05
N ARG F 51 -37.19 -40.94 23.23
CA ARG F 51 -37.52 -41.70 22.03
C ARG F 51 -38.65 -42.75 22.22
N ARG F 52 -38.50 -43.69 23.16
CA ARG F 52 -39.47 -44.77 23.44
C ARG F 52 -40.83 -44.22 23.85
N ALA F 53 -40.82 -43.34 24.86
CA ALA F 53 -42.01 -42.67 25.40
C ALA F 53 -42.73 -41.86 24.32
N PHE F 54 -42.01 -40.99 23.58
CA PHE F 54 -42.58 -40.17 22.51
C PHE F 54 -43.19 -41.03 21.38
N SER F 55 -42.62 -42.25 21.16
CA SER F 55 -43.15 -43.19 20.15
C SER F 55 -44.56 -43.66 20.56
N ASP F 56 -44.81 -43.81 21.89
CA ASP F 56 -46.11 -44.19 22.43
C ASP F 56 -47.14 -43.09 22.20
N LEU F 57 -46.72 -41.79 22.23
CA LEU F 57 -47.54 -40.59 22.01
C LEU F 57 -47.90 -40.40 20.52
N THR F 58 -46.94 -40.67 19.60
CA THR F 58 -47.16 -40.56 18.16
C THR F 58 -48.13 -41.63 17.69
N SER F 59 -48.08 -42.83 18.31
CA SER F 59 -48.94 -43.95 17.97
C SER F 59 -50.42 -43.71 18.34
N GLN F 60 -50.70 -42.88 19.36
CA GLN F 60 -52.06 -42.55 19.83
C GLN F 60 -52.97 -41.88 18.82
N LEU F 61 -52.38 -41.18 17.84
CA LEU F 61 -53.09 -40.51 16.77
C LEU F 61 -52.75 -41.24 15.49
N HIS F 62 -53.74 -41.89 14.85
CA HIS F 62 -53.40 -42.52 13.58
C HIS F 62 -53.98 -41.71 12.43
N ILE F 63 -53.10 -40.91 11.83
CA ILE F 63 -53.37 -39.97 10.76
C ILE F 63 -53.91 -40.63 9.50
N THR F 64 -55.06 -40.11 9.03
CA THR F 64 -55.71 -40.52 7.78
C THR F 64 -56.16 -39.24 7.06
N PRO F 65 -56.49 -39.26 5.74
CA PRO F 65 -57.01 -38.02 5.09
C PRO F 65 -58.32 -37.48 5.69
N GLY F 66 -58.92 -38.21 6.61
CA GLY F 66 -60.15 -37.80 7.27
C GLY F 66 -59.96 -37.36 8.71
N THR F 67 -58.67 -37.24 9.17
CA THR F 67 -58.36 -36.82 10.53
C THR F 67 -58.63 -35.33 10.68
N ALA F 68 -59.47 -34.98 11.68
CA ALA F 68 -59.87 -33.62 12.00
C ALA F 68 -59.04 -33.11 13.16
N TYR F 69 -59.07 -31.78 13.34
CA TYR F 69 -58.36 -31.06 14.40
C TYR F 69 -58.64 -31.63 15.79
N GLN F 70 -59.93 -31.88 16.09
CA GLN F 70 -60.40 -32.41 17.39
C GLN F 70 -59.63 -33.65 17.86
N SER F 71 -59.29 -34.56 16.92
CA SER F 71 -58.52 -35.78 17.23
C SER F 71 -57.12 -35.42 17.69
N PHE F 72 -56.49 -34.43 17.01
CA PHE F 72 -55.16 -33.92 17.34
C PHE F 72 -55.22 -33.22 18.69
N GLU F 73 -56.21 -32.30 18.87
CA GLU F 73 -56.42 -31.55 20.11
C GLU F 73 -56.57 -32.48 21.33
N GLN F 74 -57.38 -33.57 21.18
CA GLN F 74 -57.58 -34.57 22.23
C GLN F 74 -56.28 -35.22 22.71
N VAL F 75 -55.38 -35.60 21.76
CA VAL F 75 -54.10 -36.23 22.09
C VAL F 75 -53.15 -35.22 22.71
N VAL F 76 -53.08 -33.99 22.14
CA VAL F 76 -52.22 -32.91 22.63
C VAL F 76 -52.65 -32.47 24.04
N ASN F 77 -53.97 -32.44 24.30
CA ASN F 77 -54.52 -32.10 25.62
C ASN F 77 -54.01 -33.06 26.71
N GLU F 78 -53.76 -34.36 26.35
CA GLU F 78 -53.22 -35.37 27.28
C GLU F 78 -51.78 -35.04 27.69
N LEU F 79 -51.05 -34.47 26.77
CA LEU F 79 -49.66 -34.03 26.98
C LEU F 79 -49.62 -32.88 28.00
N PHE F 80 -50.66 -32.01 27.99
CA PHE F 80 -50.78 -30.87 28.88
C PHE F 80 -51.74 -31.16 30.04
N ARG F 81 -52.01 -32.45 30.33
CA ARG F 81 -52.93 -32.92 31.39
C ARG F 81 -52.53 -32.42 32.82
N ASP F 82 -51.23 -32.55 33.19
CA ASP F 82 -50.64 -32.10 34.47
C ASP F 82 -50.37 -30.57 34.43
N GLY F 83 -50.47 -29.96 33.26
CA GLY F 83 -50.24 -28.53 33.06
C GLY F 83 -49.27 -28.21 31.94
N VAL F 84 -48.98 -26.92 31.77
CA VAL F 84 -48.08 -26.41 30.75
C VAL F 84 -46.73 -26.04 31.36
N ASN F 85 -45.65 -26.31 30.62
CA ASN F 85 -44.23 -26.03 30.90
C ASN F 85 -43.52 -26.01 29.55
N TRP F 86 -42.27 -25.53 29.50
CA TRP F 86 -41.52 -25.44 28.24
C TRP F 86 -41.29 -26.79 27.55
N GLY F 87 -40.86 -27.82 28.30
CA GLY F 87 -40.56 -29.15 27.80
C GLY F 87 -41.76 -29.85 27.18
N ARG F 88 -42.95 -29.54 27.72
CA ARG F 88 -44.27 -30.00 27.30
C ARG F 88 -44.57 -29.33 25.95
N ILE F 89 -44.22 -28.03 25.81
CA ILE F 89 -44.40 -27.25 24.57
C ILE F 89 -43.41 -27.82 23.51
N VAL F 90 -42.18 -28.16 23.92
CA VAL F 90 -41.18 -28.79 23.04
C VAL F 90 -41.75 -30.12 22.51
N ALA F 91 -42.29 -30.96 23.40
CA ALA F 91 -42.91 -32.25 23.06
C ALA F 91 -44.06 -32.06 22.05
N PHE F 92 -44.86 -30.99 22.21
CA PHE F 92 -45.95 -30.61 21.29
C PHE F 92 -45.41 -30.34 19.87
N PHE F 93 -44.31 -29.55 19.79
CA PHE F 93 -43.66 -29.29 18.51
C PHE F 93 -43.16 -30.55 17.89
N SER F 94 -42.44 -31.39 18.68
CA SER F 94 -41.88 -32.67 18.22
C SER F 94 -42.98 -33.60 17.72
N PHE F 95 -44.14 -33.59 18.41
CA PHE F 95 -45.30 -34.41 18.05
C PHE F 95 -45.81 -34.03 16.66
N GLY F 96 -45.97 -32.71 16.42
CA GLY F 96 -46.36 -32.18 15.12
C GLY F 96 -45.39 -32.60 14.04
N GLY F 97 -44.10 -32.44 14.33
CA GLY F 97 -43.02 -32.84 13.43
C GLY F 97 -43.07 -34.30 13.03
N ALA F 98 -43.25 -35.19 14.03
CA ALA F 98 -43.36 -36.64 13.77
C ALA F 98 -44.60 -37.00 12.94
N LEU F 99 -45.74 -36.30 13.17
CA LEU F 99 -46.97 -36.51 12.42
C LEU F 99 -46.76 -36.16 10.95
N CYS F 100 -45.99 -35.07 10.67
CA CYS F 100 -45.70 -34.63 9.30
C CYS F 100 -44.82 -35.64 8.59
N VAL F 101 -43.77 -36.12 9.28
CA VAL F 101 -42.85 -37.13 8.74
C VAL F 101 -43.64 -38.40 8.36
N GLU F 102 -44.47 -38.90 9.29
CA GLU F 102 -45.35 -40.06 9.11
C GLU F 102 -46.29 -39.88 7.91
N SER F 103 -46.91 -38.69 7.77
CA SER F 103 -47.81 -38.37 6.66
C SER F 103 -47.10 -38.48 5.31
N VAL F 104 -45.87 -37.96 5.22
CA VAL F 104 -45.08 -38.04 3.99
C VAL F 104 -44.63 -39.49 3.75
N ASP F 105 -44.25 -40.23 4.82
CA ASP F 105 -43.86 -41.64 4.73
C ASP F 105 -44.99 -42.47 4.10
N LYS F 106 -46.24 -42.19 4.53
CA LYS F 106 -47.45 -42.90 4.07
C LYS F 106 -48.06 -42.26 2.80
N GLU F 107 -47.26 -41.43 2.09
CA GLU F 107 -47.60 -40.65 0.90
C GLU F 107 -49.02 -40.05 1.05
N MET F 108 -49.10 -39.13 2.02
CA MET F 108 -50.25 -38.29 2.39
C MET F 108 -49.68 -36.91 2.72
N GLN F 109 -48.82 -36.38 1.81
CA GLN F 109 -48.15 -35.07 1.92
C GLN F 109 -49.15 -33.92 2.15
N VAL F 110 -50.40 -34.08 1.65
CA VAL F 110 -51.51 -33.13 1.80
C VAL F 110 -51.80 -32.80 3.27
N LEU F 111 -51.54 -33.75 4.18
CA LEU F 111 -51.77 -33.58 5.61
C LEU F 111 -50.77 -32.66 6.34
N VAL F 112 -49.59 -32.39 5.75
CA VAL F 112 -48.55 -31.54 6.37
C VAL F 112 -49.05 -30.10 6.63
N SER F 113 -49.71 -29.50 5.64
CA SER F 113 -50.27 -28.15 5.78
C SER F 113 -51.42 -28.12 6.82
N ARG F 114 -52.20 -29.22 6.88
CA ARG F 114 -53.27 -29.39 7.84
C ARG F 114 -52.71 -29.44 9.29
N ILE F 115 -51.63 -30.21 9.50
CA ILE F 115 -50.95 -30.35 10.80
C ILE F 115 -50.42 -28.97 11.25
N ALA F 116 -49.81 -28.23 10.33
CA ALA F 116 -49.28 -26.88 10.59
C ALA F 116 -50.39 -25.94 11.09
N ALA F 117 -51.56 -26.01 10.45
CA ALA F 117 -52.71 -25.19 10.85
C ALA F 117 -53.28 -25.62 12.23
N TRP F 118 -53.23 -26.94 12.53
CA TRP F 118 -53.65 -27.44 13.82
C TRP F 118 -52.76 -26.92 14.95
N MET F 119 -51.45 -26.93 14.72
CA MET F 119 -50.41 -26.47 15.65
C MET F 119 -50.55 -24.98 15.97
N ALA F 120 -50.87 -24.17 14.92
CA ALA F 120 -51.05 -22.74 15.07
C ALA F 120 -52.31 -22.44 15.90
N THR F 121 -53.43 -23.14 15.60
CA THR F 121 -54.68 -23.02 16.37
C THR F 121 -54.45 -23.44 17.82
N TYR F 122 -53.77 -24.60 18.03
CA TYR F 122 -53.53 -25.09 19.39
C TYR F 122 -52.73 -24.09 20.21
N LEU F 123 -51.64 -23.58 19.62
CA LEU F 123 -50.77 -22.58 20.24
C LEU F 123 -51.54 -21.34 20.66
N ASN F 124 -52.31 -20.78 19.74
CA ASN F 124 -53.09 -19.58 20.01
C ASN F 124 -54.20 -19.80 21.05
N ASP F 125 -54.97 -20.89 20.92
CA ASP F 125 -56.07 -21.19 21.84
C ASP F 125 -55.65 -21.64 23.22
N HIS F 126 -54.57 -22.44 23.33
CA HIS F 126 -54.19 -23.04 24.61
C HIS F 126 -52.88 -22.58 25.26
N LEU F 127 -51.84 -22.35 24.48
CA LEU F 127 -50.51 -22.11 25.01
C LEU F 127 -50.07 -20.66 25.10
N GLU F 128 -50.52 -19.81 24.17
CA GLU F 128 -50.19 -18.37 24.11
C GLU F 128 -50.39 -17.65 25.45
N PRO F 129 -51.55 -17.81 26.19
CA PRO F 129 -51.66 -17.13 27.49
C PRO F 129 -50.53 -17.55 28.45
N TRP F 130 -50.24 -18.89 28.59
CA TRP F 130 -49.14 -19.38 29.43
C TRP F 130 -47.80 -18.81 28.99
N ILE F 131 -47.47 -18.83 27.67
CA ILE F 131 -46.22 -18.30 27.09
C ILE F 131 -45.97 -16.83 27.52
N GLN F 132 -46.94 -15.93 27.26
CA GLN F 132 -46.87 -14.50 27.58
C GLN F 132 -46.93 -14.22 29.10
N GLU F 133 -47.37 -15.22 29.89
CA GLU F 133 -47.45 -15.11 31.34
C GLU F 133 -46.15 -15.61 31.99
N ASN F 134 -45.34 -16.42 31.25
CA ASN F 134 -44.07 -17.00 31.72
C ASN F 134 -42.81 -16.47 30.99
N GLY F 135 -42.85 -15.21 30.59
CA GLY F 135 -41.72 -14.49 30.01
C GLY F 135 -41.52 -14.52 28.51
N GLY F 136 -42.46 -15.11 27.78
CA GLY F 136 -42.39 -15.24 26.32
C GLY F 136 -41.31 -16.19 25.84
N TRP F 137 -41.15 -16.29 24.52
CA TRP F 137 -40.17 -17.15 23.87
C TRP F 137 -38.71 -16.77 24.21
N ASP F 138 -38.46 -15.50 24.56
CA ASP F 138 -37.14 -15.00 24.98
C ASP F 138 -36.66 -15.69 26.26
N THR F 139 -37.59 -15.99 27.18
CA THR F 139 -37.28 -16.70 28.42
C THR F 139 -36.94 -18.16 28.09
N PHE F 140 -37.67 -18.77 27.12
CA PHE F 140 -37.39 -20.12 26.68
C PHE F 140 -35.94 -20.22 26.17
N VAL F 141 -35.50 -19.23 25.37
CA VAL F 141 -34.15 -19.18 24.82
C VAL F 141 -33.09 -19.07 25.93
N GLU F 142 -33.37 -18.25 26.97
CA GLU F 142 -32.49 -18.07 28.13
C GLU F 142 -32.38 -19.39 28.90
N LEU F 143 -33.53 -20.03 29.20
CA LEU F 143 -33.63 -21.30 29.91
C LEU F 143 -32.98 -22.45 29.17
N TYR F 144 -33.15 -22.53 27.84
CA TYR F 144 -32.57 -23.60 27.05
C TYR F 144 -31.04 -23.43 26.89
N GLY F 145 -30.57 -22.20 26.84
CA GLY F 145 -29.14 -21.89 26.76
C GLY F 145 -28.42 -21.82 28.11
N ASN F 146 -29.10 -22.24 29.22
CA ASN F 146 -28.51 -22.23 30.55
C ASN F 146 -28.35 -23.66 31.07
N SER G 5 -13.77 40.87 -35.63
CA SER G 5 -13.84 40.00 -34.45
C SER G 5 -12.44 39.48 -34.02
N MET G 6 -11.48 39.44 -34.97
CA MET G 6 -10.14 39.00 -34.67
C MET G 6 -9.33 40.05 -33.90
N SER G 7 -9.55 41.36 -34.16
CA SER G 7 -8.86 42.47 -33.48
C SER G 7 -9.17 42.54 -31.96
N GLN G 8 -10.47 42.40 -31.59
CA GLN G 8 -10.96 42.40 -30.19
C GLN G 8 -10.46 41.17 -29.44
N SER G 9 -10.48 40.01 -30.12
CA SER G 9 -10.03 38.75 -29.56
C SER G 9 -8.51 38.75 -29.40
N ASN G 10 -7.77 39.38 -30.35
CA ASN G 10 -6.32 39.49 -30.28
C ASN G 10 -5.91 40.37 -29.10
N ARG G 11 -6.65 41.48 -28.87
CA ARG G 11 -6.40 42.36 -27.72
C ARG G 11 -6.64 41.62 -26.40
N GLU G 12 -7.69 40.80 -26.36
CA GLU G 12 -8.06 39.96 -25.20
C GLU G 12 -6.98 38.95 -24.85
N LEU G 13 -6.37 38.35 -25.87
CA LEU G 13 -5.27 37.39 -25.77
C LEU G 13 -4.04 38.09 -25.22
N VAL G 14 -3.74 39.31 -25.75
CA VAL G 14 -2.60 40.11 -25.30
C VAL G 14 -2.75 40.35 -23.77
N VAL G 15 -3.90 40.88 -23.34
CA VAL G 15 -4.18 41.22 -21.95
C VAL G 15 -4.08 39.99 -21.06
N ASP G 16 -4.68 38.87 -21.49
CA ASP G 16 -4.64 37.64 -20.74
C ASP G 16 -3.19 37.12 -20.58
N PHE G 17 -2.43 37.06 -21.68
CA PHE G 17 -1.07 36.55 -21.64
C PHE G 17 -0.18 37.43 -20.76
N LEU G 18 -0.30 38.75 -20.92
CA LEU G 18 0.51 39.69 -20.11
C LEU G 18 0.15 39.62 -18.64
N SER G 19 -1.17 39.50 -18.31
CA SER G 19 -1.63 39.35 -16.92
C SER G 19 -0.99 38.12 -16.28
N TYR G 20 -0.95 37.00 -17.04
CA TYR G 20 -0.37 35.75 -16.60
C TYR G 20 1.13 35.88 -16.31
N LYS G 21 1.91 36.43 -17.25
CA LYS G 21 3.36 36.60 -17.10
C LYS G 21 3.73 37.50 -15.94
N LEU G 22 3.01 38.60 -15.77
CA LEU G 22 3.20 39.50 -14.63
C LEU G 22 2.91 38.79 -13.30
N SER G 23 1.81 38.02 -13.22
CA SER G 23 1.43 37.27 -12.00
C SER G 23 2.47 36.20 -11.60
N GLN G 24 3.12 35.59 -12.60
CA GLN G 24 4.15 34.58 -12.34
C GLN G 24 5.35 35.15 -11.63
N LYS G 25 5.58 36.46 -11.76
CA LYS G 25 6.70 37.16 -11.13
C LYS G 25 6.26 37.97 -9.91
N GLY G 26 5.01 37.82 -9.51
CA GLY G 26 4.46 38.49 -8.33
C GLY G 26 3.85 39.85 -8.59
N TYR G 27 3.70 40.20 -9.88
CA TYR G 27 3.15 41.49 -10.28
C TYR G 27 1.73 41.31 -10.78
N SER G 28 1.02 42.41 -11.06
CA SER G 28 -0.35 42.30 -11.57
C SER G 28 -0.62 43.31 -12.64
N TRP G 29 -1.39 42.91 -13.66
CA TRP G 29 -1.82 43.76 -14.77
C TRP G 29 -2.66 44.93 -14.27
N SER G 30 -3.56 44.67 -13.29
CA SER G 30 -4.52 45.64 -12.72
C SER G 30 -4.97 45.12 -11.33
N GLN G 31 -5.72 45.96 -10.58
CA GLN G 31 -6.28 45.60 -9.26
C GLN G 31 -7.26 44.42 -9.40
N MET G 32 -8.06 44.40 -10.48
CA MET G 32 -8.99 43.30 -10.79
C MET G 32 -8.22 41.99 -11.03
N ALA G 33 -7.11 42.06 -11.80
CA ALA G 33 -6.24 40.90 -12.05
C ALA G 33 -5.68 40.37 -10.73
N ALA G 34 -5.31 41.27 -9.80
CA ALA G 34 -4.79 40.86 -8.47
C ALA G 34 -5.89 40.15 -7.66
N VAL G 35 -7.15 40.62 -7.74
CA VAL G 35 -8.26 39.97 -7.03
C VAL G 35 -8.47 38.57 -7.59
N LYS G 36 -8.52 38.45 -8.93
CA LYS G 36 -8.70 37.20 -9.65
C LYS G 36 -7.63 36.20 -9.27
N GLN G 37 -6.36 36.63 -9.28
CA GLN G 37 -5.22 35.78 -8.93
C GLN G 37 -5.26 35.31 -7.46
N ALA G 38 -5.53 36.22 -6.50
CA ALA G 38 -5.61 35.88 -5.07
C ALA G 38 -6.75 34.86 -4.83
N LEU G 39 -7.90 35.02 -5.50
CA LEU G 39 -9.05 34.13 -5.41
C LEU G 39 -8.75 32.76 -6.02
N ARG G 40 -8.02 32.70 -7.14
CA ARG G 40 -7.59 31.44 -7.77
C ARG G 40 -6.72 30.67 -6.79
N GLU G 41 -5.72 31.34 -6.20
CA GLU G 41 -4.78 30.73 -5.25
C GLU G 41 -5.46 30.36 -3.93
N ALA G 42 -6.40 31.21 -3.44
CA ALA G 42 -7.14 30.91 -2.20
C ALA G 42 -7.97 29.65 -2.38
N GLY G 43 -8.59 29.49 -3.55
CA GLY G 43 -9.39 28.33 -3.88
C GLY G 43 -8.58 27.06 -3.85
N ASP G 44 -7.39 27.09 -4.52
CA ASP G 44 -6.46 25.96 -4.51
C ASP G 44 -6.04 25.61 -3.10
N GLU G 45 -5.71 26.63 -2.30
CA GLU G 45 -5.27 26.45 -0.89
C GLU G 45 -6.37 25.83 -0.04
N PHE G 46 -7.60 26.38 -0.16
CA PHE G 46 -8.77 25.87 0.56
C PHE G 46 -9.06 24.38 0.18
N GLU G 47 -9.05 24.05 -1.13
CA GLU G 47 -9.32 22.69 -1.63
C GLU G 47 -8.27 21.70 -1.12
N LEU G 48 -7.06 22.19 -0.91
CA LEU G 48 -5.97 21.39 -0.39
C LEU G 48 -6.13 21.17 1.11
N ARG G 49 -6.35 22.26 1.86
CA ARG G 49 -6.47 22.22 3.33
C ARG G 49 -7.70 21.47 3.82
N TYR G 50 -8.81 21.52 3.07
CA TYR G 50 -10.07 20.90 3.48
C TYR G 50 -10.56 19.85 2.51
N ARG G 51 -9.65 19.11 1.92
CA ARG G 51 -9.95 18.09 0.89
C ARG G 51 -11.10 17.15 1.25
N ARG G 52 -10.99 16.47 2.39
CA ARG G 52 -11.99 15.51 2.84
C ARG G 52 -13.32 16.16 3.17
N ALA G 53 -13.32 17.22 4.00
CA ALA G 53 -14.55 17.95 4.39
C ALA G 53 -15.23 18.59 3.18
N PHE G 54 -14.45 19.14 2.22
CA PHE G 54 -14.94 19.75 0.99
C PHE G 54 -15.62 18.74 0.09
N SER G 55 -15.10 17.51 0.07
CA SER G 55 -15.67 16.41 -0.69
C SER G 55 -17.09 16.10 -0.15
N ASP G 56 -17.28 16.16 1.20
CA ASP G 56 -18.58 15.97 1.85
C ASP G 56 -19.56 17.08 1.49
N LEU G 57 -19.06 18.33 1.32
CA LEU G 57 -19.89 19.46 0.94
C LEU G 57 -20.39 19.35 -0.51
N THR G 58 -19.49 19.03 -1.46
CA THR G 58 -19.82 18.90 -2.89
C THR G 58 -20.80 17.76 -3.14
N SER G 59 -20.73 16.70 -2.32
CA SER G 59 -21.64 15.55 -2.37
C SER G 59 -23.09 15.90 -1.93
N GLN G 60 -23.30 17.05 -1.22
CA GLN G 60 -24.62 17.52 -0.74
C GLN G 60 -25.52 18.06 -1.85
N LEU G 61 -24.97 18.32 -3.04
CA LEU G 61 -25.75 18.80 -4.17
C LEU G 61 -25.40 18.02 -5.44
N HIS G 62 -26.37 17.26 -5.93
CA HIS G 62 -26.31 16.46 -7.15
C HIS G 62 -26.97 17.33 -8.23
N ILE G 63 -26.14 17.87 -9.11
CA ILE G 63 -26.58 18.80 -10.14
C ILE G 63 -26.99 18.09 -11.46
N THR G 64 -28.28 18.26 -11.85
CA THR G 64 -28.90 17.69 -13.06
C THR G 64 -29.79 18.77 -13.75
N PRO G 65 -30.23 18.63 -15.04
CA PRO G 65 -31.08 19.67 -15.63
C PRO G 65 -32.42 19.60 -14.91
N GLY G 66 -32.95 20.75 -14.55
CA GLY G 66 -34.16 20.81 -13.74
C GLY G 66 -33.91 21.27 -12.32
N THR G 67 -32.62 21.32 -11.88
CA THR G 67 -32.23 21.83 -10.56
C THR G 67 -32.45 23.35 -10.55
N ALA G 68 -33.20 23.82 -9.54
CA ALA G 68 -33.51 25.25 -9.40
C ALA G 68 -32.50 25.92 -8.48
N TYR G 69 -32.43 27.25 -8.55
CA TYR G 69 -31.56 28.08 -7.72
C TYR G 69 -31.71 27.77 -6.22
N GLN G 70 -32.95 27.59 -5.73
CA GLN G 70 -33.29 27.31 -4.34
C GLN G 70 -32.49 26.13 -3.75
N SER G 71 -32.27 25.06 -4.56
CA SER G 71 -31.51 23.88 -4.12
C SER G 71 -30.04 24.27 -3.90
N PHE G 72 -29.49 25.11 -4.80
CA PHE G 72 -28.12 25.62 -4.70
C PHE G 72 -28.02 26.53 -3.49
N GLU G 73 -28.94 27.51 -3.41
CA GLU G 73 -29.09 28.49 -2.35
C GLU G 73 -29.06 27.82 -0.97
N GLN G 74 -29.92 26.79 -0.76
CA GLN G 74 -30.01 26.07 0.51
C GLN G 74 -28.70 25.42 0.95
N VAL G 75 -27.96 24.74 0.04
CA VAL G 75 -26.66 24.11 0.35
C VAL G 75 -25.59 25.20 0.65
N VAL G 76 -25.61 26.30 -0.11
CA VAL G 76 -24.68 27.42 0.11
C VAL G 76 -25.01 28.18 1.42
N ASN G 77 -26.31 28.33 1.77
CA ASN G 77 -26.79 28.93 3.03
C ASN G 77 -26.21 28.20 4.24
N GLU G 78 -25.92 26.88 4.11
CA GLU G 78 -25.34 26.05 5.16
C GLU G 78 -23.86 26.45 5.42
N LEU G 79 -23.20 26.97 4.38
CA LEU G 79 -21.83 27.46 4.43
C LEU G 79 -21.80 28.79 5.18
N PHE G 80 -22.89 29.61 5.03
CA PHE G 80 -23.05 30.94 5.66
C PHE G 80 -24.10 30.93 6.77
N ARG G 81 -24.36 29.72 7.33
CA ARG G 81 -25.33 29.48 8.41
C ARG G 81 -25.03 30.38 9.61
N ASP G 82 -23.74 30.56 9.87
CA ASP G 82 -23.26 31.31 11.00
C ASP G 82 -22.37 32.49 10.63
N GLY G 83 -22.84 33.28 9.67
CA GLY G 83 -22.12 34.47 9.26
C GLY G 83 -21.16 34.31 8.11
N VAL G 84 -20.64 35.45 7.71
CA VAL G 84 -19.74 35.60 6.61
C VAL G 84 -18.33 35.94 7.10
N ASN G 85 -17.34 35.38 6.41
CA ASN G 85 -15.92 35.66 6.55
C ASN G 85 -15.29 35.35 5.20
N TRP G 86 -14.05 35.82 4.97
CA TRP G 86 -13.39 35.63 3.68
C TRP G 86 -13.18 34.16 3.31
N GLY G 87 -12.89 33.31 4.29
CA GLY G 87 -12.67 31.87 4.08
C GLY G 87 -13.88 31.14 3.56
N ARG G 88 -15.04 31.49 4.11
CA ARG G 88 -16.34 30.95 3.70
C ARG G 88 -16.69 31.41 2.28
N ILE G 89 -16.27 32.64 1.91
CA ILE G 89 -16.49 33.18 0.56
C ILE G 89 -15.62 32.37 -0.43
N VAL G 90 -14.37 32.05 -0.02
CA VAL G 90 -13.47 31.23 -0.81
C VAL G 90 -14.13 29.84 -1.03
N ALA G 91 -14.64 29.24 0.04
CA ALA G 91 -15.31 27.92 0.02
C ALA G 91 -16.51 27.92 -0.95
N PHE G 92 -17.28 29.04 -0.97
CA PHE G 92 -18.41 29.27 -1.87
C PHE G 92 -17.95 29.22 -3.34
N PHE G 93 -16.88 29.94 -3.66
CA PHE G 93 -16.30 29.93 -5.01
C PHE G 93 -15.84 28.55 -5.41
N SER G 94 -15.12 27.86 -4.50
CA SER G 94 -14.63 26.48 -4.72
C SER G 94 -15.81 25.51 -4.96
N PHE G 95 -16.90 25.67 -4.18
CA PHE G 95 -18.12 24.89 -4.30
C PHE G 95 -18.72 25.03 -5.72
N GLY G 96 -18.87 26.27 -6.19
CA GLY G 96 -19.37 26.57 -7.52
C GLY G 96 -18.50 25.94 -8.59
N GLY G 97 -17.18 26.08 -8.43
CA GLY G 97 -16.18 25.48 -9.31
C GLY G 97 -16.30 23.96 -9.40
N ALA G 98 -16.47 23.29 -8.26
CA ALA G 98 -16.64 21.82 -8.22
C ALA G 98 -17.97 21.36 -8.88
N LEU G 99 -19.05 22.15 -8.75
CA LEU G 99 -20.33 21.86 -9.39
C LEU G 99 -20.19 21.93 -10.91
N CYS G 100 -19.40 22.91 -11.43
CA CYS G 100 -19.14 23.08 -12.86
C CYS G 100 -18.31 21.93 -13.40
N VAL G 101 -17.26 21.50 -12.66
CA VAL G 101 -16.41 20.38 -13.03
C VAL G 101 -17.26 19.11 -13.15
N GLU G 102 -18.08 18.84 -12.12
CA GLU G 102 -18.98 17.69 -12.05
C GLU G 102 -19.98 17.69 -13.24
N SER G 103 -20.54 18.88 -13.57
CA SER G 103 -21.48 19.04 -14.70
C SER G 103 -20.81 18.65 -16.02
N VAL G 104 -19.56 19.10 -16.24
CA VAL G 104 -18.80 18.76 -17.45
C VAL G 104 -18.40 17.27 -17.42
N ASP G 105 -18.02 16.71 -16.25
CA ASP G 105 -17.70 15.29 -16.10
C ASP G 105 -18.90 14.42 -16.56
N LYS G 106 -20.13 14.81 -16.15
CA LYS G 106 -21.37 14.12 -16.47
C LYS G 106 -21.97 14.55 -17.84
N GLU G 107 -21.17 15.22 -18.68
CA GLU G 107 -21.54 15.70 -20.04
C GLU G 107 -22.83 16.57 -20.04
N MET G 108 -22.91 17.48 -19.07
CA MET G 108 -23.98 18.44 -18.86
C MET G 108 -23.37 19.86 -18.78
N GLN G 109 -22.52 20.19 -19.77
CA GLN G 109 -21.83 21.47 -19.91
C GLN G 109 -22.80 22.67 -19.88
N VAL G 110 -24.04 22.46 -20.31
CA VAL G 110 -25.14 23.44 -20.35
C VAL G 110 -25.43 24.03 -18.94
N LEU G 111 -25.19 23.27 -17.89
CA LEU G 111 -25.42 23.70 -16.51
C LEU G 111 -24.38 24.70 -15.95
N VAL G 112 -23.19 24.82 -16.59
CA VAL G 112 -22.10 25.71 -16.18
C VAL G 112 -22.57 27.19 -16.18
N SER G 113 -23.27 27.64 -17.25
CA SER G 113 -23.82 29.01 -17.36
C SER G 113 -24.85 29.27 -16.26
N ARG G 114 -25.66 28.26 -15.97
CA ARG G 114 -26.68 28.32 -14.93
C ARG G 114 -26.08 28.49 -13.54
N ILE G 115 -25.03 27.67 -13.22
CA ILE G 115 -24.29 27.72 -11.95
C ILE G 115 -23.66 29.12 -11.78
N ALA G 116 -23.02 29.65 -12.85
CA ALA G 116 -22.40 30.98 -12.85
C ALA G 116 -23.42 32.07 -12.49
N ALA G 117 -24.62 31.99 -13.08
CA ALA G 117 -25.70 32.93 -12.79
C ALA G 117 -26.22 32.78 -11.33
N TRP G 118 -26.27 31.55 -10.80
CA TRP G 118 -26.66 31.31 -9.40
C TRP G 118 -25.67 31.92 -8.44
N MET G 119 -24.37 31.79 -8.76
CA MET G 119 -23.28 32.32 -7.95
C MET G 119 -23.37 33.83 -7.90
N ALA G 120 -23.66 34.48 -9.05
CA ALA G 120 -23.78 35.95 -9.14
C ALA G 120 -24.97 36.40 -8.30
N THR G 121 -26.13 35.69 -8.38
CA THR G 121 -27.31 36.01 -7.58
C THR G 121 -27.00 35.87 -6.08
N TYR G 122 -26.32 34.76 -5.69
CA TYR G 122 -25.98 34.55 -4.29
C TYR G 122 -25.06 35.64 -3.75
N LEU G 123 -24.01 35.97 -4.52
CA LEU G 123 -23.08 37.05 -4.19
C LEU G 123 -23.81 38.38 -3.98
N ASN G 124 -24.63 38.78 -4.96
CA ASN G 124 -25.36 40.03 -4.90
C ASN G 124 -26.36 40.10 -3.75
N ASP G 125 -27.14 39.01 -3.53
CA ASP G 125 -28.17 38.96 -2.47
C ASP G 125 -27.61 38.79 -1.07
N HIS G 126 -26.54 38.01 -0.90
CA HIS G 126 -26.06 37.66 0.45
C HIS G 126 -24.70 38.17 0.86
N LEU G 127 -23.73 38.18 -0.05
CA LEU G 127 -22.35 38.46 0.32
C LEU G 127 -21.85 39.86 0.06
N GLU G 128 -22.34 40.51 -1.01
CA GLU G 128 -21.92 41.85 -1.41
C GLU G 128 -22.04 42.90 -0.29
N PRO G 129 -23.15 42.97 0.51
CA PRO G 129 -23.16 43.97 1.60
C PRO G 129 -22.02 43.73 2.60
N TRP G 130 -21.75 42.47 2.97
CA TRP G 130 -20.65 42.15 3.88
C TRP G 130 -19.30 42.52 3.26
N ILE G 131 -19.07 42.18 1.96
CA ILE G 131 -17.83 42.50 1.25
C ILE G 131 -17.54 43.99 1.34
N GLN G 132 -18.55 44.84 1.05
CA GLN G 132 -18.45 46.32 1.13
C GLN G 132 -18.15 46.83 2.53
N GLU G 133 -18.82 46.26 3.54
CA GLU G 133 -18.62 46.62 4.94
C GLU G 133 -17.26 46.16 5.49
N ASN G 134 -16.62 45.15 4.86
CA ASN G 134 -15.34 44.60 5.32
C ASN G 134 -14.12 44.93 4.42
N GLY G 135 -14.18 46.10 3.79
CA GLY G 135 -13.11 46.70 2.97
C GLY G 135 -12.99 46.31 1.52
N GLY G 136 -13.97 45.60 0.98
CA GLY G 136 -13.98 45.16 -0.41
C GLY G 136 -12.97 44.08 -0.74
N TRP G 137 -12.92 43.68 -2.01
CA TRP G 137 -11.99 42.67 -2.53
C TRP G 137 -10.52 43.06 -2.37
N ASP G 138 -10.23 44.38 -2.30
CA ASP G 138 -8.87 44.90 -2.09
C ASP G 138 -8.32 44.49 -0.73
N THR G 139 -9.17 44.46 0.31
CA THR G 139 -8.77 44.01 1.65
C THR G 139 -8.52 42.50 1.65
N PHE G 140 -9.33 41.72 0.89
CA PHE G 140 -9.13 40.28 0.74
C PHE G 140 -7.74 40.04 0.16
N VAL G 141 -7.33 40.81 -0.87
CA VAL G 141 -6.02 40.70 -1.54
C VAL G 141 -4.89 40.97 -0.52
N GLU G 142 -5.06 42.01 0.32
CA GLU G 142 -4.10 42.39 1.35
C GLU G 142 -3.96 41.28 2.38
N LEU G 143 -5.09 40.76 2.89
CA LEU G 143 -5.16 39.69 3.88
C LEU G 143 -4.59 38.39 3.36
N TYR G 144 -4.88 38.04 2.09
CA TYR G 144 -4.37 36.80 1.52
C TYR G 144 -2.85 36.85 1.25
N GLY G 145 -2.34 38.01 0.90
CA GLY G 145 -0.92 38.21 0.63
C GLY G 145 -0.08 38.64 1.83
N SER H 5 -22.11 47.34 -12.20
CA SER H 5 -21.21 48.04 -11.29
C SER H 5 -20.52 47.01 -10.38
N MET H 6 -21.25 46.51 -9.37
CA MET H 6 -20.85 45.45 -8.46
C MET H 6 -21.18 44.12 -9.12
N SER H 7 -22.33 44.04 -9.85
CA SER H 7 -22.78 42.84 -10.57
C SER H 7 -21.81 42.51 -11.70
N GLN H 8 -21.33 43.54 -12.48
CA GLN H 8 -20.40 43.35 -13.60
C GLN H 8 -19.00 42.85 -13.14
N SER H 9 -18.52 43.37 -11.99
CA SER H 9 -17.25 43.01 -11.39
C SER H 9 -17.37 41.65 -10.71
N ASN H 10 -18.53 41.37 -10.06
CA ASN H 10 -18.78 40.07 -9.43
C ASN H 10 -18.89 38.98 -10.48
N ARG H 11 -19.54 39.28 -11.63
CA ARG H 11 -19.66 38.33 -12.74
C ARG H 11 -18.31 38.03 -13.33
N GLU H 12 -17.44 39.04 -13.45
CA GLU H 12 -16.07 38.92 -13.96
C GLU H 12 -15.26 37.95 -13.09
N LEU H 13 -15.41 38.08 -11.77
CA LEU H 13 -14.76 37.29 -10.75
C LEU H 13 -15.25 35.84 -10.84
N VAL H 14 -16.58 35.62 -10.98
CA VAL H 14 -17.21 34.29 -11.12
C VAL H 14 -16.66 33.58 -12.37
N VAL H 15 -16.69 34.30 -13.55
CA VAL H 15 -16.24 33.76 -14.82
C VAL H 15 -14.79 33.38 -14.76
N ASP H 16 -13.95 34.26 -14.22
CA ASP H 16 -12.53 33.98 -14.07
C ASP H 16 -12.26 32.73 -13.22
N PHE H 17 -12.91 32.64 -12.04
CA PHE H 17 -12.68 31.54 -11.12
C PHE H 17 -13.14 30.22 -11.74
N LEU H 18 -14.33 30.21 -12.34
CA LEU H 18 -14.88 29.02 -12.99
C LEU H 18 -14.03 28.57 -14.17
N SER H 19 -13.53 29.52 -14.98
CA SER H 19 -12.64 29.22 -16.11
C SER H 19 -11.41 28.52 -15.63
N TYR H 20 -10.83 29.02 -14.52
CA TYR H 20 -9.64 28.45 -13.91
C TYR H 20 -9.84 27.03 -13.43
N LYS H 21 -10.92 26.76 -12.69
CA LYS H 21 -11.22 25.43 -12.16
C LYS H 21 -11.47 24.42 -13.24
N LEU H 22 -12.24 24.82 -14.30
CA LEU H 22 -12.49 23.95 -15.43
C LEU H 22 -11.17 23.60 -16.16
N SER H 23 -10.28 24.59 -16.37
CA SER H 23 -8.99 24.42 -17.07
C SER H 23 -8.04 23.47 -16.31
N GLN H 24 -8.10 23.50 -14.97
CA GLN H 24 -7.28 22.63 -14.14
C GLN H 24 -7.62 21.16 -14.33
N LYS H 25 -8.85 20.85 -14.76
CA LYS H 25 -9.32 19.49 -15.04
C LYS H 25 -9.34 19.16 -16.54
N GLY H 26 -8.78 20.04 -17.36
CA GLY H 26 -8.69 19.86 -18.80
C GLY H 26 -9.91 20.29 -19.60
N TYR H 27 -10.82 21.03 -18.96
CA TYR H 27 -12.02 21.58 -19.57
C TYR H 27 -11.85 23.08 -19.81
N SER H 28 -12.79 23.70 -20.51
CA SER H 28 -12.73 25.13 -20.77
C SER H 28 -14.09 25.76 -20.65
N TRP H 29 -14.13 27.00 -20.11
CA TRP H 29 -15.33 27.81 -19.97
C TRP H 29 -15.92 28.15 -21.33
N SER H 30 -15.04 28.46 -22.30
CA SER H 30 -15.40 28.90 -23.66
C SER H 30 -14.22 28.63 -24.62
N GLN H 31 -14.44 28.82 -25.93
CA GLN H 31 -13.40 28.65 -26.95
C GLN H 31 -12.26 29.66 -26.73
N MET H 32 -12.61 30.89 -26.31
CA MET H 32 -11.65 31.95 -25.98
C MET H 32 -10.81 31.56 -24.78
N ALA H 33 -11.45 30.98 -23.73
CA ALA H 33 -10.72 30.50 -22.53
C ALA H 33 -9.73 29.39 -22.92
N ALA H 34 -10.10 28.52 -23.86
CA ALA H 34 -9.22 27.45 -24.36
C ALA H 34 -8.01 28.04 -25.09
N VAL H 35 -8.23 29.11 -25.88
CA VAL H 35 -7.14 29.76 -26.60
C VAL H 35 -6.17 30.41 -25.60
N LYS H 36 -6.71 31.14 -24.60
CA LYS H 36 -5.95 31.82 -23.56
C LYS H 36 -5.09 30.81 -22.77
N GLN H 37 -5.69 29.67 -22.37
CA GLN H 37 -4.98 28.63 -21.65
C GLN H 37 -3.85 27.99 -22.48
N ALA H 38 -4.13 27.64 -23.74
CA ALA H 38 -3.13 27.04 -24.64
C ALA H 38 -1.94 27.98 -24.84
N LEU H 39 -2.21 29.28 -24.98
CA LEU H 39 -1.18 30.29 -25.16
C LEU H 39 -0.35 30.51 -23.90
N ARG H 40 -1.00 30.51 -22.71
CA ARG H 40 -0.30 30.60 -21.43
C ARG H 40 0.72 29.44 -21.30
N GLU H 41 0.27 28.20 -21.60
CA GLU H 41 1.09 26.98 -21.51
C GLU H 41 2.16 26.95 -22.58
N ALA H 42 1.81 27.38 -23.81
CA ALA H 42 2.79 27.41 -24.91
C ALA H 42 3.94 28.37 -24.58
N GLY H 43 3.61 29.51 -23.97
CA GLY H 43 4.58 30.53 -23.58
C GLY H 43 5.55 29.98 -22.56
N ASP H 44 5.02 29.28 -21.53
CA ASP H 44 5.86 28.63 -20.49
C ASP H 44 6.78 27.58 -21.14
N GLU H 45 6.22 26.73 -22.03
CA GLU H 45 6.99 25.70 -22.72
C GLU H 45 8.14 26.31 -23.56
N PHE H 46 7.82 27.34 -24.34
CA PHE H 46 8.77 28.04 -25.18
C PHE H 46 9.93 28.65 -24.33
N GLU H 47 9.58 29.36 -23.21
CA GLU H 47 10.55 29.99 -22.31
C GLU H 47 11.47 28.97 -21.65
N LEU H 48 10.95 27.76 -21.45
CA LEU H 48 11.70 26.67 -20.87
C LEU H 48 12.65 26.05 -21.91
N ARG H 49 12.12 25.71 -23.12
CA ARG H 49 12.89 25.08 -24.20
C ARG H 49 14.00 25.96 -24.76
N TYR H 50 13.77 27.28 -24.82
CA TYR H 50 14.70 28.21 -25.44
C TYR H 50 15.17 29.27 -24.50
N ARG H 51 15.36 28.93 -23.22
CA ARG H 51 15.82 29.85 -22.18
C ARG H 51 17.03 30.71 -22.59
N ARG H 52 18.12 30.07 -23.04
CA ARG H 52 19.35 30.75 -23.45
C ARG H 52 19.16 31.64 -24.69
N ALA H 53 18.57 31.11 -25.78
CA ALA H 53 18.35 31.85 -27.01
C ALA H 53 17.35 33.00 -26.79
N PHE H 54 16.32 32.78 -25.93
CA PHE H 54 15.29 33.77 -25.60
C PHE H 54 15.89 34.90 -24.82
N SER H 55 16.87 34.59 -23.96
CA SER H 55 17.61 35.59 -23.20
C SER H 55 18.34 36.55 -24.16
N ASP H 56 18.96 36.01 -25.23
CA ASP H 56 19.64 36.79 -26.27
C ASP H 56 18.65 37.68 -27.03
N LEU H 57 17.42 37.18 -27.25
CA LEU H 57 16.37 37.97 -27.93
C LEU H 57 15.90 39.16 -27.06
N THR H 58 15.58 38.90 -25.76
CA THR H 58 15.05 39.91 -24.84
C THR H 58 16.07 41.01 -24.55
N SER H 59 17.38 40.65 -24.64
CA SER H 59 18.49 41.60 -24.49
C SER H 59 18.60 42.60 -25.65
N GLN H 60 17.99 42.29 -26.80
CA GLN H 60 17.97 43.16 -28.01
C GLN H 60 17.14 44.43 -27.87
N LEU H 61 16.26 44.50 -26.86
CA LEU H 61 15.39 45.67 -26.72
C LEU H 61 15.10 45.92 -25.26
N HIS H 62 15.33 47.15 -24.83
CA HIS H 62 14.99 47.55 -23.47
C HIS H 62 14.14 48.83 -23.59
N ILE H 63 12.85 48.69 -23.27
CA ILE H 63 11.85 49.77 -23.37
C ILE H 63 12.09 50.86 -22.31
N THR H 64 12.15 52.11 -22.78
CA THR H 64 12.24 53.32 -21.94
C THR H 64 10.96 54.15 -22.24
N PRO H 65 10.66 55.23 -21.46
CA PRO H 65 9.50 56.10 -21.82
C PRO H 65 9.63 56.80 -23.19
N GLY H 66 10.82 56.75 -23.80
CA GLY H 66 11.07 57.36 -25.10
C GLY H 66 11.05 56.40 -26.30
N THR H 67 10.88 55.11 -26.04
CA THR H 67 10.85 54.07 -27.08
C THR H 67 9.59 54.19 -27.92
N ALA H 68 9.79 54.20 -29.25
CA ALA H 68 8.70 54.25 -30.22
C ALA H 68 8.32 52.82 -30.67
N TYR H 69 7.11 52.61 -31.15
CA TYR H 69 6.61 51.33 -31.66
C TYR H 69 7.58 50.71 -32.70
N GLN H 70 8.13 51.54 -33.59
CA GLN H 70 9.05 51.14 -34.67
C GLN H 70 10.24 50.33 -34.18
N SER H 71 10.80 50.66 -33.01
CA SER H 71 11.90 49.91 -32.40
C SER H 71 11.46 48.50 -32.00
N PHE H 72 10.22 48.40 -31.47
CA PHE H 72 9.62 47.12 -31.07
C PHE H 72 9.32 46.30 -32.35
N GLU H 73 8.68 46.96 -33.34
CA GLU H 73 8.35 46.33 -34.63
C GLU H 73 9.58 45.75 -35.35
N GLN H 74 10.69 46.49 -35.34
CA GLN H 74 11.95 46.05 -35.93
C GLN H 74 12.51 44.78 -35.30
N VAL H 75 12.40 44.64 -33.96
CA VAL H 75 12.89 43.44 -33.26
C VAL H 75 11.97 42.25 -33.56
N VAL H 76 10.67 42.48 -33.49
CA VAL H 76 9.64 41.47 -33.74
C VAL H 76 9.70 40.97 -35.21
N ASN H 77 9.96 41.88 -36.17
CA ASN H 77 10.11 41.54 -37.59
C ASN H 77 11.21 40.53 -37.82
N GLU H 78 12.34 40.60 -37.06
CA GLU H 78 13.40 39.59 -37.18
C GLU H 78 12.92 38.19 -36.78
N LEU H 79 12.01 38.08 -35.80
CA LEU H 79 11.40 36.81 -35.40
C LEU H 79 10.65 36.16 -36.58
N PHE H 80 10.06 36.99 -37.48
CA PHE H 80 9.24 36.51 -38.60
C PHE H 80 9.85 36.67 -39.99
N ARG H 81 11.16 36.94 -40.09
CA ARG H 81 11.74 37.14 -41.41
C ARG H 81 11.79 35.84 -42.26
N ASP H 82 11.84 34.66 -41.62
CA ASP H 82 11.79 33.37 -42.33
C ASP H 82 10.32 32.90 -42.54
N GLY H 83 9.36 33.79 -42.32
CA GLY H 83 7.93 33.49 -42.42
C GLY H 83 7.27 33.32 -41.07
N VAL H 84 5.95 33.23 -41.07
CA VAL H 84 5.15 33.07 -39.85
C VAL H 84 4.82 31.59 -39.63
N ASN H 85 4.80 31.17 -38.37
CA ASN H 85 4.36 29.85 -37.90
C ASN H 85 3.88 30.07 -36.47
N TRP H 86 3.16 29.10 -35.92
CA TRP H 86 2.60 29.24 -34.58
C TRP H 86 3.66 29.41 -33.49
N GLY H 87 4.81 28.73 -33.62
CA GLY H 87 5.91 28.77 -32.66
C GLY H 87 6.55 30.13 -32.55
N ARG H 88 6.69 30.80 -33.68
CA ARG H 88 7.19 32.18 -33.79
C ARG H 88 6.19 33.17 -33.19
N ILE H 89 4.88 32.87 -33.29
CA ILE H 89 3.81 33.68 -32.68
C ILE H 89 3.87 33.53 -31.16
N VAL H 90 4.13 32.31 -30.67
CA VAL H 90 4.32 32.06 -29.25
C VAL H 90 5.52 32.88 -28.74
N ALA H 91 6.65 32.86 -29.47
CA ALA H 91 7.88 33.58 -29.14
C ALA H 91 7.60 35.07 -29.04
N PHE H 92 6.78 35.61 -29.96
CA PHE H 92 6.33 37.01 -29.97
C PHE H 92 5.59 37.37 -28.66
N PHE H 93 4.65 36.51 -28.24
CA PHE H 93 3.91 36.71 -26.98
C PHE H 93 4.88 36.70 -25.79
N SER H 94 5.75 35.68 -25.72
CA SER H 94 6.78 35.55 -24.68
C SER H 94 7.69 36.79 -24.62
N PHE H 95 8.09 37.33 -25.78
CA PHE H 95 8.93 38.50 -25.89
C PHE H 95 8.22 39.71 -25.25
N GLY H 96 6.95 39.94 -25.63
CA GLY H 96 6.12 40.99 -25.06
C GLY H 96 6.00 40.87 -23.54
N GLY H 97 5.72 39.64 -23.07
CA GLY H 97 5.65 39.32 -21.65
C GLY H 97 6.95 39.66 -20.91
N ALA H 98 8.12 39.33 -21.51
CA ALA H 98 9.41 39.66 -20.85
C ALA H 98 9.67 41.19 -20.82
N LEU H 99 9.21 41.93 -21.86
CA LEU H 99 9.33 43.40 -21.90
C LEU H 99 8.54 44.03 -20.76
N CYS H 100 7.32 43.51 -20.52
CA CYS H 100 6.45 43.98 -19.43
C CYS H 100 7.05 43.68 -18.05
N VAL H 101 7.58 42.46 -17.85
CA VAL H 101 8.23 42.04 -16.61
C VAL H 101 9.40 42.96 -16.29
N GLU H 102 10.29 43.18 -17.29
CA GLU H 102 11.45 44.06 -17.18
C GLU H 102 11.00 45.52 -16.80
N SER H 103 9.91 46.03 -17.43
CA SER H 103 9.39 47.38 -17.15
C SER H 103 8.96 47.49 -15.69
N VAL H 104 8.27 46.47 -15.17
CA VAL H 104 7.85 46.45 -13.77
C VAL H 104 9.06 46.27 -12.84
N ASP H 105 10.06 45.45 -13.25
CA ASP H 105 11.30 45.26 -12.46
C ASP H 105 11.99 46.60 -12.26
N LYS H 106 12.04 47.43 -13.32
CA LYS H 106 12.70 48.76 -13.33
C LYS H 106 11.74 49.89 -12.85
N GLU H 107 10.63 49.52 -12.22
CA GLU H 107 9.61 50.43 -11.65
C GLU H 107 9.02 51.41 -12.71
N MET H 108 8.78 50.91 -13.92
CA MET H 108 8.22 51.64 -15.05
C MET H 108 6.96 50.90 -15.55
N GLN H 109 6.02 50.58 -14.60
CA GLN H 109 4.75 49.89 -14.88
C GLN H 109 3.93 50.61 -15.96
N VAL H 110 4.08 51.93 -16.07
CA VAL H 110 3.40 52.79 -17.04
C VAL H 110 3.62 52.30 -18.50
N LEU H 111 4.77 51.65 -18.77
CA LEU H 111 5.13 51.12 -20.09
C LEU H 111 4.40 49.86 -20.50
N VAL H 112 3.79 49.17 -19.54
CA VAL H 112 3.07 47.92 -19.77
C VAL H 112 1.91 48.09 -20.74
N SER H 113 1.06 49.09 -20.50
CA SER H 113 -0.07 49.42 -21.36
C SER H 113 0.38 49.77 -22.78
N ARG H 114 1.53 50.45 -22.89
CA ARG H 114 2.13 50.78 -24.18
C ARG H 114 2.61 49.51 -24.92
N ILE H 115 3.29 48.59 -24.18
CA ILE H 115 3.78 47.33 -24.76
C ILE H 115 2.58 46.50 -25.29
N ALA H 116 1.50 46.41 -24.48
CA ALA H 116 0.25 45.71 -24.81
C ALA H 116 -0.37 46.25 -26.07
N ALA H 117 -0.39 47.59 -26.23
CA ALA H 117 -0.91 48.25 -27.44
C ALA H 117 -0.03 47.93 -28.66
N TRP H 118 1.29 47.91 -28.50
CA TRP H 118 2.22 47.56 -29.59
C TRP H 118 2.01 46.11 -30.05
N MET H 119 1.81 45.19 -29.07
CA MET H 119 1.56 43.78 -29.37
C MET H 119 0.25 43.60 -30.20
N ALA H 120 -0.84 44.23 -29.74
CA ALA H 120 -2.12 44.22 -30.45
C ALA H 120 -1.98 44.82 -31.87
N THR H 121 -1.26 45.95 -32.02
CA THR H 121 -1.06 46.60 -33.33
C THR H 121 -0.27 45.63 -34.23
N TYR H 122 0.82 45.03 -33.71
CA TYR H 122 1.63 44.12 -34.51
C TYR H 122 0.78 42.93 -35.00
N LEU H 123 0.03 42.29 -34.08
CA LEU H 123 -0.87 41.18 -34.44
C LEU H 123 -1.86 41.57 -35.55
N ASN H 124 -2.58 42.68 -35.36
CA ASN H 124 -3.57 43.14 -36.32
C ASN H 124 -2.98 43.58 -37.69
N ASP H 125 -1.86 44.32 -37.67
CA ASP H 125 -1.21 44.81 -38.90
C ASP H 125 -0.37 43.77 -39.64
N HIS H 126 0.24 42.81 -38.92
CA HIS H 126 1.13 41.85 -39.56
C HIS H 126 0.67 40.39 -39.60
N LEU H 127 0.14 39.87 -38.49
CA LEU H 127 -0.12 38.43 -38.26
C LEU H 127 -1.53 37.94 -38.52
N GLU H 128 -2.56 38.79 -38.29
CA GLU H 128 -3.98 38.47 -38.49
C GLU H 128 -4.25 37.82 -39.89
N PRO H 129 -3.73 38.35 -41.04
CA PRO H 129 -3.96 37.64 -42.32
C PRO H 129 -3.44 36.20 -42.32
N TRP H 130 -2.24 35.95 -41.76
CA TRP H 130 -1.68 34.59 -41.65
C TRP H 130 -2.52 33.71 -40.72
N ILE H 131 -2.92 34.24 -39.55
CA ILE H 131 -3.76 33.54 -38.56
C ILE H 131 -5.03 33.04 -39.24
N GLN H 132 -5.74 33.91 -40.00
CA GLN H 132 -6.97 33.57 -40.74
C GLN H 132 -6.73 32.50 -41.79
N GLU H 133 -5.63 32.61 -42.55
CA GLU H 133 -5.27 31.67 -43.61
C GLU H 133 -4.85 30.29 -43.06
N ASN H 134 -4.41 30.24 -41.79
CA ASN H 134 -3.94 29.00 -41.19
C ASN H 134 -4.87 28.43 -40.13
N GLY H 135 -6.17 28.67 -40.28
CA GLY H 135 -7.23 28.09 -39.46
C GLY H 135 -7.65 28.77 -38.18
N GLY H 136 -7.15 29.99 -37.95
CA GLY H 136 -7.45 30.77 -36.76
C GLY H 136 -6.85 30.19 -35.48
N TRP H 137 -7.16 30.84 -34.35
CA TRP H 137 -6.70 30.43 -33.02
C TRP H 137 -7.17 29.05 -32.60
N ASP H 138 -8.33 28.60 -33.16
CA ASP H 138 -8.91 27.26 -32.89
C ASP H 138 -7.99 26.14 -33.38
N THR H 139 -7.29 26.37 -34.52
CA THR H 139 -6.32 25.43 -35.09
C THR H 139 -5.07 25.40 -34.21
N PHE H 140 -4.66 26.56 -33.64
CA PHE H 140 -3.52 26.64 -32.73
C PHE H 140 -3.80 25.76 -31.53
N VAL H 141 -5.01 25.84 -30.96
CA VAL H 141 -5.47 25.04 -29.81
C VAL H 141 -5.41 23.53 -30.13
N GLU H 142 -5.87 23.15 -31.33
CA GLU H 142 -5.86 21.75 -31.81
C GLU H 142 -4.42 21.26 -31.90
N LEU H 143 -3.55 22.03 -32.57
CA LEU H 143 -2.13 21.72 -32.78
C LEU H 143 -1.36 21.67 -31.48
N TYR H 144 -1.64 22.57 -30.53
CA TYR H 144 -0.93 22.58 -29.25
C TYR H 144 -1.35 21.39 -28.36
N GLY H 145 -2.61 20.98 -28.46
CA GLY H 145 -3.16 19.82 -27.75
C GLY H 145 -2.94 18.47 -28.42
N ASN H 146 -2.23 18.42 -29.56
CA ASN H 146 -1.95 17.15 -30.26
C ASN H 146 -0.46 16.80 -30.22
N SER I 7 -11.03 22.54 56.99
CA SER I 7 -10.22 22.08 55.85
C SER I 7 -10.64 20.69 55.35
N GLN I 8 -11.17 20.65 54.10
CA GLN I 8 -11.62 19.46 53.38
C GLN I 8 -10.42 18.56 53.07
N SER I 9 -9.27 19.20 52.73
CA SER I 9 -8.01 18.53 52.42
C SER I 9 -7.47 17.80 53.64
N ASN I 10 -7.60 18.41 54.85
CA ASN I 10 -7.15 17.81 56.10
C ASN I 10 -8.02 16.60 56.44
N ARG I 11 -9.36 16.71 56.20
CA ARG I 11 -10.29 15.60 56.42
C ARG I 11 -9.98 14.45 55.46
N GLU I 12 -9.61 14.76 54.18
CA GLU I 12 -9.22 13.79 53.15
C GLU I 12 -7.98 13.00 53.59
N LEU I 13 -7.00 13.68 54.18
CA LEU I 13 -5.76 13.11 54.69
C LEU I 13 -6.06 12.18 55.86
N VAL I 14 -6.95 12.62 56.77
CA VAL I 14 -7.34 11.83 57.95
C VAL I 14 -7.98 10.54 57.49
N VAL I 15 -8.99 10.66 56.61
CA VAL I 15 -9.75 9.54 56.06
C VAL I 15 -8.76 8.58 55.43
N ASP I 16 -7.89 9.06 54.50
CA ASP I 16 -6.91 8.21 53.82
C ASP I 16 -5.99 7.47 54.78
N PHE I 17 -5.41 8.18 55.76
CA PHE I 17 -4.46 7.55 56.70
C PHE I 17 -5.16 6.49 57.54
N LEU I 18 -6.39 6.81 58.03
CA LEU I 18 -7.18 5.86 58.83
C LEU I 18 -7.60 4.63 58.01
N SER I 19 -7.99 4.83 56.75
CA SER I 19 -8.35 3.72 55.86
C SER I 19 -7.18 2.77 55.72
N TYR I 20 -5.97 3.34 55.57
CA TYR I 20 -4.73 2.58 55.42
C TYR I 20 -4.41 1.73 56.64
N LYS I 21 -4.45 2.35 57.84
CA LYS I 21 -4.14 1.64 59.10
C LYS I 21 -5.12 0.50 59.37
N LEU I 22 -6.41 0.70 59.00
CA LEU I 22 -7.46 -0.32 59.13
C LEU I 22 -7.19 -1.49 58.17
N SER I 23 -6.91 -1.18 56.89
CA SER I 23 -6.62 -2.17 55.84
C SER I 23 -5.37 -3.04 56.16
N GLN I 24 -4.42 -2.51 56.94
CA GLN I 24 -3.22 -3.27 57.34
C GLN I 24 -3.59 -4.36 58.32
N LYS I 25 -4.67 -4.16 59.12
CA LYS I 25 -5.17 -5.12 60.11
C LYS I 25 -6.37 -5.93 59.57
N GLY I 26 -6.62 -5.80 58.25
CA GLY I 26 -7.68 -6.48 57.51
C GLY I 26 -9.04 -5.81 57.50
N TYR I 27 -9.23 -4.75 58.33
CA TYR I 27 -10.48 -3.96 58.46
C TYR I 27 -10.59 -2.95 57.31
N SER I 28 -11.76 -2.33 57.16
CA SER I 28 -11.93 -1.31 56.13
C SER I 28 -12.74 -0.14 56.64
N TRP I 29 -12.37 1.06 56.18
CA TRP I 29 -13.01 2.32 56.53
C TRP I 29 -14.44 2.35 55.96
N SER I 30 -14.61 1.84 54.72
CA SER I 30 -15.84 1.80 53.96
C SER I 30 -15.83 0.64 52.97
N GLN I 31 -17.01 0.28 52.39
CA GLN I 31 -17.10 -0.80 51.40
C GLN I 31 -16.32 -0.45 50.13
N MET I 32 -16.31 0.85 49.75
CA MET I 32 -15.56 1.36 48.60
C MET I 32 -14.06 1.19 48.85
N ALA I 33 -13.60 1.49 50.11
CA ALA I 33 -12.22 1.34 50.57
C ALA I 33 -11.77 -0.11 50.43
N ALA I 34 -12.67 -1.06 50.74
CA ALA I 34 -12.42 -2.50 50.61
C ALA I 34 -12.28 -2.92 49.12
N VAL I 35 -13.14 -2.35 48.24
CA VAL I 35 -13.06 -2.65 46.80
C VAL I 35 -11.70 -2.16 46.22
N LYS I 36 -11.33 -0.92 46.56
CA LYS I 36 -10.09 -0.28 46.13
C LYS I 36 -8.89 -1.12 46.53
N GLN I 37 -8.84 -1.58 47.81
CA GLN I 37 -7.76 -2.41 48.36
C GLN I 37 -7.66 -3.78 47.67
N ALA I 38 -8.79 -4.45 47.47
CA ALA I 38 -8.82 -5.75 46.79
C ALA I 38 -8.30 -5.65 45.34
N LEU I 39 -8.67 -4.57 44.63
CA LEU I 39 -8.22 -4.34 43.26
C LEU I 39 -6.70 -4.00 43.21
N ARG I 40 -6.20 -3.21 44.19
CA ARG I 40 -4.79 -2.88 44.27
C ARG I 40 -3.95 -4.17 44.44
N GLU I 41 -4.37 -5.06 45.36
CA GLU I 41 -3.72 -6.36 45.63
C GLU I 41 -3.84 -7.33 44.46
N ALA I 42 -4.99 -7.35 43.79
CA ALA I 42 -5.20 -8.21 42.62
C ALA I 42 -4.23 -7.84 41.47
N GLY I 43 -4.00 -6.53 41.25
CA GLY I 43 -3.10 -6.02 40.21
C GLY I 43 -1.68 -6.43 40.47
N ASP I 44 -1.25 -6.31 41.72
CA ASP I 44 0.08 -6.75 42.12
C ASP I 44 0.26 -8.24 41.82
N GLU I 45 -0.73 -9.09 42.21
CA GLU I 45 -0.70 -10.54 41.95
C GLU I 45 -0.64 -10.85 40.47
N PHE I 46 -1.39 -10.12 39.65
CA PHE I 46 -1.38 -10.31 38.20
C PHE I 46 -0.02 -10.02 37.59
N GLU I 47 0.55 -8.83 37.91
CA GLU I 47 1.82 -8.33 37.40
C GLU I 47 2.99 -9.26 37.75
N LEU I 48 2.89 -9.91 38.91
CA LEU I 48 3.87 -10.86 39.39
C LEU I 48 3.79 -12.18 38.60
N ARG I 49 2.59 -12.79 38.56
CA ARG I 49 2.34 -14.08 37.92
C ARG I 49 2.43 -14.03 36.40
N TYR I 50 2.09 -12.89 35.78
CA TYR I 50 2.10 -12.82 34.32
C TYR I 50 3.00 -11.75 33.78
N ARG I 51 4.16 -11.56 34.45
CA ARG I 51 5.18 -10.59 34.07
C ARG I 51 5.53 -10.61 32.59
N ARG I 52 5.86 -11.79 32.06
CA ARG I 52 6.27 -11.97 30.65
C ARG I 52 5.16 -11.68 29.67
N ALA I 53 3.98 -12.31 29.84
CA ALA I 53 2.83 -12.10 28.96
C ALA I 53 2.35 -10.67 28.99
N PHE I 54 2.34 -10.05 30.19
CA PHE I 54 1.93 -8.66 30.41
C PHE I 54 2.88 -7.68 29.71
N SER I 55 4.17 -8.01 29.67
CA SER I 55 5.19 -7.22 29.00
C SER I 55 4.89 -7.18 27.48
N ASP I 56 4.44 -8.32 26.90
CA ASP I 56 4.08 -8.44 25.49
C ASP I 56 2.89 -7.59 25.18
N LEU I 57 1.91 -7.51 26.11
CA LEU I 57 0.71 -6.70 25.97
C LEU I 57 1.02 -5.21 25.98
N THR I 58 1.78 -4.72 26.99
CA THR I 58 2.15 -3.31 27.15
C THR I 58 2.97 -2.78 25.95
N SER I 59 3.80 -3.66 25.34
CA SER I 59 4.60 -3.36 24.15
C SER I 59 3.74 -3.12 22.88
N GLN I 60 2.47 -3.62 22.84
CA GLN I 60 1.54 -3.48 21.71
C GLN I 60 1.03 -2.05 21.50
N LEU I 61 1.19 -1.19 22.51
CA LEU I 61 0.74 0.20 22.43
C LEU I 61 1.87 1.17 22.75
N HIS I 62 2.30 1.87 21.70
CA HIS I 62 3.35 2.88 21.77
C HIS I 62 2.69 4.25 21.92
N ILE I 63 2.43 4.59 23.16
CA ILE I 63 1.75 5.79 23.56
C ILE I 63 2.59 7.06 23.26
N THR I 64 2.01 7.99 22.45
CA THR I 64 2.61 9.28 22.04
C THR I 64 1.58 10.39 22.31
N PRO I 65 1.97 11.70 22.30
CA PRO I 65 0.97 12.77 22.50
C PRO I 65 -0.14 12.83 21.44
N GLY I 66 -0.01 12.05 20.37
CA GLY I 66 -0.98 11.98 19.28
C GLY I 66 -1.86 10.74 19.31
N THR I 67 -1.65 9.83 20.30
CA THR I 67 -2.44 8.62 20.44
C THR I 67 -3.87 8.96 20.87
N ALA I 68 -4.85 8.46 20.10
CA ALA I 68 -6.27 8.61 20.39
C ALA I 68 -6.78 7.29 20.99
N TYR I 69 -7.96 7.37 21.59
CA TYR I 69 -8.67 6.28 22.23
C TYR I 69 -8.74 5.00 21.41
N GLN I 70 -9.02 5.13 20.09
CA GLN I 70 -9.14 4.00 19.15
C GLN I 70 -7.96 3.02 19.22
N SER I 71 -6.71 3.57 19.33
CA SER I 71 -5.45 2.80 19.44
C SER I 71 -5.43 1.99 20.73
N PHE I 72 -5.98 2.57 21.83
CA PHE I 72 -6.08 1.92 23.14
C PHE I 72 -7.18 0.85 23.09
N GLU I 73 -8.36 1.20 22.56
CA GLU I 73 -9.53 0.32 22.41
C GLU I 73 -9.20 -0.96 21.62
N GLN I 74 -8.44 -0.81 20.52
CA GLN I 74 -8.00 -1.91 19.66
C GLN I 74 -7.14 -2.94 20.42
N VAL I 75 -6.22 -2.45 21.28
CA VAL I 75 -5.33 -3.31 22.08
C VAL I 75 -6.12 -3.99 23.21
N VAL I 76 -6.96 -3.22 23.93
CA VAL I 76 -7.76 -3.72 25.05
C VAL I 76 -8.80 -4.75 24.58
N ASN I 77 -9.32 -4.60 23.32
CA ASN I 77 -10.26 -5.55 22.71
C ASN I 77 -9.60 -6.97 22.60
N GLU I 78 -8.30 -7.04 22.25
CA GLU I 78 -7.52 -8.30 22.18
C GLU I 78 -7.39 -8.99 23.57
N LEU I 79 -7.41 -8.22 24.67
CA LEU I 79 -7.38 -8.73 26.05
C LEU I 79 -8.71 -9.39 26.43
N PHE I 80 -9.82 -8.89 25.85
CA PHE I 80 -11.17 -9.37 26.16
C PHE I 80 -11.83 -10.21 25.05
N ARG I 81 -11.02 -10.70 24.08
CA ARG I 81 -11.51 -11.52 22.97
C ARG I 81 -12.22 -12.77 23.47
N ASP I 82 -11.67 -13.46 24.50
CA ASP I 82 -12.25 -14.66 25.12
C ASP I 82 -13.41 -14.36 26.13
N GLY I 83 -13.84 -13.10 26.19
CA GLY I 83 -14.90 -12.64 27.08
C GLY I 83 -14.39 -11.90 28.30
N VAL I 84 -15.33 -11.59 29.23
CA VAL I 84 -15.15 -10.86 30.50
C VAL I 84 -15.09 -11.79 31.74
N ASN I 85 -13.96 -11.71 32.50
CA ASN I 85 -13.68 -12.43 33.75
C ASN I 85 -13.25 -11.43 34.82
N TRP I 86 -13.40 -11.78 36.12
CA TRP I 86 -12.95 -10.91 37.23
C TRP I 86 -11.41 -10.71 37.18
N GLY I 87 -10.70 -11.71 36.64
CA GLY I 87 -9.24 -11.71 36.47
C GLY I 87 -8.75 -10.99 35.23
N ARG I 88 -9.64 -10.84 34.23
CA ARG I 88 -9.34 -10.13 32.97
C ARG I 88 -9.51 -8.62 33.14
N ILE I 89 -10.43 -8.18 34.03
CA ILE I 89 -10.65 -6.77 34.33
C ILE I 89 -9.41 -6.27 35.10
N VAL I 90 -8.79 -7.18 35.89
CA VAL I 90 -7.57 -6.90 36.66
C VAL I 90 -6.44 -6.56 35.67
N ALA I 91 -6.26 -7.42 34.64
CA ALA I 91 -5.24 -7.24 33.59
C ALA I 91 -5.39 -5.89 32.85
N PHE I 92 -6.67 -5.48 32.57
CA PHE I 92 -7.04 -4.20 31.96
C PHE I 92 -6.54 -3.05 32.83
N PHE I 93 -6.90 -3.04 34.15
CA PHE I 93 -6.46 -2.05 35.14
C PHE I 93 -4.95 -1.95 35.14
N SER I 94 -4.24 -3.09 35.24
CA SER I 94 -2.77 -3.16 35.23
C SER I 94 -2.18 -2.57 33.96
N PHE I 95 -2.85 -2.81 32.79
CA PHE I 95 -2.43 -2.27 31.48
C PHE I 95 -2.43 -0.72 31.53
N GLY I 96 -3.49 -0.12 32.13
CA GLY I 96 -3.62 1.33 32.31
C GLY I 96 -2.53 1.93 33.18
N GLY I 97 -2.29 1.31 34.34
CA GLY I 97 -1.19 1.66 35.23
C GLY I 97 0.16 1.60 34.54
N ALA I 98 0.45 0.50 33.79
CA ALA I 98 1.73 0.44 33.06
C ALA I 98 1.88 1.55 32.03
N LEU I 99 0.80 1.87 31.30
CA LEU I 99 0.78 2.96 30.33
C LEU I 99 1.05 4.30 31.02
N CYS I 100 0.46 4.54 32.21
CA CYS I 100 0.67 5.77 33.00
C CYS I 100 2.11 5.89 33.49
N VAL I 101 2.66 4.78 34.01
CA VAL I 101 4.07 4.72 34.46
C VAL I 101 5.00 5.05 33.28
N GLU I 102 4.80 4.38 32.12
CA GLU I 102 5.56 4.57 30.88
C GLU I 102 5.49 6.04 30.41
N SER I 103 4.29 6.67 30.46
CA SER I 103 4.08 8.06 30.08
C SER I 103 4.92 9.00 30.95
N VAL I 104 4.94 8.76 32.27
CA VAL I 104 5.74 9.57 33.19
C VAL I 104 7.25 9.28 33.00
N ASP I 105 7.63 8.00 32.74
CA ASP I 105 9.01 7.63 32.45
C ASP I 105 9.54 8.40 31.24
N LYS I 106 8.69 8.54 30.19
CA LYS I 106 9.00 9.25 28.94
C LYS I 106 8.70 10.77 28.99
N GLU I 107 8.52 11.32 30.21
CA GLU I 107 8.26 12.74 30.48
C GLU I 107 7.06 13.30 29.67
N MET I 108 5.96 12.52 29.65
CA MET I 108 4.69 12.82 28.97
C MET I 108 3.56 12.63 30.00
N GLN I 109 3.73 13.26 31.17
CA GLN I 109 2.78 13.21 32.29
C GLN I 109 1.35 13.61 31.88
N VAL I 110 1.23 14.46 30.86
CA VAL I 110 -0.03 14.94 30.29
C VAL I 110 -0.93 13.81 29.77
N LEU I 111 -0.33 12.68 29.36
CA LEU I 111 -1.06 11.51 28.87
C LEU I 111 -1.77 10.68 29.97
N VAL I 112 -1.39 10.85 31.26
CA VAL I 112 -1.98 10.10 32.39
C VAL I 112 -3.49 10.35 32.51
N SER I 113 -3.90 11.63 32.42
CA SER I 113 -5.31 12.01 32.54
C SER I 113 -6.10 11.47 31.32
N ARG I 114 -5.43 11.43 30.14
CA ARG I 114 -6.01 10.91 28.92
C ARG I 114 -6.27 9.39 29.04
N ILE I 115 -5.30 8.64 29.60
CA ILE I 115 -5.38 7.19 29.84
C ILE I 115 -6.53 6.88 30.79
N ALA I 116 -6.64 7.66 31.89
CA ALA I 116 -7.71 7.53 32.87
C ALA I 116 -9.09 7.67 32.20
N ALA I 117 -9.22 8.66 31.28
CA ALA I 117 -10.49 8.92 30.57
C ALA I 117 -10.80 7.76 29.58
N TRP I 118 -9.76 7.19 28.95
CA TRP I 118 -9.91 6.04 28.06
C TRP I 118 -10.40 4.81 28.84
N MET I 119 -9.81 4.58 30.01
CA MET I 119 -10.17 3.47 30.88
C MET I 119 -11.64 3.56 31.32
N ALA I 120 -12.10 4.76 31.70
CA ALA I 120 -13.49 4.99 32.10
C ALA I 120 -14.45 4.70 30.94
N THR I 121 -14.11 5.20 29.71
CA THR I 121 -14.90 4.94 28.50
C THR I 121 -14.97 3.43 28.19
N TYR I 122 -13.85 2.70 28.39
CA TYR I 122 -13.80 1.26 28.19
C TYR I 122 -14.65 0.50 29.19
N LEU I 123 -14.48 0.80 30.50
CA LEU I 123 -15.27 0.20 31.59
C LEU I 123 -16.76 0.32 31.35
N ASN I 124 -17.31 1.52 31.05
CA ASN I 124 -18.76 1.60 30.87
C ASN I 124 -19.23 0.99 29.55
N ASP I 125 -18.45 1.12 28.46
CA ASP I 125 -18.84 0.53 27.18
C ASP I 125 -18.91 -0.99 27.21
N HIS I 126 -17.91 -1.65 27.82
CA HIS I 126 -17.83 -3.11 27.73
C HIS I 126 -17.88 -3.92 29.05
N LEU I 127 -17.28 -3.43 30.13
CA LEU I 127 -17.18 -4.21 31.37
C LEU I 127 -18.33 -4.04 32.37
N GLU I 128 -18.87 -2.80 32.50
CA GLU I 128 -19.96 -2.41 33.40
C GLU I 128 -21.17 -3.35 33.32
N PRO I 129 -21.69 -3.78 32.12
CA PRO I 129 -22.83 -4.71 32.13
C PRO I 129 -22.48 -6.04 32.80
N TRP I 130 -21.29 -6.60 32.50
CA TRP I 130 -20.84 -7.86 33.07
C TRP I 130 -20.67 -7.75 34.59
N ILE I 131 -20.02 -6.65 35.07
CA ILE I 131 -19.78 -6.41 36.50
C ILE I 131 -21.11 -6.48 37.30
N GLN I 132 -22.14 -5.72 36.87
CA GLN I 132 -23.46 -5.68 37.53
C GLN I 132 -24.22 -7.04 37.42
N GLU I 133 -24.03 -7.79 36.30
CA GLU I 133 -24.64 -9.10 36.11
C GLU I 133 -23.94 -10.18 36.97
N ASN I 134 -22.67 -9.95 37.38
CA ASN I 134 -21.89 -10.91 38.17
C ASN I 134 -21.64 -10.49 39.64
N GLY I 135 -22.63 -9.80 40.22
CA GLY I 135 -22.68 -9.40 41.62
C GLY I 135 -21.99 -8.11 42.06
N GLY I 136 -21.58 -7.29 41.11
CA GLY I 136 -20.92 -6.01 41.40
C GLY I 136 -19.55 -6.14 42.04
N TRP I 137 -19.01 -5.01 42.50
CA TRP I 137 -17.71 -4.98 43.14
C TRP I 137 -17.72 -5.60 44.54
N ASP I 138 -18.93 -5.84 45.11
CA ASP I 138 -19.11 -6.48 46.41
C ASP I 138 -18.73 -7.97 46.37
N THR I 139 -19.04 -8.68 45.25
CA THR I 139 -18.76 -10.10 45.01
C THR I 139 -17.28 -10.34 44.74
N PHE I 140 -16.64 -9.40 43.99
CA PHE I 140 -15.22 -9.45 43.71
C PHE I 140 -14.45 -9.44 45.03
N VAL I 141 -14.84 -8.56 45.98
CA VAL I 141 -14.24 -8.42 47.31
C VAL I 141 -14.36 -9.72 48.10
N GLU I 142 -15.55 -10.37 48.06
CA GLU I 142 -15.83 -11.65 48.72
C GLU I 142 -14.91 -12.74 48.17
N LEU I 143 -14.86 -12.86 46.81
CA LEU I 143 -14.06 -13.84 46.08
C LEU I 143 -12.55 -13.64 46.30
N TYR I 144 -12.08 -12.38 46.28
CA TYR I 144 -10.66 -12.10 46.46
C TYR I 144 -10.21 -12.22 47.91
N SER J 9 -18.33 5.91 40.34
CA SER J 9 -17.67 4.84 41.07
C SER J 9 -16.58 4.16 40.25
N ASN J 10 -16.82 3.98 38.95
CA ASN J 10 -15.81 3.39 38.06
C ASN J 10 -14.64 4.35 37.89
N ARG J 11 -14.93 5.67 37.79
CA ARG J 11 -13.92 6.73 37.70
C ARG J 11 -13.07 6.73 38.99
N GLU J 12 -13.73 6.56 40.16
CA GLU J 12 -13.07 6.50 41.48
C GLU J 12 -12.08 5.32 41.55
N LEU J 13 -12.47 4.16 40.98
CA LEU J 13 -11.66 2.95 40.92
C LEU J 13 -10.45 3.18 40.01
N VAL J 14 -10.67 3.83 38.85
CA VAL J 14 -9.62 4.14 37.90
C VAL J 14 -8.58 5.02 38.60
N VAL J 15 -9.03 6.10 39.24
CA VAL J 15 -8.17 7.06 39.92
C VAL J 15 -7.39 6.37 41.06
N ASP J 16 -8.08 5.57 41.87
CA ASP J 16 -7.42 4.86 42.96
C ASP J 16 -6.34 3.89 42.44
N PHE J 17 -6.68 3.08 41.41
CA PHE J 17 -5.75 2.10 40.89
C PHE J 17 -4.54 2.77 40.27
N LEU J 18 -4.78 3.80 39.45
CA LEU J 18 -3.69 4.53 38.80
C LEU J 18 -2.80 5.25 39.81
N SER J 19 -3.40 5.86 40.87
CA SER J 19 -2.64 6.50 41.95
C SER J 19 -1.68 5.53 42.60
N TYR J 20 -2.16 4.30 42.83
CA TYR J 20 -1.40 3.22 43.45
C TYR J 20 -0.23 2.79 42.59
N LYS J 21 -0.46 2.53 41.28
CA LYS J 21 0.61 2.09 40.37
C LYS J 21 1.67 3.13 40.17
N LEU J 22 1.26 4.40 40.04
CA LEU J 22 2.22 5.50 39.91
C LEU J 22 3.09 5.60 41.19
N SER J 23 2.46 5.52 42.40
CA SER J 23 3.16 5.61 43.71
C SER J 23 4.17 4.49 43.91
N GLN J 24 3.89 3.29 43.38
CA GLN J 24 4.80 2.17 43.49
C GLN J 24 6.12 2.43 42.76
N LYS J 25 6.09 3.32 41.76
CA LYS J 25 7.27 3.70 40.96
C LYS J 25 7.86 5.05 41.36
N GLY J 26 7.37 5.62 42.47
CA GLY J 26 7.83 6.90 42.96
C GLY J 26 7.15 8.12 42.37
N TYR J 27 6.10 7.92 41.57
CA TYR J 27 5.34 8.99 40.94
C TYR J 27 4.04 9.21 41.69
N SER J 28 3.29 10.27 41.35
CA SER J 28 2.03 10.54 42.03
C SER J 28 0.98 11.03 41.06
N TRP J 29 -0.27 10.63 41.28
CA TRP J 29 -1.42 11.00 40.48
C TRP J 29 -1.67 12.49 40.61
N SER J 30 -1.43 12.99 41.83
CA SER J 30 -1.67 14.39 42.20
C SER J 30 -0.87 14.73 43.46
N GLN J 31 -0.79 16.03 43.79
CA GLN J 31 -0.11 16.53 44.97
C GLN J 31 -0.73 15.92 46.24
N MET J 32 -2.09 15.81 46.27
CA MET J 32 -2.83 15.20 47.38
C MET J 32 -2.47 13.72 47.53
N ALA J 33 -2.35 12.98 46.38
CA ALA J 33 -2.00 11.56 46.37
C ALA J 33 -0.62 11.39 46.96
N ALA J 34 0.31 12.33 46.69
CA ALA J 34 1.70 12.26 47.17
C ALA J 34 1.77 12.42 48.68
N VAL J 35 0.98 13.39 49.20
CA VAL J 35 0.90 13.67 50.63
C VAL J 35 0.35 12.43 51.32
N LYS J 36 -0.78 11.88 50.79
CA LYS J 36 -1.41 10.69 51.38
C LYS J 36 -0.39 9.55 51.45
N GLN J 37 0.35 9.30 50.32
CA GLN J 37 1.36 8.24 50.28
C GLN J 37 2.54 8.48 51.25
N ALA J 38 3.09 9.71 51.26
CA ALA J 38 4.21 10.04 52.16
C ALA J 38 3.80 9.84 53.63
N LEU J 39 2.56 10.27 53.97
CA LEU J 39 2.04 10.14 55.32
C LEU J 39 1.79 8.69 55.70
N ARG J 40 1.27 7.86 54.78
CA ARG J 40 1.06 6.41 55.02
C ARG J 40 2.42 5.73 55.36
N GLU J 41 3.46 6.00 54.53
CA GLU J 41 4.82 5.44 54.70
C GLU J 41 5.50 5.96 55.96
N ALA J 42 5.46 7.29 56.23
CA ALA J 42 6.03 7.87 57.45
C ALA J 42 5.32 7.30 58.68
N GLY J 43 4.03 6.94 58.55
CA GLY J 43 3.25 6.34 59.63
C GLY J 43 3.77 4.97 60.00
N ASP J 44 4.00 4.13 58.98
CA ASP J 44 4.56 2.79 59.13
C ASP J 44 5.95 2.86 59.75
N GLU J 45 6.79 3.81 59.23
CA GLU J 45 8.18 4.01 59.69
C GLU J 45 8.21 4.37 61.17
N PHE J 46 7.38 5.34 61.57
CA PHE J 46 7.27 5.79 62.95
C PHE J 46 6.82 4.65 63.89
N GLU J 47 5.76 3.90 63.48
CA GLU J 47 5.22 2.80 64.28
C GLU J 47 6.22 1.67 64.55
N LEU J 48 7.15 1.38 63.63
CA LEU J 48 8.08 0.31 63.96
C LEU J 48 9.33 0.87 64.66
N ARG J 49 9.69 2.13 64.36
CA ARG J 49 10.85 2.78 64.98
C ARG J 49 10.61 3.05 66.48
N TYR J 50 9.36 3.39 66.84
CA TYR J 50 8.98 3.73 68.22
C TYR J 50 7.89 2.83 68.76
N ARG J 51 7.87 1.54 68.35
CA ARG J 51 6.87 0.55 68.79
C ARG J 51 6.64 0.56 70.30
N ARG J 52 7.71 0.42 71.12
CA ARG J 52 7.62 0.37 72.58
C ARG J 52 7.10 1.67 73.20
N ALA J 53 7.74 2.81 72.86
CA ALA J 53 7.35 4.14 73.35
C ALA J 53 5.93 4.56 72.92
N PHE J 54 5.54 4.30 71.64
CA PHE J 54 4.20 4.61 71.12
C PHE J 54 3.15 3.72 71.79
N SER J 55 3.52 2.47 72.21
CA SER J 55 2.60 1.59 72.94
C SER J 55 2.21 2.26 74.27
N ASP J 56 3.18 2.93 74.93
CA ASP J 56 2.97 3.67 76.18
C ASP J 56 2.06 4.88 75.96
N LEU J 57 2.20 5.55 74.79
CA LEU J 57 1.39 6.70 74.38
C LEU J 57 -0.06 6.31 74.10
N THR J 58 -0.27 5.26 73.29
CA THR J 58 -1.62 4.77 72.91
C THR J 58 -2.41 4.26 74.11
N SER J 59 -1.71 3.73 75.14
CA SER J 59 -2.31 3.26 76.39
C SER J 59 -2.80 4.44 77.25
N ILE J 63 -11.43 6.77 73.63
CA ILE J 63 -11.38 5.64 74.56
C ILE J 63 -12.79 5.13 74.94
N THR J 64 -13.76 6.01 75.32
CA THR J 64 -15.11 5.55 75.68
C THR J 64 -16.18 6.37 74.93
N PRO J 65 -17.47 5.92 74.87
CA PRO J 65 -18.50 6.75 74.22
C PRO J 65 -18.79 8.08 74.95
N GLY J 66 -18.18 8.29 76.11
CA GLY J 66 -18.32 9.52 76.89
C GLY J 66 -17.14 10.47 76.77
N THR J 67 -16.05 10.03 76.12
CA THR J 67 -14.85 10.84 75.97
C THR J 67 -15.07 12.01 75.00
N ALA J 68 -14.73 13.21 75.49
CA ALA J 68 -14.86 14.47 74.76
C ALA J 68 -13.57 14.83 74.03
N TYR J 69 -13.67 15.79 73.07
CA TYR J 69 -12.57 16.35 72.29
C TYR J 69 -11.42 16.87 73.16
N GLN J 70 -11.76 17.49 74.33
CA GLN J 70 -10.82 18.04 75.31
C GLN J 70 -9.85 17.00 75.86
N SER J 71 -10.33 15.76 76.18
CA SER J 71 -9.47 14.67 76.67
C SER J 71 -8.50 14.20 75.58
N PHE J 72 -8.97 14.17 74.31
CA PHE J 72 -8.13 13.80 73.17
C PHE J 72 -7.07 14.89 73.00
N GLU J 73 -7.53 16.16 72.93
CA GLU J 73 -6.71 17.37 72.78
C GLU J 73 -5.62 17.46 73.85
N GLN J 74 -5.96 17.15 75.12
CA GLN J 74 -5.01 17.14 76.24
C GLN J 74 -3.86 16.14 76.02
N VAL J 75 -4.14 14.92 75.49
CA VAL J 75 -3.12 13.89 75.25
C VAL J 75 -2.24 14.33 74.06
N VAL J 76 -2.88 14.79 72.97
CA VAL J 76 -2.20 15.24 71.76
C VAL J 76 -1.31 16.48 72.05
N ASN J 77 -1.78 17.40 72.92
CA ASN J 77 -1.02 18.60 73.35
C ASN J 77 0.29 18.24 74.01
N GLU J 78 0.33 17.12 74.78
CA GLU J 78 1.51 16.58 75.45
C GLU J 78 2.58 16.16 74.44
N LEU J 79 2.15 15.71 73.22
CA LEU J 79 3.01 15.32 72.10
C LEU J 79 3.76 16.56 71.56
N PHE J 80 3.10 17.76 71.57
CA PHE J 80 3.66 19.03 71.11
C PHE J 80 4.00 19.99 72.30
N ARG J 81 4.45 19.45 73.46
CA ARG J 81 4.80 20.26 74.64
C ARG J 81 6.28 20.77 74.61
N ASP J 82 6.98 20.52 73.48
CA ASP J 82 8.33 21.01 73.17
C ASP J 82 8.33 21.71 71.79
N GLY J 83 7.14 21.98 71.27
CA GLY J 83 6.94 22.60 69.97
C GLY J 83 6.47 21.62 68.91
N VAL J 84 6.13 22.15 67.74
CA VAL J 84 5.66 21.36 66.60
C VAL J 84 6.81 21.10 65.64
N ASN J 85 6.81 19.89 65.09
CA ASN J 85 7.70 19.45 64.03
C ASN J 85 6.93 18.39 63.24
N TRP J 86 7.39 18.07 62.03
CA TRP J 86 6.69 17.10 61.19
C TRP J 86 6.61 15.68 61.79
N GLY J 87 7.66 15.26 62.50
CA GLY J 87 7.73 13.96 63.16
C GLY J 87 6.68 13.77 64.23
N ARG J 88 6.42 14.85 65.01
CA ARG J 88 5.39 14.89 66.05
C ARG J 88 3.98 14.85 65.44
N ILE J 89 3.79 15.48 64.24
CA ILE J 89 2.54 15.45 63.45
C ILE J 89 2.32 13.98 62.94
N VAL J 90 3.40 13.32 62.50
CA VAL J 90 3.34 11.91 62.06
C VAL J 90 2.84 11.06 63.24
N ALA J 91 3.44 11.28 64.45
CA ALA J 91 3.09 10.56 65.67
C ALA J 91 1.63 10.79 66.03
N PHE J 92 1.13 12.04 65.83
CA PHE J 92 -0.27 12.43 66.03
C PHE J 92 -1.19 11.58 65.15
N PHE J 93 -0.88 11.48 63.82
CA PHE J 93 -1.64 10.66 62.89
C PHE J 93 -1.62 9.19 63.32
N SER J 94 -0.43 8.67 63.69
CA SER J 94 -0.30 7.28 64.13
C SER J 94 -1.10 7.01 65.38
N PHE J 95 -1.14 7.97 66.30
CA PHE J 95 -1.91 7.91 67.53
C PHE J 95 -3.41 7.75 67.21
N GLY J 96 -3.93 8.60 66.31
CA GLY J 96 -5.31 8.54 65.86
C GLY J 96 -5.63 7.19 65.22
N GLY J 97 -4.75 6.75 64.31
CA GLY J 97 -4.80 5.45 63.64
C GLY J 97 -4.86 4.28 64.61
N ALA J 98 -4.01 4.31 65.66
CA ALA J 98 -3.99 3.28 66.67
C ALA J 98 -5.24 3.33 67.56
N LEU J 99 -5.79 4.54 67.83
CA LEU J 99 -7.01 4.64 68.65
C LEU J 99 -8.18 4.03 67.85
N CYS J 100 -8.06 4.05 66.50
CA CYS J 100 -9.06 3.52 65.56
C CYS J 100 -9.02 2.00 65.54
N VAL J 101 -7.80 1.45 65.41
CA VAL J 101 -7.54 0.02 65.38
C VAL J 101 -8.04 -0.64 66.63
N GLU J 102 -7.66 -0.07 67.81
CA GLU J 102 -8.07 -0.52 69.13
C GLU J 102 -9.59 -0.42 69.29
N SER J 103 -10.22 0.67 68.74
CA SER J 103 -11.69 0.89 68.79
C SER J 103 -12.46 -0.27 68.15
N VAL J 104 -12.08 -0.61 66.89
CA VAL J 104 -12.62 -1.69 66.05
C VAL J 104 -12.41 -3.04 66.77
N ASP J 105 -11.20 -3.22 67.37
CA ASP J 105 -10.75 -4.41 68.10
C ASP J 105 -11.56 -4.65 69.39
N LYS J 106 -11.91 -3.57 70.13
CA LYS J 106 -12.70 -3.67 71.38
C LYS J 106 -14.21 -3.47 71.09
N GLU J 107 -14.67 -3.96 69.91
CA GLU J 107 -16.04 -3.96 69.38
C GLU J 107 -16.76 -2.57 69.34
N MET J 108 -16.00 -1.45 69.40
CA MET J 108 -16.57 -0.09 69.39
C MET J 108 -16.23 0.69 68.11
N GLN J 109 -16.74 0.23 66.95
CA GLN J 109 -16.53 0.85 65.63
C GLN J 109 -17.12 2.27 65.48
N VAL J 110 -18.15 2.60 66.28
CA VAL J 110 -18.87 3.88 66.27
C VAL J 110 -17.96 5.09 66.57
N LEU J 111 -16.93 4.90 67.41
CA LEU J 111 -15.99 5.94 67.82
C LEU J 111 -14.98 6.35 66.74
N VAL J 112 -14.83 5.57 65.65
CA VAL J 112 -13.85 5.89 64.61
C VAL J 112 -14.17 7.23 63.90
N SER J 113 -15.46 7.46 63.56
CA SER J 113 -15.91 8.69 62.92
C SER J 113 -15.65 9.89 63.84
N ARG J 114 -15.79 9.74 65.19
CA ARG J 114 -15.49 10.84 66.11
C ARG J 114 -13.95 11.08 66.19
N ILE J 115 -13.16 10.02 66.19
CA ILE J 115 -11.68 10.13 66.19
C ILE J 115 -11.23 10.83 64.89
N ALA J 116 -11.86 10.47 63.75
CA ALA J 116 -11.61 11.12 62.47
C ALA J 116 -11.87 12.63 62.60
N ALA J 117 -13.03 12.99 63.19
CA ALA J 117 -13.45 14.38 63.42
C ALA J 117 -12.52 15.14 64.39
N TRP J 118 -12.00 14.47 65.43
CA TRP J 118 -11.12 15.10 66.42
C TRP J 118 -9.80 15.45 65.85
N MET J 119 -9.26 14.55 65.00
CA MET J 119 -7.98 14.69 64.30
C MET J 119 -8.06 15.89 63.37
N ALA J 120 -9.16 15.97 62.57
CA ALA J 120 -9.43 17.10 61.67
C ALA J 120 -9.55 18.41 62.45
N THR J 121 -10.29 18.42 63.58
CA THR J 121 -10.44 19.60 64.44
C THR J 121 -9.07 20.01 65.02
N TYR J 122 -8.29 19.03 65.53
CA TYR J 122 -6.97 19.31 66.08
C TYR J 122 -6.05 19.91 65.02
N LEU J 123 -6.02 19.32 63.82
CA LEU J 123 -5.21 19.82 62.71
C LEU J 123 -5.56 21.26 62.37
N ASN J 124 -6.85 21.55 62.17
CA ASN J 124 -7.32 22.89 61.82
C ASN J 124 -7.09 23.93 62.93
N ASP J 125 -7.37 23.58 64.19
CA ASP J 125 -7.18 24.49 65.33
C ASP J 125 -5.73 24.68 65.79
N HIS J 126 -4.88 23.64 65.68
CA HIS J 126 -3.52 23.68 66.21
C HIS J 126 -2.36 23.59 65.23
N LEU J 127 -2.48 22.73 64.20
CA LEU J 127 -1.35 22.48 63.31
C LEU J 127 -1.37 23.27 62.01
N GLU J 128 -2.54 23.59 61.44
CA GLU J 128 -2.69 24.36 60.20
C GLU J 128 -1.85 25.66 60.21
N PRO J 129 -1.83 26.52 61.27
CA PRO J 129 -0.94 27.70 61.24
C PRO J 129 0.52 27.30 61.11
N TRP J 130 0.97 26.28 61.90
CA TRP J 130 2.34 25.76 61.82
C TRP J 130 2.64 25.23 60.43
N ILE J 131 1.71 24.43 59.83
CA ILE J 131 1.85 23.84 58.47
C ILE J 131 2.08 24.94 57.43
N GLN J 132 1.20 25.97 57.40
CA GLN J 132 1.29 27.12 56.49
C GLN J 132 2.63 27.85 56.62
N GLU J 133 3.06 28.11 57.87
CA GLU J 133 4.31 28.81 58.18
C GLU J 133 5.54 27.99 57.81
N ASN J 134 5.42 26.64 57.79
CA ASN J 134 6.55 25.74 57.53
C ASN J 134 6.51 25.02 56.18
N GLY J 135 5.96 25.70 55.17
CA GLY J 135 5.91 25.27 53.77
C GLY J 135 4.78 24.36 53.30
N GLY J 136 3.79 24.09 54.15
CA GLY J 136 2.66 23.23 53.82
C GLY J 136 3.03 21.75 53.73
N TRP J 137 2.05 20.92 53.36
CA TRP J 137 2.22 19.47 53.18
C TRP J 137 3.21 19.11 52.07
N ASP J 138 3.40 20.01 51.08
CA ASP J 138 4.37 19.85 49.98
C ASP J 138 5.81 19.80 50.52
N THR J 139 6.12 20.59 51.58
CA THR J 139 7.44 20.60 52.22
C THR J 139 7.63 19.29 52.98
N PHE J 140 6.56 18.78 53.64
CA PHE J 140 6.62 17.50 54.33
C PHE J 140 7.02 16.38 53.33
N VAL J 141 6.39 16.38 52.13
CA VAL J 141 6.65 15.42 51.06
C VAL J 141 8.13 15.49 50.60
N GLU J 142 8.66 16.73 50.45
CA GLU J 142 10.06 16.98 50.07
C GLU J 142 11.01 16.42 51.14
N LEU J 143 10.75 16.76 52.42
CA LEU J 143 11.53 16.33 53.57
C LEU J 143 11.52 14.82 53.76
N TYR J 144 10.34 14.18 53.58
CA TYR J 144 10.21 12.74 53.75
C TYR J 144 10.85 11.94 52.61
N SER K 5 27.72 13.66 -10.84
CA SER K 5 28.97 13.38 -11.57
C SER K 5 30.19 13.57 -10.66
N MET K 6 30.21 14.68 -9.88
CA MET K 6 31.32 15.00 -8.97
C MET K 6 30.94 14.94 -7.49
N SER K 7 29.97 15.78 -7.06
CA SER K 7 29.43 15.92 -5.69
C SER K 7 29.14 14.55 -5.13
N GLN K 8 28.21 13.78 -5.78
CA GLN K 8 27.75 12.44 -5.37
C GLN K 8 28.83 11.37 -5.43
N SER K 9 29.65 11.33 -6.52
CA SER K 9 30.72 10.36 -6.62
C SER K 9 31.81 10.60 -5.57
N ASN K 10 32.15 11.88 -5.31
CA ASN K 10 33.14 12.23 -4.29
C ASN K 10 32.61 11.92 -2.90
N ARG K 11 31.32 12.21 -2.68
CA ARG K 11 30.58 11.93 -1.44
C ARG K 11 30.54 10.41 -1.20
N GLU K 12 30.34 9.61 -2.28
CA GLU K 12 30.29 8.16 -2.22
C GLU K 12 31.64 7.58 -1.75
N LEU K 13 32.74 8.18 -2.24
CA LEU K 13 34.07 7.75 -1.90
C LEU K 13 34.38 8.13 -0.47
N VAL K 14 34.06 9.39 -0.09
CA VAL K 14 34.27 9.90 1.27
C VAL K 14 33.51 9.03 2.24
N VAL K 15 32.24 8.71 1.95
CA VAL K 15 31.40 7.82 2.78
C VAL K 15 32.01 6.43 2.91
N ASP K 16 32.45 5.80 1.77
CA ASP K 16 33.05 4.46 1.77
C ASP K 16 34.35 4.42 2.57
N PHE K 17 35.24 5.40 2.36
CA PHE K 17 36.52 5.43 3.04
C PHE K 17 36.34 5.58 4.53
N LEU K 18 35.50 6.55 4.94
CA LEU K 18 35.20 6.81 6.34
C LEU K 18 34.55 5.62 7.00
N SER K 19 33.61 4.94 6.32
CA SER K 19 32.94 3.72 6.84
C SER K 19 33.98 2.66 7.16
N TYR K 20 34.95 2.47 6.24
CA TYR K 20 36.02 1.50 6.39
C TYR K 20 36.93 1.79 7.58
N LYS K 21 37.41 3.03 7.70
CA LYS K 21 38.29 3.43 8.79
C LYS K 21 37.63 3.35 10.16
N LEU K 22 36.35 3.77 10.25
CA LEU K 22 35.56 3.67 11.48
C LEU K 22 35.43 2.20 11.90
N SER K 23 35.10 1.31 10.93
CA SER K 23 34.95 -0.13 11.15
C SER K 23 36.21 -0.78 11.72
N GLN K 24 37.40 -0.41 11.19
CA GLN K 24 38.69 -0.94 11.61
C GLN K 24 38.96 -0.70 13.11
N LYS K 25 38.31 0.33 13.68
CA LYS K 25 38.41 0.70 15.08
C LYS K 25 37.17 0.25 15.90
N GLY K 26 36.27 -0.51 15.28
CA GLY K 26 35.07 -1.02 15.95
C GLY K 26 33.88 -0.07 15.95
N TYR K 27 33.94 0.99 15.16
CA TYR K 27 32.85 1.97 15.02
C TYR K 27 32.14 1.79 13.68
N SER K 28 31.01 2.48 13.45
CA SER K 28 30.28 2.37 12.16
C SER K 28 29.70 3.69 11.69
N TRP K 29 29.75 3.90 10.37
CA TRP K 29 29.22 5.10 9.72
C TRP K 29 27.69 5.20 9.88
N SER K 30 27.01 4.05 9.74
CA SER K 30 25.55 3.93 9.80
C SER K 30 25.20 2.51 10.20
N GLN K 31 23.92 2.23 10.49
CA GLN K 31 23.46 0.90 10.84
C GLN K 31 23.63 -0.08 9.66
N MET K 32 23.43 0.40 8.43
CA MET K 32 23.63 -0.37 7.21
C MET K 32 25.10 -0.76 7.05
N ALA K 33 26.03 0.20 7.32
CA ALA K 33 27.48 -0.05 7.28
C ALA K 33 27.88 -1.13 8.27
N ALA K 34 27.28 -1.10 9.48
CA ALA K 34 27.51 -2.10 10.53
C ALA K 34 27.05 -3.49 10.09
N VAL K 35 25.86 -3.57 9.43
CA VAL K 35 25.33 -4.85 8.93
C VAL K 35 26.31 -5.43 7.87
N LYS K 36 26.71 -4.58 6.90
CA LYS K 36 27.61 -4.93 5.82
C LYS K 36 28.89 -5.51 6.36
N GLN K 37 29.52 -4.80 7.34
CA GLN K 37 30.77 -5.23 7.96
C GLN K 37 30.65 -6.56 8.74
N ALA K 38 29.62 -6.71 9.56
CA ALA K 38 29.37 -7.95 10.32
C ALA K 38 29.21 -9.16 9.37
N LEU K 39 28.49 -8.97 8.25
CA LEU K 39 28.25 -10.02 7.25
C LEU K 39 29.51 -10.38 6.50
N ARG K 40 30.35 -9.38 6.13
CA ARG K 40 31.65 -9.61 5.50
C ARG K 40 32.55 -10.49 6.42
N GLU K 41 32.63 -10.16 7.71
CA GLU K 41 33.42 -10.90 8.70
C GLU K 41 32.83 -12.29 8.97
N ALA K 42 31.48 -12.39 9.05
CA ALA K 42 30.82 -13.68 9.29
C ALA K 42 31.10 -14.65 8.12
N GLY K 43 31.08 -14.13 6.89
CA GLY K 43 31.38 -14.88 5.68
C GLY K 43 32.78 -15.46 5.73
N ASP K 44 33.79 -14.61 6.07
CA ASP K 44 35.18 -15.05 6.19
C ASP K 44 35.30 -16.15 7.24
N GLU K 45 34.68 -15.95 8.41
CA GLU K 45 34.72 -16.91 9.53
C GLU K 45 34.17 -18.27 9.10
N PHE K 46 32.99 -18.24 8.47
CA PHE K 46 32.30 -19.43 7.99
C PHE K 46 33.15 -20.20 6.99
N GLU K 47 33.68 -19.50 5.97
CA GLU K 47 34.50 -20.09 4.91
C GLU K 47 35.74 -20.74 5.46
N LEU K 48 36.29 -20.18 6.56
CA LEU K 48 37.47 -20.70 7.23
C LEU K 48 37.12 -21.97 8.04
N ARG K 49 36.08 -21.89 8.87
CA ARG K 49 35.63 -22.99 9.74
C ARG K 49 35.09 -24.20 9.00
N TYR K 50 34.42 -23.99 7.87
CA TYR K 50 33.76 -25.07 7.11
C TYR K 50 34.27 -25.20 5.69
N ARG K 51 35.57 -24.91 5.47
CA ARG K 51 36.18 -24.95 4.14
C ARG K 51 35.82 -26.25 3.37
N ARG K 52 35.96 -27.37 4.07
CA ARG K 52 35.73 -28.77 3.74
C ARG K 52 34.32 -29.00 3.20
N ALA K 53 33.35 -28.88 4.11
CA ALA K 53 31.93 -29.05 3.90
C ALA K 53 31.38 -28.05 2.87
N PHE K 54 31.88 -26.80 2.90
CA PHE K 54 31.49 -25.74 1.97
C PHE K 54 31.93 -26.07 0.55
N SER K 55 33.06 -26.75 0.40
CA SER K 55 33.58 -27.19 -0.89
C SER K 55 32.60 -28.19 -1.52
N ASP K 56 31.98 -29.07 -0.68
CA ASP K 56 31.00 -30.07 -1.12
C ASP K 56 29.72 -29.38 -1.62
N LEU K 57 29.30 -28.26 -0.99
CA LEU K 57 28.12 -27.49 -1.39
C LEU K 57 28.37 -26.68 -2.66
N THR K 58 29.54 -26.03 -2.79
CA THR K 58 29.86 -25.22 -3.98
C THR K 58 29.95 -26.12 -5.24
N SER K 59 30.42 -27.39 -5.06
CA SER K 59 30.52 -28.38 -6.13
C SER K 59 29.15 -28.89 -6.59
N GLN K 60 28.15 -28.85 -5.68
CA GLN K 60 26.75 -29.28 -5.83
C GLN K 60 26.01 -28.52 -6.93
N LEU K 61 26.52 -27.33 -7.33
CA LEU K 61 25.95 -26.50 -8.40
C LEU K 61 27.07 -25.83 -9.22
N HIS K 62 27.12 -26.14 -10.52
CA HIS K 62 28.09 -25.53 -11.43
C HIS K 62 27.32 -24.52 -12.25
N ILE K 63 27.63 -23.22 -12.10
CA ILE K 63 26.89 -22.19 -12.83
C ILE K 63 27.47 -21.97 -14.22
N THR K 64 26.59 -22.02 -15.24
CA THR K 64 26.88 -21.82 -16.66
C THR K 64 25.91 -20.73 -17.16
N PRO K 65 26.10 -20.15 -18.37
CA PRO K 65 25.12 -19.14 -18.86
C PRO K 65 23.68 -19.64 -19.02
N GLY K 66 23.48 -20.95 -18.91
CA GLY K 66 22.17 -21.59 -19.03
C GLY K 66 21.63 -22.19 -17.74
N THR K 67 22.25 -21.91 -16.61
CA THR K 67 21.78 -22.42 -15.31
C THR K 67 20.57 -21.58 -14.83
N ALA K 68 19.43 -22.28 -14.61
CA ALA K 68 18.19 -21.73 -14.10
C ALA K 68 18.29 -21.34 -12.63
N TYR K 69 17.49 -20.33 -12.23
CA TYR K 69 17.33 -19.83 -10.86
C TYR K 69 16.85 -20.98 -9.98
N GLN K 70 15.95 -21.86 -10.53
CA GLN K 70 15.36 -22.99 -9.81
C GLN K 70 16.44 -23.95 -9.31
N SER K 71 17.54 -24.08 -10.07
CA SER K 71 18.64 -24.95 -9.70
C SER K 71 19.47 -24.31 -8.57
N PHE K 72 19.69 -22.97 -8.64
CA PHE K 72 20.33 -22.22 -7.56
C PHE K 72 19.42 -22.36 -6.32
N GLU K 73 18.13 -22.14 -6.52
CA GLU K 73 17.10 -22.22 -5.50
C GLU K 73 17.05 -23.59 -4.86
N GLN K 74 17.10 -24.68 -5.66
CA GLN K 74 17.07 -26.05 -5.13
C GLN K 74 18.30 -26.39 -4.27
N VAL K 75 19.53 -25.89 -4.63
CA VAL K 75 20.73 -26.10 -3.80
C VAL K 75 20.60 -25.25 -2.53
N VAL K 76 20.16 -23.99 -2.68
CA VAL K 76 20.00 -23.07 -1.55
C VAL K 76 18.90 -23.59 -0.58
N ASN K 77 17.80 -24.16 -1.12
CA ASN K 77 16.71 -24.76 -0.35
C ASN K 77 17.20 -25.90 0.53
N GLU K 78 18.20 -26.69 0.06
CA GLU K 78 18.81 -27.80 0.82
C GLU K 78 19.54 -27.26 2.08
N LEU K 79 20.17 -26.06 1.97
CA LEU K 79 20.87 -25.36 3.05
C LEU K 79 19.89 -24.97 4.16
N PHE K 80 18.61 -24.73 3.80
CA PHE K 80 17.59 -24.34 4.77
C PHE K 80 16.58 -25.44 5.07
N ARG K 81 16.91 -26.70 4.68
CA ARG K 81 16.06 -27.89 4.84
C ARG K 81 15.61 -28.11 6.28
N ASP K 82 16.52 -27.94 7.24
CA ASP K 82 16.24 -28.09 8.65
C ASP K 82 15.67 -26.79 9.30
N GLY K 83 15.50 -25.73 8.51
CA GLY K 83 15.00 -24.43 8.97
C GLY K 83 15.99 -23.28 8.82
N VAL K 84 15.51 -22.06 9.01
CA VAL K 84 16.38 -20.89 8.84
C VAL K 84 16.98 -20.52 10.18
N ASN K 85 18.26 -20.10 10.16
CA ASN K 85 18.99 -19.52 11.27
C ASN K 85 20.01 -18.59 10.66
N TRP K 86 20.63 -17.72 11.47
CA TRP K 86 21.61 -16.76 10.97
C TRP K 86 22.85 -17.39 10.31
N GLY K 87 23.33 -18.52 10.85
CA GLY K 87 24.49 -19.24 10.34
C GLY K 87 24.28 -19.77 8.93
N ARG K 88 23.08 -20.27 8.67
CA ARG K 88 22.67 -20.77 7.36
C ARG K 88 22.48 -19.60 6.35
N ILE K 89 22.09 -18.43 6.85
CA ILE K 89 22.00 -17.21 6.03
C ILE K 89 23.43 -16.80 5.64
N VAL K 90 24.38 -16.86 6.59
CA VAL K 90 25.80 -16.58 6.33
C VAL K 90 26.30 -17.52 5.22
N ALA K 91 26.05 -18.84 5.37
CA ALA K 91 26.42 -19.86 4.38
C ALA K 91 25.83 -19.56 3.00
N PHE K 92 24.55 -19.07 2.93
CA PHE K 92 23.88 -18.66 1.68
C PHE K 92 24.66 -17.53 1.00
N PHE K 93 25.06 -16.50 1.77
CA PHE K 93 25.84 -15.40 1.24
C PHE K 93 27.17 -15.87 0.72
N SER K 94 27.90 -16.70 1.52
CA SER K 94 29.19 -17.29 1.14
C SER K 94 29.05 -18.12 -0.15
N PHE K 95 27.95 -18.89 -0.29
CA PHE K 95 27.67 -19.71 -1.47
C PHE K 95 27.56 -18.83 -2.71
N GLY K 96 26.80 -17.74 -2.62
CA GLY K 96 26.67 -16.74 -3.69
C GLY K 96 28.01 -16.15 -4.07
N GLY K 97 28.78 -15.77 -3.05
CA GLY K 97 30.14 -15.25 -3.20
C GLY K 97 31.07 -16.20 -3.93
N ALA K 98 31.05 -17.50 -3.57
CA ALA K 98 31.90 -18.52 -4.24
C ALA K 98 31.47 -18.74 -5.69
N LEU K 99 30.14 -18.66 -5.98
CA LEU K 99 29.62 -18.80 -7.35
C LEU K 99 30.13 -17.67 -8.22
N CYS K 100 30.20 -16.43 -7.67
CA CYS K 100 30.70 -15.25 -8.38
C CYS K 100 32.17 -15.36 -8.68
N VAL K 101 32.97 -15.80 -7.68
CA VAL K 101 34.42 -16.01 -7.82
C VAL K 101 34.67 -17.01 -8.94
N GLU K 102 33.98 -18.17 -8.88
CA GLU K 102 34.06 -19.25 -9.88
C GLU K 102 33.69 -18.73 -11.28
N SER K 103 32.62 -17.91 -11.41
CA SER K 103 32.17 -17.35 -12.70
C SER K 103 33.27 -16.48 -13.30
N VAL K 104 33.95 -15.65 -12.48
CA VAL K 104 35.04 -14.80 -12.96
C VAL K 104 36.26 -15.65 -13.28
N ASP K 105 36.54 -16.69 -12.48
CA ASP K 105 37.66 -17.63 -12.73
C ASP K 105 37.48 -18.30 -14.12
N LYS K 106 36.24 -18.70 -14.45
CA LYS K 106 35.88 -19.34 -15.73
C LYS K 106 35.56 -18.33 -16.85
N GLU K 107 35.97 -17.05 -16.68
CA GLU K 107 35.80 -15.95 -17.66
C GLU K 107 34.33 -15.76 -18.11
N MET K 108 33.41 -15.81 -17.13
CA MET K 108 31.97 -15.64 -17.31
C MET K 108 31.50 -14.56 -16.34
N GLN K 109 32.19 -13.40 -16.34
CA GLN K 109 31.94 -12.23 -15.51
C GLN K 109 30.47 -11.75 -15.59
N VAL K 110 29.83 -11.96 -16.75
CA VAL K 110 28.44 -11.63 -17.03
C VAL K 110 27.47 -12.29 -16.05
N LEU K 111 27.81 -13.47 -15.52
CA LEU K 111 26.99 -14.20 -14.56
C LEU K 111 26.95 -13.60 -13.14
N VAL K 112 27.89 -12.68 -12.80
CA VAL K 112 27.99 -12.06 -11.46
C VAL K 112 26.74 -11.26 -11.13
N SER K 113 26.26 -10.42 -12.10
CA SER K 113 25.02 -9.63 -11.96
C SER K 113 23.84 -10.57 -11.77
N ARG K 114 23.82 -11.70 -12.51
CA ARG K 114 22.78 -12.73 -12.45
C ARG K 114 22.72 -13.41 -11.09
N ILE K 115 23.87 -13.91 -10.54
CA ILE K 115 23.91 -14.48 -9.19
C ILE K 115 23.45 -13.44 -8.13
N ALA K 116 23.87 -12.15 -8.26
CA ALA K 116 23.44 -11.09 -7.32
C ALA K 116 21.91 -10.92 -7.35
N ALA K 117 21.31 -10.94 -8.55
CA ALA K 117 19.85 -10.86 -8.70
C ALA K 117 19.16 -12.11 -8.15
N TRP K 118 19.76 -13.33 -8.32
CA TRP K 118 19.22 -14.56 -7.75
C TRP K 118 19.25 -14.53 -6.23
N MET K 119 20.33 -13.99 -5.64
CA MET K 119 20.48 -13.86 -4.20
C MET K 119 19.41 -12.92 -3.65
N ALA K 120 19.21 -11.76 -4.30
CA ALA K 120 18.20 -10.77 -3.89
C ALA K 120 16.82 -11.37 -4.04
N THR K 121 16.60 -12.15 -5.10
CA THR K 121 15.32 -12.82 -5.33
C THR K 121 15.03 -13.83 -4.23
N TYR K 122 16.01 -14.71 -3.91
CA TYR K 122 15.89 -15.72 -2.88
C TYR K 122 15.62 -15.06 -1.51
N LEU K 123 16.39 -14.01 -1.16
CA LEU K 123 16.19 -13.25 0.08
C LEU K 123 14.74 -12.73 0.17
N ASN K 124 14.25 -12.11 -0.92
CA ASN K 124 12.91 -11.50 -1.13
C ASN K 124 11.77 -12.54 -0.97
N ASP K 125 11.93 -13.71 -1.61
CA ASP K 125 10.93 -14.78 -1.60
C ASP K 125 10.95 -15.70 -0.37
N HIS K 126 12.13 -15.97 0.21
CA HIS K 126 12.26 -16.96 1.29
C HIS K 126 12.70 -16.47 2.65
N LEU K 127 13.64 -15.52 2.68
CA LEU K 127 14.30 -15.15 3.95
C LEU K 127 13.80 -13.86 4.62
N GLU K 128 13.25 -12.87 3.85
CA GLU K 128 12.70 -11.58 4.36
C GLU K 128 11.71 -11.85 5.54
N PRO K 129 10.70 -12.79 5.41
CA PRO K 129 9.78 -13.00 6.55
C PRO K 129 10.50 -13.49 7.81
N TRP K 130 11.47 -14.42 7.66
CA TRP K 130 12.24 -14.93 8.80
C TRP K 130 13.09 -13.84 9.42
N ILE K 131 13.80 -13.04 8.57
CA ILE K 131 14.67 -11.93 9.01
C ILE K 131 13.88 -10.92 9.86
N GLN K 132 12.66 -10.55 9.42
CA GLN K 132 11.79 -9.64 10.15
C GLN K 132 11.29 -10.25 11.46
N GLU K 133 10.91 -11.55 11.45
CA GLU K 133 10.42 -12.28 12.63
C GLU K 133 11.51 -12.54 13.65
N ASN K 134 12.79 -12.49 13.26
CA ASN K 134 13.90 -12.78 14.17
C ASN K 134 14.78 -11.56 14.51
N GLY K 135 14.15 -10.38 14.58
CA GLY K 135 14.76 -9.14 15.01
C GLY K 135 15.51 -8.31 13.98
N GLY K 136 15.48 -8.75 12.73
CA GLY K 136 16.14 -8.05 11.66
C GLY K 136 17.65 -8.16 11.69
N TRP K 137 18.28 -7.53 10.69
CA TRP K 137 19.73 -7.51 10.53
C TRP K 137 20.44 -6.87 11.72
N ASP K 138 19.74 -5.99 12.48
CA ASP K 138 20.28 -5.35 13.69
C ASP K 138 20.55 -6.38 14.79
N THR K 139 19.69 -7.43 14.89
CA THR K 139 19.85 -8.54 15.84
C THR K 139 21.02 -9.41 15.42
N PHE K 140 21.20 -9.61 14.08
CA PHE K 140 22.34 -10.38 13.57
C PHE K 140 23.65 -9.69 14.01
N VAL K 141 23.71 -8.34 13.87
CA VAL K 141 24.89 -7.52 14.25
C VAL K 141 25.17 -7.66 15.76
N GLU K 142 24.12 -7.65 16.60
CA GLU K 142 24.25 -7.82 18.05
C GLU K 142 24.80 -9.21 18.38
N LEU K 143 24.21 -10.27 17.78
CA LEU K 143 24.59 -11.67 17.96
C LEU K 143 26.01 -11.95 17.49
N TYR K 144 26.41 -11.38 16.33
CA TYR K 144 27.74 -11.60 15.78
C TYR K 144 28.82 -10.88 16.57
N GLY K 145 28.49 -9.70 17.08
CA GLY K 145 29.39 -8.87 17.87
C GLY K 145 29.51 -9.26 19.33
N ASN K 146 29.18 -10.54 19.68
CA ASN K 146 29.32 -11.08 21.05
C ASN K 146 29.54 -12.60 21.11
N GLY L 1 5.58 -11.48 -1.93
CA GLY L 1 6.68 -10.76 -1.29
C GLY L 1 7.10 -9.55 -2.09
N PRO L 2 6.34 -8.42 -1.98
CA PRO L 2 6.63 -7.25 -2.84
C PRO L 2 7.95 -6.51 -2.55
N LEU L 3 8.30 -5.65 -3.51
CA LEU L 3 9.56 -4.92 -3.47
C LEU L 3 9.48 -3.65 -2.66
N GLY L 4 9.60 -3.79 -1.34
CA GLY L 4 9.56 -2.71 -0.36
C GLY L 4 10.96 -2.26 -0.02
N SER L 5 11.11 -1.50 1.09
CA SER L 5 12.43 -0.98 1.51
C SER L 5 13.42 -2.09 1.92
N MET L 6 12.93 -3.23 2.46
CA MET L 6 13.77 -4.39 2.85
C MET L 6 14.43 -5.04 1.61
N SER L 7 13.71 -5.15 0.47
CA SER L 7 14.27 -5.71 -0.78
C SER L 7 15.41 -4.83 -1.32
N GLN L 8 15.26 -3.46 -1.20
CA GLN L 8 16.26 -2.48 -1.65
C GLN L 8 17.52 -2.57 -0.81
N SER L 9 17.37 -2.67 0.52
CA SER L 9 18.46 -2.80 1.51
C SER L 9 19.11 -4.18 1.43
N ASN L 10 18.32 -5.23 1.12
CA ASN L 10 18.83 -6.59 0.94
C ASN L 10 19.68 -6.67 -0.31
N ARG L 11 19.29 -5.95 -1.38
CA ARG L 11 20.06 -5.87 -2.62
C ARG L 11 21.40 -5.18 -2.33
N GLU L 12 21.39 -4.10 -1.50
CA GLU L 12 22.59 -3.36 -1.08
C GLU L 12 23.59 -4.28 -0.32
N LEU L 13 23.06 -5.17 0.56
CA LEU L 13 23.83 -6.14 1.30
C LEU L 13 24.43 -7.19 0.36
N VAL L 14 23.67 -7.72 -0.65
CA VAL L 14 24.31 -8.73 -1.51
C VAL L 14 25.40 -8.05 -2.36
N VAL L 15 25.14 -6.82 -2.89
CA VAL L 15 26.13 -6.09 -3.70
C VAL L 15 27.39 -5.86 -2.88
N ASP L 16 27.24 -5.40 -1.62
CA ASP L 16 28.37 -5.19 -0.73
C ASP L 16 29.14 -6.50 -0.44
N PHE L 17 28.41 -7.58 -0.11
CA PHE L 17 29.02 -8.85 0.23
C PHE L 17 29.78 -9.41 -0.99
N LEU L 18 29.15 -9.38 -2.17
CA LEU L 18 29.76 -9.88 -3.39
C LEU L 18 30.95 -9.04 -3.79
N SER L 19 30.87 -7.70 -3.61
CA SER L 19 31.96 -6.75 -3.88
C SER L 19 33.18 -7.15 -3.07
N TYR L 20 32.97 -7.52 -1.79
CA TYR L 20 33.99 -7.95 -0.87
C TYR L 20 34.66 -9.28 -1.29
N LYS L 21 33.87 -10.37 -1.49
CA LYS L 21 34.37 -11.70 -1.87
C LYS L 21 35.15 -11.65 -3.19
N LEU L 22 34.68 -10.82 -4.13
CA LEU L 22 35.31 -10.59 -5.43
C LEU L 22 36.65 -9.90 -5.24
N SER L 23 36.69 -8.79 -4.44
CA SER L 23 37.90 -8.00 -4.15
C SER L 23 39.01 -8.82 -3.44
N GLN L 24 38.61 -9.85 -2.65
CA GLN L 24 39.57 -10.72 -1.94
C GLN L 24 40.35 -11.57 -2.92
N LYS L 25 39.78 -11.81 -4.10
CA LYS L 25 40.40 -12.62 -5.14
C LYS L 25 41.01 -11.79 -6.27
N GLY L 26 41.06 -10.47 -6.08
CA GLY L 26 41.62 -9.55 -7.08
C GLY L 26 40.65 -9.11 -8.17
N TYR L 27 39.37 -9.42 -7.99
CA TYR L 27 38.32 -9.04 -8.93
C TYR L 27 37.52 -7.86 -8.35
N SER L 28 36.69 -7.23 -9.16
CA SER L 28 35.86 -6.14 -8.68
C SER L 28 34.45 -6.24 -9.20
N TRP L 29 33.48 -5.84 -8.37
CA TRP L 29 32.06 -5.86 -8.75
C TRP L 29 31.79 -4.87 -9.91
N SER L 30 32.42 -3.69 -9.84
CA SER L 30 32.27 -2.58 -10.78
C SER L 30 33.49 -1.69 -10.73
N GLN L 31 33.54 -0.70 -11.63
CA GLN L 31 34.57 0.32 -11.78
C GLN L 31 34.66 1.17 -10.50
N MET L 32 33.48 1.50 -9.88
CA MET L 32 33.37 2.26 -8.62
C MET L 32 33.87 1.41 -7.44
N ALA L 33 33.52 0.09 -7.43
CA ALA L 33 33.96 -0.83 -6.38
C ALA L 33 35.48 -0.95 -6.40
N ALA L 34 36.08 -0.93 -7.62
CA ALA L 34 37.54 -1.00 -7.80
C ALA L 34 38.17 0.26 -7.23
N VAL L 35 37.51 1.42 -7.42
CA VAL L 35 38.00 2.71 -6.91
C VAL L 35 38.02 2.72 -5.39
N LYS L 36 36.92 2.24 -4.79
CA LYS L 36 36.70 2.15 -3.36
C LYS L 36 37.73 1.22 -2.74
N GLN L 37 37.94 0.03 -3.35
CA GLN L 37 38.89 -0.96 -2.86
C GLN L 37 40.32 -0.49 -2.93
N ALA L 38 40.74 0.12 -4.06
CA ALA L 38 42.10 0.65 -4.22
C ALA L 38 42.37 1.74 -3.19
N LEU L 39 41.38 2.64 -2.93
CA LEU L 39 41.49 3.72 -1.95
C LEU L 39 41.55 3.17 -0.52
N ARG L 40 40.75 2.15 -0.20
CA ARG L 40 40.80 1.47 1.11
C ARG L 40 42.20 0.88 1.37
N GLU L 41 42.76 0.16 0.38
CA GLU L 41 44.10 -0.45 0.48
C GLU L 41 45.20 0.60 0.49
N ALA L 42 45.06 1.67 -0.32
CA ALA L 42 46.05 2.75 -0.34
C ALA L 42 46.10 3.44 1.02
N GLY L 43 44.93 3.65 1.65
CA GLY L 43 44.80 4.24 2.97
C GLY L 43 45.54 3.43 4.02
N ASP L 44 45.33 2.09 4.03
CA ASP L 44 46.04 1.16 4.93
C ASP L 44 47.54 1.24 4.71
N GLU L 45 47.98 1.21 3.43
CA GLU L 45 49.41 1.29 3.07
C GLU L 45 50.02 2.61 3.56
N PHE L 46 49.29 3.72 3.38
CA PHE L 46 49.73 5.04 3.82
C PHE L 46 49.94 5.05 5.32
N GLU L 47 48.90 4.66 6.07
CA GLU L 47 48.88 4.62 7.53
C GLU L 47 49.97 3.72 8.13
N LEU L 48 50.41 2.73 7.35
CA LEU L 48 51.50 1.83 7.74
C LEU L 48 52.83 2.57 7.52
N ARG L 49 53.05 3.08 6.28
CA ARG L 49 54.26 3.80 5.87
C ARG L 49 54.52 5.10 6.64
N TYR L 50 53.46 5.80 7.09
CA TYR L 50 53.58 7.10 7.76
C TYR L 50 52.79 7.13 9.05
N ARG L 51 52.95 6.08 9.84
CA ARG L 51 52.28 5.88 11.12
C ARG L 51 52.40 7.08 12.08
N ARG L 52 53.63 7.51 12.40
CA ARG L 52 53.97 8.53 13.39
C ARG L 52 53.22 9.85 13.20
N ALA L 53 52.97 10.30 11.95
CA ALA L 53 52.21 11.51 11.62
C ALA L 53 50.72 11.45 12.04
N PHE L 54 50.23 10.30 12.55
CA PHE L 54 48.82 10.16 12.97
C PHE L 54 48.57 10.34 14.50
N SER L 55 49.62 10.54 15.32
CA SER L 55 49.49 10.80 16.76
C SER L 55 48.63 12.08 17.00
N ASP L 56 48.89 13.16 16.21
CA ASP L 56 48.22 14.47 16.22
C ASP L 56 48.60 15.28 14.96
N LEU L 61 45.28 19.95 13.03
CA LEU L 61 45.28 20.86 14.17
C LEU L 61 44.07 20.66 15.11
N HIS L 62 43.84 21.64 16.04
CA HIS L 62 42.77 21.62 17.05
C HIS L 62 41.34 21.55 16.46
N ILE L 63 40.65 20.40 16.67
CA ILE L 63 39.26 20.14 16.21
C ILE L 63 38.29 20.03 17.40
N THR L 64 37.35 21.00 17.50
CA THR L 64 36.36 21.12 18.57
C THR L 64 34.93 21.16 17.97
N PRO L 65 33.84 21.05 18.78
CA PRO L 65 32.48 21.15 18.20
C PRO L 65 32.14 22.51 17.56
N GLY L 66 33.05 23.47 17.69
CA GLY L 66 32.90 24.81 17.12
C GLY L 66 33.75 25.04 15.88
N THR L 67 34.52 24.01 15.46
CA THR L 67 35.37 24.09 14.28
C THR L 67 34.50 24.10 13.01
N ALA L 68 34.73 25.10 12.16
CA ALA L 68 34.07 25.25 10.85
C ALA L 68 34.99 24.75 9.73
N TYR L 69 34.48 24.73 8.50
CA TYR L 69 35.24 24.29 7.34
C TYR L 69 36.56 25.03 7.21
N GLN L 70 36.57 26.38 7.39
CA GLN L 70 37.71 27.27 7.27
C GLN L 70 38.94 26.79 7.98
N SER L 71 38.76 26.23 9.19
CA SER L 71 39.86 25.69 9.98
C SER L 71 40.42 24.43 9.33
N PHE L 72 39.51 23.57 8.79
CA PHE L 72 39.79 22.30 8.13
C PHE L 72 40.53 22.57 6.83
N GLU L 73 40.04 23.55 6.05
CA GLU L 73 40.64 23.94 4.78
C GLU L 73 42.09 24.39 4.98
N GLN L 74 42.34 25.20 6.05
CA GLN L 74 43.67 25.70 6.39
C GLN L 74 44.65 24.54 6.50
N VAL L 75 44.36 23.55 7.38
CA VAL L 75 45.21 22.38 7.65
C VAL L 75 45.40 21.51 6.39
N VAL L 76 44.31 21.26 5.65
CA VAL L 76 44.33 20.43 4.45
C VAL L 76 45.12 21.11 3.30
N ASN L 77 45.13 22.47 3.26
CA ASN L 77 45.89 23.24 2.28
C ASN L 77 47.39 23.01 2.44
N GLU L 78 47.85 22.77 3.70
CA GLU L 78 49.25 22.49 4.01
C GLU L 78 49.70 21.21 3.37
N LEU L 79 48.80 20.22 3.31
CA LEU L 79 49.05 18.92 2.70
C LEU L 79 49.33 19.06 1.19
N PHE L 80 48.72 20.06 0.53
CA PHE L 80 48.84 20.29 -0.91
C PHE L 80 49.66 21.53 -1.28
N ARG L 81 50.46 22.05 -0.30
CA ARG L 81 51.34 23.22 -0.44
C ARG L 81 52.28 23.07 -1.63
N ASP L 82 52.93 21.89 -1.78
CA ASP L 82 53.86 21.64 -2.89
C ASP L 82 53.18 21.05 -4.14
N GLY L 83 51.86 21.20 -4.26
CA GLY L 83 51.09 20.68 -5.38
C GLY L 83 50.32 19.42 -5.05
N VAL L 84 49.47 18.98 -5.99
CA VAL L 84 48.63 17.77 -5.84
C VAL L 84 49.28 16.58 -6.54
N ASN L 85 49.14 15.40 -5.94
CA ASN L 85 49.53 14.09 -6.46
C ASN L 85 48.61 13.06 -5.83
N TRP L 86 48.54 11.84 -6.38
CA TRP L 86 47.66 10.81 -5.85
C TRP L 86 47.96 10.40 -4.39
N GLY L 87 49.24 10.33 -4.04
CA GLY L 87 49.67 9.94 -2.70
C GLY L 87 49.21 10.92 -1.64
N ARG L 88 49.20 12.21 -1.98
CA ARG L 88 48.73 13.28 -1.11
C ARG L 88 47.19 13.30 -1.04
N ILE L 89 46.53 12.76 -2.08
CA ILE L 89 45.08 12.56 -2.13
C ILE L 89 44.70 11.41 -1.18
N VAL L 90 45.54 10.35 -1.14
CA VAL L 90 45.39 9.21 -0.22
C VAL L 90 45.57 9.73 1.20
N ALA L 91 46.61 10.57 1.40
CA ALA L 91 46.91 11.19 2.69
C ALA L 91 45.70 11.95 3.25
N PHE L 92 45.04 12.76 2.39
CA PHE L 92 43.86 13.56 2.68
C PHE L 92 42.72 12.66 3.19
N PHE L 93 42.47 11.56 2.48
CA PHE L 93 41.44 10.62 2.89
C PHE L 93 41.78 10.03 4.26
N SER L 94 43.04 9.55 4.45
CA SER L 94 43.48 8.98 5.73
C SER L 94 43.38 9.99 6.87
N PHE L 95 43.71 11.28 6.61
CA PHE L 95 43.61 12.37 7.58
C PHE L 95 42.19 12.50 8.08
N GLY L 96 41.23 12.54 7.15
CA GLY L 96 39.80 12.64 7.42
C GLY L 96 39.28 11.46 8.20
N GLY L 97 39.75 10.27 7.83
CA GLY L 97 39.44 9.02 8.52
C GLY L 97 39.90 9.05 9.97
N ALA L 98 41.15 9.47 10.22
CA ALA L 98 41.69 9.59 11.57
C ALA L 98 40.97 10.66 12.41
N LEU L 99 40.55 11.78 11.79
CA LEU L 99 39.76 12.83 12.45
C LEU L 99 38.41 12.27 12.90
N CYS L 100 37.76 11.42 12.09
CA CYS L 100 36.48 10.81 12.44
C CYS L 100 36.64 9.84 13.60
N VAL L 101 37.70 9.00 13.56
CA VAL L 101 37.99 8.03 14.62
C VAL L 101 38.24 8.76 15.95
N GLU L 102 39.17 9.76 15.95
CA GLU L 102 39.48 10.52 17.16
C GLU L 102 38.27 11.35 17.60
N SER L 103 37.43 11.85 16.65
CA SER L 103 36.17 12.57 16.95
C SER L 103 35.23 11.66 17.75
N VAL L 104 35.19 10.36 17.43
CA VAL L 104 34.39 9.37 18.14
C VAL L 104 35.05 9.11 19.53
N ASP L 105 36.37 8.77 19.52
CA ASP L 105 37.19 8.50 20.71
C ASP L 105 37.02 9.61 21.77
N LYS L 106 37.03 10.89 21.33
CA LYS L 106 36.91 12.07 22.20
C LYS L 106 35.45 12.49 22.48
N GLU L 107 34.47 11.56 22.28
CA GLU L 107 33.04 11.76 22.54
C GLU L 107 32.44 13.00 21.79
N MET L 108 32.84 13.17 20.51
CA MET L 108 32.40 14.27 19.64
C MET L 108 31.89 13.67 18.32
N GLN L 109 31.09 12.59 18.41
CA GLN L 109 30.49 11.83 17.30
C GLN L 109 29.77 12.72 16.26
N VAL L 110 29.20 13.84 16.75
CA VAL L 110 28.46 14.84 15.96
C VAL L 110 29.32 15.45 14.85
N LEU L 111 30.65 15.49 15.06
CA LEU L 111 31.59 16.03 14.08
C LEU L 111 31.84 15.13 12.86
N VAL L 112 31.47 13.82 12.90
CA VAL L 112 31.71 12.87 11.80
C VAL L 112 30.99 13.32 10.49
N SER L 113 29.71 13.71 10.61
CA SER L 113 28.91 14.21 9.47
C SER L 113 29.54 15.50 8.90
N ARG L 114 30.02 16.36 9.81
CA ARG L 114 30.64 17.64 9.47
C ARG L 114 31.94 17.42 8.70
N ILE L 115 32.80 16.46 9.17
CA ILE L 115 34.06 16.08 8.54
C ILE L 115 33.79 15.58 7.11
N ALA L 116 32.77 14.71 6.95
CA ALA L 116 32.37 14.14 5.66
C ALA L 116 32.00 15.26 4.66
N ALA L 117 31.22 16.25 5.15
CA ALA L 117 30.78 17.38 4.32
C ALA L 117 31.97 18.27 3.95
N TRP L 118 32.89 18.48 4.93
CA TRP L 118 34.11 19.24 4.76
C TRP L 118 34.96 18.62 3.66
N MET L 119 35.14 17.27 3.69
CA MET L 119 35.93 16.48 2.74
C MET L 119 35.36 16.60 1.34
N ALA L 120 34.01 16.52 1.19
CA ALA L 120 33.33 16.65 -0.10
C ALA L 120 33.56 18.07 -0.67
N THR L 121 33.43 19.14 0.18
CA THR L 121 33.67 20.52 -0.25
C THR L 121 35.11 20.67 -0.71
N TYR L 122 36.08 20.16 0.10
CA TYR L 122 37.48 20.25 -0.25
C TYR L 122 37.79 19.56 -1.58
N LEU L 123 37.29 18.32 -1.76
CA LEU L 123 37.46 17.56 -3.00
C LEU L 123 36.95 18.33 -4.21
N ASN L 124 35.70 18.83 -4.13
CA ASN L 124 35.07 19.58 -5.23
C ASN L 124 35.77 20.90 -5.53
N ASP L 125 36.13 21.67 -4.50
CA ASP L 125 36.79 22.98 -4.69
C ASP L 125 38.26 22.89 -5.11
N HIS L 126 39.02 21.92 -4.57
CA HIS L 126 40.47 21.85 -4.79
C HIS L 126 41.04 20.65 -5.56
N LEU L 127 40.49 19.46 -5.36
CA LEU L 127 41.10 18.25 -5.94
C LEU L 127 40.45 17.74 -7.23
N GLU L 128 39.14 17.96 -7.43
CA GLU L 128 38.40 17.55 -8.64
C GLU L 128 39.03 18.07 -9.96
N PRO L 129 39.41 19.38 -10.12
CA PRO L 129 40.02 19.80 -11.40
C PRO L 129 41.29 19.02 -11.70
N TRP L 130 42.15 18.82 -10.68
CA TRP L 130 43.39 18.05 -10.84
C TRP L 130 43.08 16.58 -11.19
N ILE L 131 42.11 15.95 -10.47
CA ILE L 131 41.69 14.57 -10.70
C ILE L 131 41.31 14.36 -12.18
N GLN L 132 40.47 15.27 -12.73
CA GLN L 132 40.05 15.24 -14.13
C GLN L 132 41.22 15.42 -15.11
N GLU L 133 42.13 16.37 -14.81
CA GLU L 133 43.32 16.64 -15.63
C GLU L 133 44.34 15.49 -15.61
N ASN L 134 44.32 14.64 -14.55
CA ASN L 134 45.27 13.54 -14.37
C ASN L 134 44.69 12.13 -14.54
N GLY L 135 43.68 12.02 -15.42
CA GLY L 135 43.06 10.77 -15.83
C GLY L 135 41.93 10.18 -15.02
N GLY L 136 41.45 10.92 -14.02
CA GLY L 136 40.36 10.47 -13.16
C GLY L 136 40.74 9.36 -12.19
N TRP L 137 39.75 8.88 -11.42
CA TRP L 137 39.93 7.81 -10.44
C TRP L 137 40.35 6.48 -11.07
N ASP L 138 40.02 6.27 -12.36
CA ASP L 138 40.38 5.07 -13.11
C ASP L 138 41.89 4.96 -13.30
N THR L 139 42.59 6.11 -13.47
CA THR L 139 44.05 6.14 -13.58
C THR L 139 44.68 5.84 -12.22
N PHE L 140 44.07 6.33 -11.12
CA PHE L 140 44.52 6.04 -9.76
C PHE L 140 44.51 4.51 -9.54
N VAL L 141 43.41 3.84 -9.96
CA VAL L 141 43.23 2.38 -9.85
C VAL L 141 44.32 1.63 -10.61
N GLU L 142 44.63 2.10 -11.84
CA GLU L 142 45.67 1.52 -12.70
C GLU L 142 47.04 1.67 -12.05
N LEU L 143 47.37 2.88 -11.57
CA LEU L 143 48.64 3.21 -10.91
C LEU L 143 48.83 2.44 -9.61
N TYR L 144 47.75 2.31 -8.81
CA TYR L 144 47.85 1.60 -7.54
C TYR L 144 47.96 0.08 -7.73
C10 QHP M . -7.78 4.41 -18.62
C14 QHP M . -1.30 9.33 -23.70
C15 QHP M . -1.05 10.66 -24.08
C18 QHP M . 0.26 9.61 -21.88
C19 QHP M . -0.62 8.82 -22.61
C21 QHP M . -1.07 7.71 -26.37
C22 QHP M . 0.19 6.71 -28.29
C23 QHP M . -0.76 6.13 -29.35
C25 QHP M . 2.89 8.14 -27.31
C26 QHP M . 3.55 9.02 -26.26
C28 QHP M . 5.69 9.43 -24.96
C29 QHP M . 4.92 9.35 -23.64
C32 QHP M . 3.51 11.30 -24.34
C35 QHP M . 3.57 10.50 -26.72
O5 QHP M . -1.08 8.86 -26.76
N1 QHP M . -0.41 6.68 -26.96
C24 QHP M . 1.55 5.90 -28.34
S QHP M . 2.77 6.37 -27.13
O3 QHP M . 2.28 6.02 -25.84
O4 QHP M . 4.04 5.82 -27.54
C33 QHP M . 4.27 11.39 -25.67
C30 QHP M . 3.47 9.84 -23.85
C31 QHP M . 2.79 8.96 -24.91
C34 QHP M . 5.72 10.90 -25.45
C27 QHP M . 5.00 8.55 -26.02
O2 QHP M . -1.54 5.20 -28.97
O1 QHP M . -0.67 6.57 -30.51
N QHP M . -1.80 7.37 -25.18
C13 QHP M . -2.34 8.51 -24.43
C17 QHP M . 0.47 10.94 -22.21
C20 QHP M . 1.41 11.80 -21.39
C16 QHP M . -0.18 11.44 -23.32
C QHP M . -1.96 6.04 -24.66
O QHP M . -1.15 5.16 -24.88
C1 QHP M . -3.07 5.76 -23.71
C6 QHP M . -4.40 6.18 -23.87
C5 QHP M . -5.34 5.88 -22.90
C4 QHP M . -5.00 5.14 -21.76
C3 QHP M . -3.68 4.69 -21.64
C2 QHP M . -2.74 5.00 -22.60
C7 QHP M . -5.97 4.89 -20.69
C12 QHP M . -5.97 3.67 -20.00
C11 QHP M . -6.88 3.44 -18.98
C9 QHP M . -7.78 5.63 -19.28
C8 QHP M . -6.88 5.87 -20.31
S SO4 N . 13.72 34.87 -14.27
O1 SO4 N . 15.14 35.02 -13.91
O2 SO4 N . 12.95 34.66 -13.04
O3 SO4 N . 13.21 36.10 -14.91
O4 SO4 N . 13.56 33.72 -15.18
C1 EDO O . 21.23 10.50 -9.63
O1 EDO O . 21.42 9.11 -9.74
C2 EDO O . 20.11 10.73 -8.62
O2 EDO O . 19.69 12.08 -8.72
C10 QHP P . 17.72 39.59 -0.03
C14 QHP P . 9.95 35.62 4.25
C15 QHP P . 8.60 35.44 3.94
C18 QHP P . 10.39 33.40 3.40
C19 QHP P . 10.83 34.59 3.97
C21 QHP P . 10.12 36.94 7.16
C22 QHP P . 9.97 37.14 9.61
C23 QHP P . 10.14 38.52 10.26
C25 QHP P . 8.72 34.16 9.36
C26 QHP P . 8.30 32.93 8.55
C28 QHP P . 8.10 30.40 8.52
C29 QHP P . 8.87 30.36 7.20
C32 QHP P . 7.10 31.76 6.11
C35 QHP P . 6.80 33.03 8.25
O5 QHP P . 8.92 36.73 6.99
N1 QHP P . 10.69 37.10 8.35
C24 QHP P . 10.46 36.03 10.59
S QHP P . 10.28 34.35 10.06
O3 QHP P . 11.32 34.07 9.10
O4 QHP P . 10.23 33.52 11.23
C33 QHP P . 6.33 31.81 7.43
C30 QHP P . 8.60 31.64 6.40
C31 QHP P . 9.07 32.86 7.22
C34 QHP P . 6.59 30.53 8.23
C27 QHP P . 8.56 31.63 9.34
O2 QHP P . 11.32 38.99 10.30
O1 QHP P . 9.11 39.09 10.69
N QHP P . 11.01 37.00 6.05
C13 QHP P . 10.44 36.98 4.69
C17 QHP P . 9.04 33.22 3.06
C20 QHP P . 8.54 31.93 2.45
C16 QHP P . 8.16 34.27 3.32
C QHP P . 12.43 36.90 6.17
O QHP P . 12.91 36.24 7.08
C1 QHP P . 13.32 37.48 5.12
C6 QHP P . 13.07 38.69 4.46
C5 QHP P . 13.93 39.17 3.49
C4 QHP P . 15.09 38.46 3.16
C3 QHP P . 15.35 37.27 3.84
C2 QHP P . 14.48 36.79 4.80
C7 QHP P . 16.00 38.92 2.07
C12 QHP P . 17.38 38.95 2.25
C11 QHP P . 18.23 39.28 1.21
C9 QHP P . 16.35 39.56 -0.24
C8 QHP P . 15.49 39.24 0.81
S SO4 Q . 10.83 43.60 -3.82
O1 SO4 Q . 12.13 42.97 -3.61
O2 SO4 Q . 10.07 43.50 -2.57
O3 SO4 Q . 10.13 42.92 -4.92
O4 SO4 Q . 11.01 45.01 -4.15
C10 QHP R . 8.68 -28.56 -10.35
C14 QHP R . 13.60 -24.57 -18.06
C15 QHP R . 14.69 -24.90 -18.87
C18 QHP R . 12.14 -24.93 -19.96
C19 QHP R . 12.32 -24.59 -18.63
C21 QHP R . 14.56 -21.98 -16.53
C22 QHP R . 15.32 -19.64 -16.35
C23 QHP R . 16.19 -19.33 -15.13
C25 QHP R . 15.11 -19.00 -19.55
C26 QHP R . 14.81 -19.72 -20.86
C28 QHP R . 13.87 -19.41 -23.19
C29 QHP R . 12.89 -20.57 -22.96
C32 QHP R . 14.81 -22.13 -22.58
C35 QHP R . 16.10 -20.28 -21.48
O5 QHP R . 15.57 -22.33 -17.13
N1 QHP R . 14.34 -20.71 -16.13
C24 QHP R . 14.65 -18.34 -16.79
S QHP R . 13.91 -18.44 -18.40
O3 QHP R . 12.78 -19.34 -18.29
O4 QHP R . 13.64 -17.10 -18.85
C33 QHP R . 15.80 -20.98 -22.82
C30 QHP R . 13.51 -21.58 -21.99
C31 QHP R . 13.82 -20.89 -20.65
C34 QHP R . 15.18 -19.96 -23.79
C27 QHP R . 14.18 -18.72 -21.85
O2 QHP R . 15.64 -19.38 -14.00
O1 QHP R . 17.38 -18.96 -15.33
N QHP R . 13.56 -22.95 -16.16
C13 QHP R . 13.79 -24.34 -16.59
C17 QHP R . 13.23 -25.26 -20.77
C20 QHP R . 13.04 -25.58 -22.23
C16 QHP R . 14.50 -25.24 -20.20
C QHP R . 12.44 -22.68 -15.36
O QHP R . 11.91 -21.58 -15.40
C1 QHP R . 11.84 -23.76 -14.53
C6 QHP R . 12.60 -24.66 -13.77
C5 QHP R . 11.98 -25.60 -12.96
C4 QHP R . 10.59 -25.68 -12.87
C3 QHP R . 9.84 -24.77 -13.62
C2 QHP R . 10.44 -23.83 -14.45
C7 QHP R . 9.92 -26.68 -12.00
C12 QHP R . 8.73 -26.38 -11.35
C11 QHP R . 8.11 -27.31 -10.53
C9 QHP R . 9.86 -28.87 -10.99
C8 QHP R . 10.48 -27.95 -11.81
S SO4 S . 0.42 -34.36 -34.08
O1 SO4 S . -0.43 -33.55 -33.22
O2 SO4 S . 1.50 -34.99 -33.29
O3 SO4 S . 0.97 -33.52 -35.15
O4 SO4 S . -0.41 -35.42 -34.66
C10 QHP T . 11.37 -42.78 -55.79
C14 QHP T . 6.66 -47.86 -49.36
C15 QHP T . 6.29 -46.52 -49.38
C18 QHP T . 6.87 -47.71 -46.96
C19 QHP T . 6.94 -48.45 -48.13
C21 QHP T . 4.82 -49.93 -51.18
C22 QHP T . 2.77 -51.14 -51.98
C23 QHP T . 2.34 -51.64 -53.37
C25 QHP T . 2.25 -49.76 -48.63
C26 QHP T . 2.27 -49.48 -47.12
C28 QHP T . 3.82 -49.02 -45.17
C29 QHP T . 3.14 -50.14 -44.36
C32 QHP T . 0.95 -48.92 -44.52
C35 QHP T . 1.56 -48.14 -46.83
O5 QHP T . 5.03 -50.63 -50.19
N1 QHP T . 3.84 -50.15 -52.08
C24 QHP T . 1.56 -50.55 -51.20
S QHP T . 1.45 -51.02 -49.49
O3 QHP T . 2.12 -52.27 -49.30
O4 QHP T . 0.06 -50.95 -49.11
C33 QHP T . 1.63 -47.80 -45.33
C30 QHP T . 1.66 -50.26 -44.78
C31 QHP T . 1.59 -50.59 -46.30
C34 QHP T . 3.10 -47.68 -44.91
C27 QHP T . 3.74 -49.36 -46.68
O2 QHP T . 1.58 -52.63 -53.40
O1 QHP T . 2.78 -51.03 -54.38
N QHP T . 5.64 -48.80 -51.47
C13 QHP T . 6.86 -48.64 -50.64
C17 QHP T . 6.49 -46.38 -46.97
C20 QHP T . 6.29 -45.61 -45.68
C16 QHP T . 6.21 -45.79 -48.20
C QHP T . 5.31 -47.81 -52.44
O QHP T . 4.14 -47.53 -52.66
C1 QHP T . 6.41 -47.09 -53.19
C6 QHP T . 7.72 -47.56 -53.23
C5 QHP T . 8.71 -46.80 -53.86
C4 QHP T . 8.41 -45.58 -54.46
C3 QHP T . 7.09 -45.16 -54.46
C2 QHP T . 6.10 -45.90 -53.83
C7 QHP T . 9.50 -44.70 -54.98
C12 QHP T . 10.60 -44.38 -54.17
C11 QHP T . 11.50 -43.41 -54.57
C9 QHP T . 10.31 -43.13 -56.62
C8 QHP T . 9.38 -44.07 -56.21
S SO4 U . 4.29 -28.74 -36.21
O1 SO4 U . 3.57 -29.34 -35.08
O2 SO4 U . 5.42 -29.60 -36.60
O3 SO4 U . 4.81 -27.41 -35.88
O4 SO4 U . 3.34 -28.59 -37.31
C10 QHP V . -11.13 -19.43 -2.29
C14 QHP V . -17.40 -26.65 -4.98
C15 QHP V . -17.59 -27.94 -4.51
C18 QHP V . -19.61 -26.10 -4.17
C19 QHP V . -18.43 -25.74 -4.81
C21 QHP V . -16.75 -26.66 -8.02
C22 QHP V . -16.76 -26.58 -10.53
C23 QHP V . -15.59 -25.78 -11.14
C25 QHP V . -19.80 -27.99 -9.87
C26 QHP V . -20.92 -28.27 -8.88
C28 QHP V . -23.43 -28.21 -8.51
C29 QHP V . -23.23 -27.36 -7.24
C32 QHP V . -21.87 -29.22 -6.22
C35 QHP V . -20.93 -29.77 -8.49
O5 QHP V . -16.73 -27.87 -7.80
N1 QHP V . -17.08 -26.09 -9.20
C24 QHP V . -17.99 -26.56 -11.49
S QHP V . -19.62 -26.50 -10.77
O3 QHP V . -19.67 -25.33 -9.93
O4 QHP V . -20.59 -26.60 -11.82
C33 QHP V . -22.07 -30.07 -7.50
C30 QHP V . -21.89 -27.73 -6.59
C31 QHP V . -20.74 -27.43 -7.59
C34 QHP V . -23.41 -29.70 -8.15
C27 QHP V . -22.28 -27.92 -9.50
O2 QHP V . -15.55 -24.54 -10.90
O1 QHP V . -14.74 -26.41 -11.80
N QHP V . -16.28 -25.73 -7.02
C13 QHP V . -16.10 -26.26 -5.67
C17 QHP V . -19.78 -27.39 -3.66
C20 QHP V . -21.01 -27.76 -2.86
C16 QHP V . -18.76 -28.30 -3.86
C QHP V . -16.17 -24.33 -7.22
O QHP V . -16.89 -23.76 -8.02
C1 QHP V . -15.24 -23.52 -6.38
C6 QHP V . -14.05 -24.04 -5.86
C5 QHP V . -13.20 -23.25 -5.10
C4 QHP V . -13.51 -21.91 -4.83
C3 QHP V . -14.70 -21.40 -5.34
C2 QHP V . -15.55 -22.18 -6.11
C7 QHP V . -12.59 -21.06 -4.03
C12 QHP V . -12.58 -19.68 -4.19
C11 QHP V . -11.86 -18.87 -3.33
C9 QHP V . -11.12 -20.79 -2.13
C8 QHP V . -11.83 -21.61 -2.99
C1 EDO W . -42.63 -21.78 -2.47
O1 EDO W . -41.50 -22.62 -2.42
C2 EDO W . -42.61 -20.81 -1.24
O2 EDO W . -42.69 -21.53 -0.01
C10 QHP X . -44.77 -38.89 25.60
C14 QHP X . -37.67 -32.48 28.41
C15 QHP X . -36.29 -32.47 28.53
C18 QHP X . -37.48 -30.98 26.52
C19 QHP X . -38.26 -31.71 27.40
C21 QHP X . -38.79 -31.90 31.27
C22 QHP X . -39.48 -30.59 33.27
C23 QHP X . -40.52 -31.34 34.13
C25 QHP X . -37.54 -28.22 31.79
C26 QHP X . -36.77 -27.54 30.67
C28 QHP X . -36.40 -27.34 28.17
C29 QHP X . -34.92 -27.70 28.36
C32 QHP X . -34.60 -25.69 29.82
C35 QHP X . -36.92 -26.01 30.75
O5 QHP X . -37.60 -32.06 31.55
N1 QHP X . -39.61 -31.01 31.89
C24 QHP X . -39.67 -29.04 33.47
S QHP X . -39.22 -27.97 32.13
O3 QHP X . -39.43 -26.61 32.56
O4 QHP X . -39.95 -28.41 30.97
C33 QHP X . -36.09 -25.33 29.63
C30 QHP X . -34.43 -27.21 29.74
C31 QHP X . -35.27 -27.89 30.84
C34 QHP X . -36.57 -25.82 28.27
C27 QHP X . -37.23 -28.01 29.29
O2 QHP X . -41.67 -31.50 33.63
O1 QHP X . -40.15 -31.74 35.25
N QHP X . -39.42 -32.67 30.22
C13 QHP X . -38.51 -33.37 29.28
C17 QHP X . -36.09 -30.99 26.62
C20 QHP X . -35.23 -30.21 25.65
C16 QHP X . -35.52 -31.74 27.65
C QHP X . -40.82 -32.63 29.93
O QHP X . -41.47 -31.62 30.15
C1 QHP X . -41.50 -33.80 29.27
C6 QHP X . -41.17 -35.12 29.53
C5 QHP X . -41.86 -36.16 28.91
C4 QHP X . -42.89 -35.89 28.01
C3 QHP X . -43.21 -34.56 27.75
C2 QHP X . -42.52 -33.53 28.37
C7 QHP X . -43.56 -37.00 27.27
C12 QHP X . -44.93 -36.96 27.01
C11 QHP X . -45.53 -37.89 26.18
C9 QHP X . -43.42 -38.97 25.87
C8 QHP X . -42.82 -38.04 26.71
C10 QHP Y . -16.63 22.26 3.65
C14 QHP Y . -9.62 28.74 5.09
C15 QHP Y . -8.24 28.70 5.02
C18 QHP Y . -9.64 29.73 2.88
C19 QHP Y . -10.32 29.28 4.01
C21 QHP Y . -10.44 29.92 7.97
C22 QHP Y . -10.73 31.66 9.71
C23 QHP Y . -11.33 31.22 11.05
C25 QHP Y . -9.19 33.47 7.44
C26 QHP Y . -8.55 33.84 6.10
C28 QHP Y . -7.79 35.75 4.61
C29 QHP Y . -8.58 35.16 3.44
C32 QHP Y . -7.20 33.07 3.57
C35 QHP Y . -7.11 33.29 6.07
O5 QHP Y . -9.24 29.78 8.15
N1 QHP Y . -11.20 30.82 8.62
C24 QHP Y . -11.08 33.15 9.49
S QHP Y . -10.79 33.91 7.90
O3 QHP Y . -11.78 33.40 6.98
O4 QHP Y . -10.75 35.32 8.12
C33 QHP Y . -6.41 33.65 4.75
C30 QHP Y . -8.63 33.63 3.57
C31 QHP Y . -9.32 33.26 4.90
C34 QHP Y . -6.36 35.19 4.61
C27 QHP Y . -8.48 35.38 5.94
O2 QHP Y . -12.56 30.96 11.08
O1 QHP Y . -10.56 31.20 12.04
N QHP Y . -11.15 29.06 7.06
C13 QHP Y . -10.36 28.12 6.26
C17 QHP Y . -8.25 29.67 2.80
C20 QHP Y . -7.52 30.13 1.57
C16 QHP Y . -7.57 29.16 3.89
C QHP Y . -12.57 29.08 6.91
O QHP Y . -13.20 30.11 7.07
C1 QHP Y . -13.30 27.84 6.46
C6 QHP Y . -13.02 26.57 6.95
C5 QHP Y . -13.75 25.47 6.52
C4 QHP Y . -14.77 25.60 5.58
C3 QHP Y . -15.07 26.88 5.11
C2 QHP Y . -14.33 27.98 5.53
C7 QHP Y . -15.46 24.40 5.03
C12 QHP Y . -16.77 24.49 4.54
C11 QHP Y . -17.35 23.43 3.84
C9 QHP Y . -15.35 22.14 4.16
C8 QHP Y . -14.77 23.20 4.85
C1 EDO Z . -8.12 29.61 -17.82
O1 EDO Z . -7.34 29.49 -16.62
C2 EDO Z . -8.73 31.03 -17.96
O2 EDO Z . -7.70 32.03 -18.02
C1 EDO AA . -6.83 22.71 -6.58
O1 EDO AA . -7.35 21.87 -7.62
C2 EDO AA . -6.49 21.86 -5.32
O2 EDO AA . -5.50 22.53 -4.56
C10 QHP BA . 14.74 33.36 -29.52
C14 QHP BA . 8.80 26.05 -30.42
C15 QHP BA . 8.49 24.91 -29.69
C18 QHP BA . 6.95 27.16 -29.34
C19 QHP BA . 8.02 27.19 -30.23
C21 QHP BA . 9.21 25.08 -33.47
C22 QHP BA . 8.63 24.31 -35.82
C23 QHP BA . 9.72 24.38 -36.89
C25 QHP BA . 5.45 23.87 -34.43
C26 QHP BA . 4.51 24.02 -33.24
C28 QHP BA . 2.12 24.41 -32.50
C29 QHP BA . 2.57 25.54 -31.57
C32 QHP BA . 4.01 23.89 -30.31
C35 QHP BA . 4.50 22.69 -32.45
O5 QHP BA . 9.15 24.00 -32.89
N1 QHP BA . 8.87 25.29 -34.76
C24 QHP BA . 7.23 24.50 -36.51
S QHP BA . 5.86 25.13 -35.57
O3 QHP BA . 6.31 26.31 -34.88
O4 QHP BA . 4.74 25.27 -36.45
C33 QHP BA . 3.54 22.77 -31.25
C30 QHP BA . 4.00 25.24 -31.06
C31 QHP BA . 4.96 25.15 -32.28
C34 QHP BA . 2.12 23.08 -31.75
C27 QHP BA . 3.08 24.33 -33.72
O2 QHP BA . 10.40 25.44 -36.97
O1 QHP BA . 9.85 23.38 -37.65
N QHP BA . 9.67 26.27 -32.77
C13 QHP BA . 10.00 26.08 -31.34
C17 QHP BA . 6.63 26.01 -28.62
C20 QHP BA . 5.48 26.00 -27.64
C16 QHP BA . 7.42 24.89 -28.80
C QHP BA . 9.70 27.59 -33.33
O QHP BA . 8.91 27.91 -34.22
C1 QHP BA . 10.65 28.61 -32.79
C6 QHP BA . 11.96 28.28 -32.44
C5 QHP BA . 12.82 29.25 -31.94
C4 QHP BA . 12.42 30.57 -31.78
C3 QHP BA . 11.13 30.90 -32.19
C2 QHP BA . 10.24 29.94 -32.66
C7 QHP BA . 13.25 31.53 -31.02
C12 QHP BA . 13.38 32.85 -31.44
C11 QHP BA . 14.14 33.76 -30.71
C9 QHP BA . 14.60 32.06 -29.08
C8 QHP BA . 13.88 31.14 -29.83
S SO4 CA . -10.03 15.31 -8.29
O1 SO4 CA . -10.42 13.95 -7.86
O2 SO4 CA . -9.39 15.99 -7.15
O3 SO4 CA . -11.22 16.04 -8.73
O4 SO4 CA . -9.09 15.22 -9.40
C1 EDO DA . 12.48 30.29 -35.92
O1 EDO DA . 13.42 31.20 -35.40
C2 EDO DA . 13.00 28.83 -35.96
O2 EDO DA . 11.91 27.99 -36.32
C10 QHP EA . -1.72 -11.21 28.77
C14 QHP EA . -5.88 -14.74 36.83
C15 QHP EA . -5.25 -13.55 36.49
C18 QHP EA . -6.45 -13.76 38.96
C19 QHP EA . -6.50 -14.83 38.09
C21 QHP EA . -7.20 -17.33 34.46
C22 QHP EA . -8.44 -18.54 32.64
C23 QHP EA . -9.51 -19.18 33.53
C25 QHP EA . -6.46 -18.54 29.74
C26 QHP EA . -5.00 -18.49 29.32
C28 QHP EA . -2.59 -18.55 30.14
C29 QHP EA . -2.27 -19.66 29.13
C32 QHP EA . -2.89 -18.15 27.23
C35 QHP EA . -4.71 -17.13 28.66
O5 QHP EA . -6.88 -18.32 35.11
N1 QHP EA . -7.86 -17.36 33.27
C24 QHP EA . -7.34 -19.57 32.24
S QHP EA . -7.28 -19.87 30.49
O3 QHP EA . -8.63 -19.83 29.99
O4 QHP EA . -6.53 -21.08 30.26
C33 QHP EA . -3.22 -17.03 28.23
C30 QHP EA . -3.16 -19.51 27.89
C31 QHP EA . -4.65 -19.61 28.31
C34 QHP EA . -2.33 -17.18 29.48
C27 QHP EA . -4.08 -18.63 30.54
O2 QHP EA . -10.67 -18.68 33.46
O1 QHP EA . -9.18 -20.13 34.27
N QHP EA . -6.93 -16.02 34.93
C13 QHP EA . -5.83 -15.94 35.92
C17 QHP EA . -5.80 -12.57 38.63
C20 QHP EA . -5.74 -11.43 39.61
C16 QHP EA . -5.21 -12.49 37.38
C QHP EA . -7.27 -14.87 34.21
O QHP EA . -8.41 -14.43 34.29
C1 QHP EA . -6.25 -14.25 33.32
C6 QHP EA . -5.27 -15.00 32.69
C5 QHP EA . -4.35 -14.40 31.84
C4 QHP EA . -4.40 -13.04 31.58
C3 QHP EA . -5.39 -12.29 32.22
C2 QHP EA . -6.29 -12.88 33.08
C7 QHP EA . -3.47 -12.41 30.61
C12 QHP EA . -2.69 -13.18 29.74
C11 QHP EA . -1.82 -12.59 28.83
C9 QHP EA . -2.47 -10.43 29.61
C8 QHP EA . -3.35 -11.01 30.52
C10 QHP FA . 5.63 8.44 72.23
C14 QHP FA . 10.20 10.12 63.82
C15 QHP FA . 10.93 9.35 62.93
C18 QHP FA . 8.40 10.14 62.22
C19 QHP FA . 8.91 10.50 63.45
C21 QHP FA . 12.02 12.68 64.66
C22 QHP FA . 13.50 14.66 64.79
C23 QHP FA . 14.36 14.78 66.06
C25 QHP FA . 12.69 14.92 61.56
C26 QHP FA . 11.80 14.33 60.47
C28 QHP FA . 10.15 14.84 58.61
C29 QHP FA . 9.13 13.88 59.25
C32 QHP FA . 10.75 11.98 58.99
C35 QHP FA . 12.66 13.56 59.46
O5 QHP FA . 12.68 12.09 63.80
N1 QHP FA . 12.26 13.95 65.07
C24 QHP FA . 13.24 16.08 64.15
S QHP FA . 12.18 16.13 62.72
O3 QHP FA . 10.84 15.89 63.17
O4 QHP FA . 12.43 17.37 62.02
C33 QHP FA . 11.77 12.95 58.35
C30 QHP FA . 9.88 12.76 59.98
C31 QHP FA . 10.77 13.37 61.09
C34 QHP FA . 11.02 14.07 57.62
C27 QHP FA . 11.04 15.45 59.72
O2 QHP FA . 13.79 15.18 67.10
O1 QHP FA . 15.56 14.42 65.97
N QHP FA . 10.90 12.03 65.29
C13 QHP FA . 10.80 10.57 65.13
C17 QHP FA . 9.14 9.39 61.32
C20 QHP FA . 8.61 9.05 59.95
C16 QHP FA . 10.41 8.97 61.71
C QHP FA . 9.99 12.68 66.16
O QHP FA . 9.76 13.87 66.03
C1 QHP FA . 9.26 11.90 67.21
C6 QHP FA . 9.92 11.29 68.26
C5 QHP FA . 9.21 10.63 69.25
C4 QHP FA . 7.82 10.56 69.22
C3 QHP FA . 7.16 11.19 68.17
C2 QHP FA . 7.87 11.84 67.17
C7 QHP FA . 7.06 9.83 70.27
C12 QHP FA . 6.41 10.51 71.30
C11 QHP FA . 5.70 9.83 72.27
C9 QHP FA . 6.26 7.76 71.21
C8 QHP FA . 6.97 8.44 70.25
S SO4 GA . 9.99 -2.46 36.51
O1 SO4 GA . 10.82 -3.65 36.29
O2 SO4 GA . 10.19 -1.93 37.86
O3 SO4 GA . 8.58 -2.83 36.37
O4 SO4 GA . 10.33 -1.41 35.54
C10 QHP HA . 28.22 -26.36 3.63
C14 QHP HA . 28.54 -20.98 11.33
C15 QHP HA . 29.53 -20.53 12.20
C18 QHP HA . 28.50 -18.76 10.36
C19 QHP HA . 28.02 -20.06 10.42
C21 QHP HA . 26.72 -22.73 13.37
C22 QHP HA . 24.79 -22.55 14.83
C23 QHP HA . 24.18 -23.44 15.92
C25 QHP HA . 24.55 -19.54 15.62
C26 QHP HA . 25.29 -18.28 15.17
C28 QHP HA . 25.08 -15.79 14.72
C29 QHP HA . 25.60 -15.99 13.30
C32 QHP HA . 27.74 -16.92 14.21
C35 QHP HA . 26.47 -17.98 16.10
O5 QHP HA . 27.61 -22.21 14.05
N1 QHP HA . 25.60 -23.29 13.86
C24 QHP HA . 23.68 -21.80 14.11
S QHP HA . 23.16 -20.27 14.87
O3 QHP HA . 22.62 -19.44 13.84
O4 QHP HA . 22.32 -20.60 15.99
C33 QHP HA . 27.22 -16.71 15.64
C30 QHP HA . 26.56 -17.19 13.26
C31 QHP HA . 25.82 -18.46 13.73
C34 QHP HA . 26.26 -15.53 15.67
C27 QHP HA . 24.34 -17.06 15.19
O2 QHP HA . 24.13 -22.98 17.08
O1 QHP HA . 23.71 -24.55 15.56
N QHP HA . 26.80 -22.69 11.94
C13 QHP HA . 28.11 -22.42 11.32
C17 QHP HA . 29.49 -18.32 11.23
C20 QHP HA . 30.05 -16.92 11.14
C16 QHP HA . 30.00 -19.23 12.15
C QHP HA . 25.71 -23.03 11.08
O QHP HA . 24.58 -22.68 11.36
C1 QHP HA . 25.97 -23.82 9.83
C6 QHP HA . 26.64 -25.03 9.84
C5 QHP HA . 26.99 -25.66 8.65
C4 QHP HA . 26.67 -25.10 7.42
C3 QHP HA . 25.95 -23.90 7.42
C2 QHP HA . 25.61 -23.27 8.61
C7 QHP HA . 27.19 -25.67 6.15
C12 QHP HA . 26.35 -25.90 5.07
C11 QHP HA . 26.85 -26.24 3.82
C9 QHP HA . 29.07 -26.18 4.71
C8 QHP HA . 28.56 -25.85 5.96
S SO4 IA . 40.23 -20.53 -3.11
O1 SO4 IA . 40.92 -19.42 -2.44
O2 SO4 IA . 39.81 -21.54 -2.11
O3 SO4 IA . 41.13 -21.11 -4.11
O4 SO4 IA . 39.02 -20.03 -3.79
C10 QHP JA . 52.44 13.78 7.00
C14 QHP JA . 52.60 7.40 -0.35
C15 QHP JA . 52.83 6.04 -0.54
C18 QHP JA . 50.24 6.95 -0.52
C19 QHP JA . 51.28 7.84 -0.34
C21 QHP JA . 54.83 9.03 -2.22
C22 QHP JA . 55.43 9.66 -4.56
C23 QHP JA . 56.90 10.11 -4.72
C25 QHP JA . 52.93 8.10 -6.39
C26 QHP JA . 51.91 6.99 -6.13
C28 QHP JA . 49.46 6.42 -5.83
C29 QHP JA . 49.78 5.75 -4.48
C32 QHP JA . 51.28 4.13 -5.65
C35 QHP JA . 51.99 5.93 -7.25
O5 QHP JA . 55.44 7.96 -2.20
N1 QHP JA . 54.92 9.94 -3.23
C24 QHP JA . 54.55 10.31 -5.67
S QHP JA . 52.88 9.70 -5.71
O3 QHP JA . 52.13 10.54 -6.60
O4 QHP JA . 52.42 9.59 -4.36
C33 QHP JA . 50.97 4.80 -6.99
C30 QHP JA . 51.19 5.17 -4.53
C31 QHP JA . 52.21 6.30 -4.78
C34 QHP JA . 49.55 5.38 -6.96
C27 QHP JA . 50.48 7.55 -6.08
O2 QHP JA . 57.19 11.26 -4.28
O1 QHP JA . 57.68 9.32 -5.29
N QHP JA . 53.94 9.37 -1.14
C13 QHP JA . 53.75 8.34 -0.09
C17 QHP JA . 50.46 5.59 -0.71
C20 QHP JA . 49.33 4.62 -0.88
C16 QHP JA . 51.79 5.16 -0.72
C QHP JA . 53.35 10.65 -0.96
O QHP JA . 52.88 11.25 -1.92
C1 QHP JA . 53.23 11.22 0.41
C6 QHP JA . 54.28 11.19 1.32
C5 QHP JA . 54.12 11.70 2.60
C4 QHP JA . 52.91 12.26 3.02
C3 QHP JA . 51.87 12.31 2.08
C2 QHP JA . 52.03 11.80 0.81
C7 QHP JA . 52.74 12.77 4.40
C12 QHP JA . 51.74 13.69 4.71
C11 QHP JA . 51.59 14.19 5.99
C9 QHP JA . 53.43 12.86 6.72
C8 QHP JA . 53.58 12.35 5.43
S SO4 KA . 46.74 2.57 16.64
O1 SO4 KA . 47.51 1.89 17.69
O2 SO4 KA . 45.33 2.70 17.05
O3 SO4 KA . 46.84 1.80 15.39
O4 SO4 KA . 47.31 3.89 16.43
#